data_6IP3
# 
_entry.id   6IP3 
# 
_audit_conform.dict_name       mmcif_pdbx.dic 
_audit_conform.dict_version    5.380 
_audit_conform.dict_location   http://mmcif.pdb.org/dictionaries/ascii/mmcif_pdbx.dic 
# 
loop_
_database_2.database_id 
_database_2.database_code 
_database_2.pdbx_database_accession 
_database_2.pdbx_DOI 
PDB   6IP3         pdb_00006ip3 10.2210/pdb6ip3/pdb 
WWPDB D_1300009653 ?            ?                   
# 
_pdbx_database_status.status_code                     REL 
_pdbx_database_status.status_code_sf                  REL 
_pdbx_database_status.status_code_mr                  ? 
_pdbx_database_status.entry_id                        6IP3 
_pdbx_database_status.recvd_initial_deposition_date   2018-11-01 
_pdbx_database_status.SG_entry                        N 
_pdbx_database_status.deposit_site                    PDBJ 
_pdbx_database_status.process_site                    PDBJ 
_pdbx_database_status.status_code_cs                  ? 
_pdbx_database_status.methods_development_category    ? 
_pdbx_database_status.pdb_format_compatible           Y 
_pdbx_database_status.status_code_nmr_data            ? 
# 
loop_
_audit_author.name 
_audit_author.pdbx_ordinal 
_audit_author.identifier_ORCID 
'Saikrishnan, K.'  1 ? 
'Nuthanakanti, A.' 2 ? 
'Srivatsan, S.G.'  3 ? 
'Ahmad, I.'        4 ? 
# 
_citation.abstract                  ? 
_citation.abstract_id_CAS           ? 
_citation.book_id_ISBN              ? 
_citation.book_publisher            ? 
_citation.book_publisher_city       ? 
_citation.book_title                ? 
_citation.coordinate_linkage        ? 
_citation.country                   UK 
_citation.database_id_Medline       ? 
_citation.details                   ? 
_citation.id                        primary 
_citation.journal_abbrev            'Nucleic Acids Res.' 
_citation.journal_id_ASTM           NARHAD 
_citation.journal_id_CSD            0389 
_citation.journal_id_ISSN           1362-4962 
_citation.journal_full              ? 
_citation.journal_issue             ? 
_citation.journal_volume            47 
_citation.language                  ? 
_citation.page_first                6059 
_citation.page_last                 6072 
_citation.title                     
'Probing G-quadruplex topologies and recognition concurrently in real time and 3D using a dual-app nucleoside probe.' 
_citation.year                      2019 
_citation.database_id_CSD           ? 
_citation.pdbx_database_id_DOI      10.1093/nar/gkz419 
_citation.pdbx_database_id_PubMed   31106340 
_citation.unpublished_flag          ? 
# 
loop_
_citation_author.citation_id 
_citation_author.name 
_citation_author.ordinal 
_citation_author.identifier_ORCID 
primary 'Nuthanakanti, A.' 1 ? 
primary 'Ahmed, I.'        2 ? 
primary 'Khatik, S.Y.'     3 ? 
primary 'Saikrishnan, K.'  4 ? 
primary 'Srivatsan, S.G.'  5 ? 
# 
_cell.angle_alpha                  90.00 
_cell.angle_alpha_esd              ? 
_cell.angle_beta                   90.00 
_cell.angle_beta_esd               ? 
_cell.angle_gamma                  120.00 
_cell.angle_gamma_esd              ? 
_cell.entry_id                     6IP3 
_cell.details                      ? 
_cell.formula_units_Z              ? 
_cell.length_a                     56.839 
_cell.length_a_esd                 ? 
_cell.length_b                     56.839 
_cell.length_b_esd                 ? 
_cell.length_c                     42.411 
_cell.length_c_esd                 ? 
_cell.volume                       ? 
_cell.volume_esd                   ? 
_cell.Z_PDB                        6 
_cell.reciprocal_angle_alpha       ? 
_cell.reciprocal_angle_beta        ? 
_cell.reciprocal_angle_gamma       ? 
_cell.reciprocal_angle_alpha_esd   ? 
_cell.reciprocal_angle_beta_esd    ? 
_cell.reciprocal_angle_gamma_esd   ? 
_cell.reciprocal_length_a          ? 
_cell.reciprocal_length_b          ? 
_cell.reciprocal_length_c          ? 
_cell.reciprocal_length_a_esd      ? 
_cell.reciprocal_length_b_esd      ? 
_cell.reciprocal_length_c_esd      ? 
_cell.pdbx_unique_axis             ? 
# 
_symmetry.entry_id                         6IP3 
_symmetry.cell_setting                     ? 
_symmetry.Int_Tables_number                168 
_symmetry.space_group_name_Hall            ? 
_symmetry.space_group_name_H-M             'P 6' 
_symmetry.pdbx_full_space_group_name_H-M   ? 
# 
loop_
_entity.id 
_entity.type 
_entity.src_method 
_entity.pdbx_description 
_entity.formula_weight 
_entity.pdbx_number_of_molecules 
_entity.pdbx_ec 
_entity.pdbx_mutation 
_entity.pdbx_fragment 
_entity.details 
1 polymer     syn 
;DNA (5'-D(*AP*GP*GP*GP*TP*TP*AP*GP*GP*GP*TP*TP*AP*GP*GP*GP*TP*TP*AP*GP*GP*G)-3')
;
6983.497 1  ? ? ? ? 
2 non-polymer syn 'POTASSIUM ION'                                                                    39.098   3  ? ? ? ? 
3 water       nat water                                                                              18.015   79 ? ? ? ? 
# 
_entity_poly.entity_id                      1 
_entity_poly.type                           polydeoxyribonucleotide 
_entity_poly.nstd_linkage                   no 
_entity_poly.nstd_monomer                   no 
_entity_poly.pdbx_seq_one_letter_code       
;(DA)(DG)(DG)(DG)(DT)(DT)(DA)(DG)(DG)(DG)(DT)(DT)(DA)(DG)(DG)(DG)(DT)(DT)(DA)(DG)
(DG)(DG)
;
_entity_poly.pdbx_seq_one_letter_code_can   AGGGTTAGGGTTAGGGTTAGGG 
_entity_poly.pdbx_strand_id                 A 
_entity_poly.pdbx_target_identifier         ? 
# 
loop_
_entity_poly_seq.entity_id 
_entity_poly_seq.num 
_entity_poly_seq.mon_id 
_entity_poly_seq.hetero 
1 1  DA n 
1 2  DG n 
1 3  DG n 
1 4  DG n 
1 5  DT n 
1 6  DT n 
1 7  DA n 
1 8  DG n 
1 9  DG n 
1 10 DG n 
1 11 DT n 
1 12 DT n 
1 13 DA n 
1 14 DG n 
1 15 DG n 
1 16 DG n 
1 17 DT n 
1 18 DT n 
1 19 DA n 
1 20 DG n 
1 21 DG n 
1 22 DG n 
# 
_pdbx_entity_src_syn.entity_id              1 
_pdbx_entity_src_syn.pdbx_src_id            1 
_pdbx_entity_src_syn.pdbx_alt_source_flag   sample 
_pdbx_entity_src_syn.pdbx_beg_seq_num       1 
_pdbx_entity_src_syn.pdbx_end_seq_num       22 
_pdbx_entity_src_syn.organism_scientific    'Homo sapiens' 
_pdbx_entity_src_syn.organism_common_name   ? 
_pdbx_entity_src_syn.ncbi_taxonomy_id       9606 
_pdbx_entity_src_syn.details                ? 
# 
_struct_ref.id                         1 
_struct_ref.db_name                    PDB 
_struct_ref.db_code                    6IP3 
_struct_ref.pdbx_db_accession          6IP3 
_struct_ref.pdbx_db_isoform            ? 
_struct_ref.entity_id                  1 
_struct_ref.pdbx_seq_one_letter_code   ? 
_struct_ref.pdbx_align_begin           1 
# 
_struct_ref_seq.align_id                      1 
_struct_ref_seq.ref_id                        1 
_struct_ref_seq.pdbx_PDB_id_code              6IP3 
_struct_ref_seq.pdbx_strand_id                A 
_struct_ref_seq.seq_align_beg                 1 
_struct_ref_seq.pdbx_seq_align_beg_ins_code   ? 
_struct_ref_seq.seq_align_end                 22 
_struct_ref_seq.pdbx_seq_align_end_ins_code   ? 
_struct_ref_seq.pdbx_db_accession             6IP3 
_struct_ref_seq.db_align_beg                  1 
_struct_ref_seq.pdbx_db_align_beg_ins_code    ? 
_struct_ref_seq.db_align_end                  22 
_struct_ref_seq.pdbx_db_align_end_ins_code    ? 
_struct_ref_seq.pdbx_auth_seq_align_beg       1 
_struct_ref_seq.pdbx_auth_seq_align_end       22 
# 
loop_
_chem_comp.id 
_chem_comp.type 
_chem_comp.mon_nstd_flag 
_chem_comp.name 
_chem_comp.pdbx_synonyms 
_chem_comp.formula 
_chem_comp.formula_weight 
DA  'DNA linking' y "2'-DEOXYADENOSINE-5'-MONOPHOSPHATE" ? 'C10 H14 N5 O6 P' 331.222 
DG  'DNA linking' y "2'-DEOXYGUANOSINE-5'-MONOPHOSPHATE" ? 'C10 H14 N5 O7 P' 347.221 
DT  'DNA linking' y "THYMIDINE-5'-MONOPHOSPHATE"         ? 'C10 H15 N2 O8 P' 322.208 
HOH non-polymer   . WATER                                ? 'H2 O'            18.015  
K   non-polymer   . 'POTASSIUM ION'                      ? 'K 1'             39.098  
# 
_exptl.absorpt_coefficient_mu     ? 
_exptl.absorpt_correction_T_max   ? 
_exptl.absorpt_correction_T_min   ? 
_exptl.absorpt_correction_type    ? 
_exptl.absorpt_process_details    ? 
_exptl.entry_id                   6IP3 
_exptl.crystals_number            1 
_exptl.details                    ? 
_exptl.method                     'X-RAY DIFFRACTION' 
_exptl.method_details             ? 
# 
_exptl_crystal.colour                      ? 
_exptl_crystal.density_diffrn              ? 
_exptl_crystal.density_Matthews            2.83 
_exptl_crystal.density_method              ? 
_exptl_crystal.density_percent_sol         56.57 
_exptl_crystal.description                 ? 
_exptl_crystal.F_000                       ? 
_exptl_crystal.id                          1 
_exptl_crystal.preparation                 ? 
_exptl_crystal.size_max                    ? 
_exptl_crystal.size_mid                    ? 
_exptl_crystal.size_min                    ? 
_exptl_crystal.size_rad                    ? 
_exptl_crystal.colour_lustre               ? 
_exptl_crystal.colour_modifier             ? 
_exptl_crystal.colour_primary              ? 
_exptl_crystal.density_meas                ? 
_exptl_crystal.density_meas_esd            ? 
_exptl_crystal.density_meas_gt             ? 
_exptl_crystal.density_meas_lt             ? 
_exptl_crystal.density_meas_temp           ? 
_exptl_crystal.density_meas_temp_esd       ? 
_exptl_crystal.density_meas_temp_gt        ? 
_exptl_crystal.density_meas_temp_lt        ? 
_exptl_crystal.pdbx_crystal_image_url      ? 
_exptl_crystal.pdbx_crystal_image_format   ? 
_exptl_crystal.pdbx_mosaicity              ? 
_exptl_crystal.pdbx_mosaicity_esd          ? 
# 
_exptl_crystal_grow.apparatus       ? 
_exptl_crystal_grow.atmosphere      ? 
_exptl_crystal_grow.crystal_id      1 
_exptl_crystal_grow.details         ? 
_exptl_crystal_grow.method          'VAPOR DIFFUSION, HANGING DROP' 
_exptl_crystal_grow.method_ref      ? 
_exptl_crystal_grow.pH              ? 
_exptl_crystal_grow.pressure        ? 
_exptl_crystal_grow.pressure_esd    ? 
_exptl_crystal_grow.seeding         ? 
_exptl_crystal_grow.seeding_ref     ? 
_exptl_crystal_grow.temp            291 
_exptl_crystal_grow.temp_details    ? 
_exptl_crystal_grow.temp_esd        ? 
_exptl_crystal_grow.time            ? 
_exptl_crystal_grow.pdbx_details    '0.05M sodium cacodylate (pH = 7.2), 0.4M ammonium sulfate, 0.05M KCl, 0.01M CaCl2, 15% PEG400' 
_exptl_crystal_grow.pdbx_pH_range   ? 
# 
_diffrn.ambient_environment              ? 
_diffrn.ambient_temp                     100 
_diffrn.ambient_temp_details             ? 
_diffrn.ambient_temp_esd                 ? 
_diffrn.crystal_id                       1 
_diffrn.crystal_support                  ? 
_diffrn.crystal_treatment                ? 
_diffrn.details                          ? 
_diffrn.id                               1 
_diffrn.ambient_pressure                 ? 
_diffrn.ambient_pressure_esd             ? 
_diffrn.ambient_pressure_gt              ? 
_diffrn.ambient_pressure_lt              ? 
_diffrn.ambient_temp_gt                  ? 
_diffrn.ambient_temp_lt                  ? 
_diffrn.pdbx_serial_crystal_experiment   N 
# 
_diffrn_detector.details                      ? 
_diffrn_detector.detector                     PIXEL 
_diffrn_detector.diffrn_id                    1 
_diffrn_detector.type                         'DECTRIS PILATUS 6M-F' 
_diffrn_detector.area_resol_mean              ? 
_diffrn_detector.dtime                        ? 
_diffrn_detector.pdbx_frames_total            ? 
_diffrn_detector.pdbx_collection_time_total   ? 
_diffrn_detector.pdbx_collection_date         2016-02-18 
_diffrn_detector.pdbx_frequency               ? 
# 
_diffrn_radiation.collimation                      ? 
_diffrn_radiation.diffrn_id                        1 
_diffrn_radiation.filter_edge                      ? 
_diffrn_radiation.inhomogeneity                    ? 
_diffrn_radiation.monochromator                    ? 
_diffrn_radiation.polarisn_norm                    ? 
_diffrn_radiation.polarisn_ratio                   ? 
_diffrn_radiation.probe                            ? 
_diffrn_radiation.type                             ? 
_diffrn_radiation.xray_symbol                      ? 
_diffrn_radiation.wavelength_id                    1 
_diffrn_radiation.pdbx_monochromatic_or_laue_m_l   M 
_diffrn_radiation.pdbx_wavelength_list             ? 
_diffrn_radiation.pdbx_wavelength                  ? 
_diffrn_radiation.pdbx_diffrn_protocol             'SINGLE WAVELENGTH' 
_diffrn_radiation.pdbx_analyzer                    ? 
_diffrn_radiation.pdbx_scattering_type             x-ray 
# 
_diffrn_radiation_wavelength.id           1 
_diffrn_radiation_wavelength.wavelength   0.97949 
_diffrn_radiation_wavelength.wt           1.0 
# 
_diffrn_source.current                     ? 
_diffrn_source.details                     ? 
_diffrn_source.diffrn_id                   1 
_diffrn_source.power                       ? 
_diffrn_source.size                        ? 
_diffrn_source.source                      SYNCHROTRON 
_diffrn_source.target                      ? 
_diffrn_source.type                        'DIAMOND BEAMLINE I02' 
_diffrn_source.voltage                     ? 
_diffrn_source.take-off_angle              ? 
_diffrn_source.pdbx_wavelength_list        0.97949 
_diffrn_source.pdbx_wavelength             ? 
_diffrn_source.pdbx_synchrotron_beamline   I02 
_diffrn_source.pdbx_synchrotron_site       Diamond 
# 
_reflns.B_iso_Wilson_estimate            ? 
_reflns.entry_id                         6IP3 
_reflns.data_reduction_details           ? 
_reflns.data_reduction_method            ? 
_reflns.d_resolution_high                1.4 
_reflns.d_resolution_low                 30 
_reflns.details                          ? 
_reflns.limit_h_max                      ? 
_reflns.limit_h_min                      ? 
_reflns.limit_k_max                      ? 
_reflns.limit_k_min                      ? 
_reflns.limit_l_max                      ? 
_reflns.limit_l_min                      ? 
_reflns.number_all                       ? 
_reflns.number_obs                       15493 
_reflns.observed_criterion               ? 
_reflns.observed_criterion_F_max         ? 
_reflns.observed_criterion_F_min         ? 
_reflns.observed_criterion_I_max         ? 
_reflns.observed_criterion_I_min         ? 
_reflns.observed_criterion_sigma_F       ? 
_reflns.observed_criterion_sigma_I       ? 
_reflns.percent_possible_obs             100 
_reflns.R_free_details                   ? 
_reflns.Rmerge_F_all                     ? 
_reflns.Rmerge_F_obs                     ? 
_reflns.Friedel_coverage                 ? 
_reflns.number_gt                        ? 
_reflns.threshold_expression             ? 
_reflns.pdbx_redundancy                  16.3 
_reflns.pdbx_Rmerge_I_obs                0.10 
_reflns.pdbx_Rmerge_I_all                ? 
_reflns.pdbx_Rsym_value                  0.10 
_reflns.pdbx_netI_over_av_sigmaI         ? 
_reflns.pdbx_netI_over_sigmaI            16.4 
_reflns.pdbx_res_netI_over_av_sigmaI_2   ? 
_reflns.pdbx_res_netI_over_sigmaI_2      ? 
_reflns.pdbx_chi_squared                 ? 
_reflns.pdbx_scaling_rejects             ? 
_reflns.pdbx_d_res_high_opt              ? 
_reflns.pdbx_d_res_low_opt               ? 
_reflns.pdbx_d_res_opt_method            ? 
_reflns.phase_calculation_details        ? 
_reflns.pdbx_Rrim_I_all                  ? 
_reflns.pdbx_Rpim_I_all                  ? 
_reflns.pdbx_d_opt                       ? 
_reflns.pdbx_number_measured_all         ? 
_reflns.pdbx_diffrn_id                   1 
_reflns.pdbx_ordinal                     1 
_reflns.pdbx_CC_half                     ? 
_reflns.pdbx_R_split                     ? 
# 
_reflns_shell.d_res_high                  1.4 
_reflns_shell.d_res_low                   1.42 
_reflns_shell.meanI_over_sigI_all         ? 
_reflns_shell.meanI_over_sigI_obs         3.5 
_reflns_shell.number_measured_all         ? 
_reflns_shell.number_measured_obs         ? 
_reflns_shell.number_possible             ? 
_reflns_shell.number_unique_all           ? 
_reflns_shell.number_unique_obs           777 
_reflns_shell.percent_possible_all        ? 
_reflns_shell.percent_possible_obs        ? 
_reflns_shell.Rmerge_F_all                ? 
_reflns_shell.Rmerge_F_obs                ? 
_reflns_shell.Rmerge_I_all                ? 
_reflns_shell.Rmerge_I_obs                0.88 
_reflns_shell.meanI_over_sigI_gt          ? 
_reflns_shell.meanI_over_uI_all           ? 
_reflns_shell.meanI_over_uI_gt            ? 
_reflns_shell.number_measured_gt          ? 
_reflns_shell.number_unique_gt            ? 
_reflns_shell.percent_possible_gt         ? 
_reflns_shell.Rmerge_F_gt                 ? 
_reflns_shell.Rmerge_I_gt                 ? 
_reflns_shell.pdbx_redundancy             ? 
_reflns_shell.pdbx_Rsym_value             0.88 
_reflns_shell.pdbx_chi_squared            ? 
_reflns_shell.pdbx_netI_over_sigmaI_all   ? 
_reflns_shell.pdbx_netI_over_sigmaI_obs   ? 
_reflns_shell.pdbx_Rrim_I_all             ? 
_reflns_shell.pdbx_Rpim_I_all             ? 
_reflns_shell.pdbx_rejects                ? 
_reflns_shell.pdbx_ordinal                1 
_reflns_shell.pdbx_diffrn_id              1 
_reflns_shell.pdbx_CC_half                ? 
_reflns_shell.pdbx_R_split                ? 
# 
_refine.aniso_B[1][1]                            ? 
_refine.aniso_B[1][2]                            ? 
_refine.aniso_B[1][3]                            ? 
_refine.aniso_B[2][2]                            ? 
_refine.aniso_B[2][3]                            ? 
_refine.aniso_B[3][3]                            ? 
_refine.B_iso_max                                ? 
_refine.B_iso_mean                               ? 
_refine.B_iso_min                                ? 
_refine.correlation_coeff_Fo_to_Fc               ? 
_refine.correlation_coeff_Fo_to_Fc_free          ? 
_refine.details                                  ? 
_refine.diff_density_max                         ? 
_refine.diff_density_max_esd                     ? 
_refine.diff_density_min                         ? 
_refine.diff_density_min_esd                     ? 
_refine.diff_density_rms                         ? 
_refine.diff_density_rms_esd                     ? 
_refine.entry_id                                 6IP3 
_refine.pdbx_refine_id                           'X-RAY DIFFRACTION' 
_refine.ls_abs_structure_details                 ? 
_refine.ls_abs_structure_Flack                   ? 
_refine.ls_abs_structure_Flack_esd               ? 
_refine.ls_abs_structure_Rogers                  ? 
_refine.ls_abs_structure_Rogers_esd              ? 
_refine.ls_d_res_high                            1.400 
_refine.ls_d_res_low                             28.420 
_refine.ls_extinction_coef                       ? 
_refine.ls_extinction_coef_esd                   ? 
_refine.ls_extinction_expression                 ? 
_refine.ls_extinction_method                     ? 
_refine.ls_goodness_of_fit_all                   ? 
_refine.ls_goodness_of_fit_all_esd               ? 
_refine.ls_goodness_of_fit_obs                   ? 
_refine.ls_goodness_of_fit_obs_esd               ? 
_refine.ls_hydrogen_treatment                    ? 
_refine.ls_matrix_type                           ? 
_refine.ls_number_constraints                    ? 
_refine.ls_number_parameters                     ? 
_refine.ls_number_reflns_all                     ? 
_refine.ls_number_reflns_obs                     15469 
_refine.ls_number_reflns_R_free                  797 
_refine.ls_number_reflns_R_work                  ? 
_refine.ls_number_restraints                     ? 
_refine.ls_percent_reflns_obs                    99.84 
_refine.ls_percent_reflns_R_free                 5.15 
_refine.ls_R_factor_all                          ? 
_refine.ls_R_factor_obs                          0.1523 
_refine.ls_R_factor_R_free                       0.1727 
_refine.ls_R_factor_R_free_error                 ? 
_refine.ls_R_factor_R_free_error_details         ? 
_refine.ls_R_factor_R_work                       0.1512 
_refine.ls_R_Fsqd_factor_obs                     ? 
_refine.ls_R_I_factor_obs                        ? 
_refine.ls_redundancy_reflns_all                 ? 
_refine.ls_redundancy_reflns_obs                 ? 
_refine.ls_restrained_S_all                      ? 
_refine.ls_restrained_S_obs                      ? 
_refine.ls_shift_over_esd_max                    ? 
_refine.ls_shift_over_esd_mean                   ? 
_refine.ls_structure_factor_coef                 ? 
_refine.ls_weighting_details                     ? 
_refine.ls_weighting_scheme                      ? 
_refine.ls_wR_factor_all                         ? 
_refine.ls_wR_factor_obs                         ? 
_refine.ls_wR_factor_R_free                      ? 
_refine.ls_wR_factor_R_work                      ? 
_refine.occupancy_max                            ? 
_refine.occupancy_min                            ? 
_refine.solvent_model_details                    ? 
_refine.solvent_model_param_bsol                 ? 
_refine.solvent_model_param_ksol                 ? 
_refine.ls_R_factor_gt                           ? 
_refine.ls_goodness_of_fit_gt                    ? 
_refine.ls_goodness_of_fit_ref                   ? 
_refine.ls_shift_over_su_max                     ? 
_refine.ls_shift_over_su_max_lt                  ? 
_refine.ls_shift_over_su_mean                    ? 
_refine.ls_shift_over_su_mean_lt                 ? 
_refine.pdbx_ls_sigma_I                          ? 
_refine.pdbx_ls_sigma_F                          1.41 
_refine.pdbx_ls_sigma_Fsqd                       ? 
_refine.pdbx_data_cutoff_high_absF               ? 
_refine.pdbx_data_cutoff_high_rms_absF           ? 
_refine.pdbx_data_cutoff_low_absF                ? 
_refine.pdbx_isotropic_thermal_model             ? 
_refine.pdbx_ls_cross_valid_method               'FREE R-VALUE' 
_refine.pdbx_method_to_determine_struct          'MOLECULAR REPLACEMENT' 
_refine.pdbx_starting_model                      1KF1 
_refine.pdbx_stereochemistry_target_values       ? 
_refine.pdbx_R_Free_selection_details            ? 
_refine.pdbx_stereochem_target_val_spec_case     ? 
_refine.pdbx_overall_ESU_R                       ? 
_refine.pdbx_overall_ESU_R_Free                  ? 
_refine.pdbx_solvent_vdw_probe_radii             1.11 
_refine.pdbx_solvent_ion_probe_radii             ? 
_refine.pdbx_solvent_shrinkage_radii             0.90 
_refine.pdbx_real_space_R                        ? 
_refine.pdbx_density_correlation                 ? 
_refine.pdbx_pd_number_of_powder_patterns        ? 
_refine.pdbx_pd_number_of_points                 ? 
_refine.pdbx_pd_meas_number_of_points            ? 
_refine.pdbx_pd_proc_ls_prof_R_factor            ? 
_refine.pdbx_pd_proc_ls_prof_wR_factor           ? 
_refine.pdbx_pd_Marquardt_correlation_coeff      ? 
_refine.pdbx_pd_Fsqrd_R_factor                   ? 
_refine.pdbx_pd_ls_matrix_band_width             ? 
_refine.pdbx_overall_phase_error                 19.65 
_refine.pdbx_overall_SU_R_free_Cruickshank_DPI   ? 
_refine.pdbx_overall_SU_R_free_Blow_DPI          ? 
_refine.pdbx_overall_SU_R_Blow_DPI               ? 
_refine.pdbx_TLS_residual_ADP_flag               ? 
_refine.pdbx_diffrn_id                           1 
_refine.overall_SU_B                             ? 
_refine.overall_SU_ML                            0.12 
_refine.overall_SU_R_Cruickshank_DPI             ? 
_refine.overall_SU_R_free                        ? 
_refine.overall_FOM_free_R_set                   ? 
_refine.overall_FOM_work_R_set                   ? 
_refine.pdbx_average_fsc_overall                 ? 
_refine.pdbx_average_fsc_work                    ? 
_refine.pdbx_average_fsc_free                    ? 
# 
_refine_hist.pdbx_refine_id                   'X-RAY DIFFRACTION' 
_refine_hist.cycle_id                         LAST 
_refine_hist.pdbx_number_atoms_protein        0 
_refine_hist.pdbx_number_atoms_nucleic_acid   465 
_refine_hist.pdbx_number_atoms_ligand         3 
_refine_hist.number_atoms_solvent             79 
_refine_hist.number_atoms_total               547 
_refine_hist.d_res_high                       1.400 
_refine_hist.d_res_low                        28.420 
# 
loop_
_refine_ls_restr.pdbx_refine_id 
_refine_ls_restr.criterion 
_refine_ls_restr.dev_ideal 
_refine_ls_restr.dev_ideal_target 
_refine_ls_restr.number 
_refine_ls_restr.rejects 
_refine_ls_restr.type 
_refine_ls_restr.weight 
_refine_ls_restr.pdbx_restraint_function 
'X-RAY DIFFRACTION' ? 0.010  ? 645  ? f_bond_d           ? ? 
'X-RAY DIFFRACTION' ? 0.990  ? 1003 ? f_angle_d          ? ? 
'X-RAY DIFFRACTION' ? 30.386 ? 268  ? f_dihedral_angle_d ? ? 
'X-RAY DIFFRACTION' ? 0.063  ? 106  ? f_chiral_restr     ? ? 
'X-RAY DIFFRACTION' ? 0.009  ? 27   ? f_plane_restr      ? ? 
# 
loop_
_refine_ls_shell.pdbx_refine_id 
_refine_ls_shell.d_res_high 
_refine_ls_shell.d_res_low 
_refine_ls_shell.number_reflns_all 
_refine_ls_shell.number_reflns_obs 
_refine_ls_shell.number_reflns_R_free 
_refine_ls_shell.number_reflns_R_work 
_refine_ls_shell.percent_reflns_obs 
_refine_ls_shell.percent_reflns_R_free 
_refine_ls_shell.R_factor_all 
_refine_ls_shell.R_factor_obs 
_refine_ls_shell.R_factor_R_free 
_refine_ls_shell.R_factor_R_free_error 
_refine_ls_shell.R_factor_R_work 
_refine_ls_shell.redundancy_reflns_all 
_refine_ls_shell.redundancy_reflns_obs 
_refine_ls_shell.wR_factor_all 
_refine_ls_shell.wR_factor_obs 
_refine_ls_shell.wR_factor_R_free 
_refine_ls_shell.wR_factor_R_work 
_refine_ls_shell.pdbx_total_number_of_bins_used 
_refine_ls_shell.pdbx_phase_error 
_refine_ls_shell.pdbx_fsc_work 
_refine_ls_shell.pdbx_fsc_free 
'X-RAY DIFFRACTION' 1.4001 1.4878  . . 132 2425 100.00 . . . 0.2256 . 0.1744 . . . . . . . . . . 
'X-RAY DIFFRACTION' 1.4878 1.6027  . . 129 2413 100.00 . . . 0.1777 . 0.1420 . . . . . . . . . . 
'X-RAY DIFFRACTION' 1.6027 1.7640  . . 111 2462 100.00 . . . 0.1477 . 0.1106 . . . . . . . . . . 
'X-RAY DIFFRACTION' 1.7640 2.0192  . . 138 2439 100.00 . . . 0.1715 . 0.1421 . . . . . . . . . . 
'X-RAY DIFFRACTION' 2.0192 2.5437  . . 123 2465 100.00 . . . 0.1844 . 0.1640 . . . . . . . . . . 
'X-RAY DIFFRACTION' 2.5437 28.4255 . . 164 2468 100.00 . . . 0.1684 . 0.1559 . . . . . . . . . . 
# 
_struct.entry_id                     6IP3 
_struct.title                        'Structure of human telomeric DNA at 1.4 Angstroms resolution' 
_struct.pdbx_model_details           ? 
_struct.pdbx_formula_weight          ? 
_struct.pdbx_formula_weight_method   ? 
_struct.pdbx_model_type_details      ? 
_struct.pdbx_CASP_flag               N 
# 
_struct_keywords.entry_id        6IP3 
_struct_keywords.text            'Human telomere, parallel G-quadruplex, DNA' 
_struct_keywords.pdbx_keywords   DNA 
# 
loop_
_struct_asym.id 
_struct_asym.pdbx_blank_PDB_chainid_flag 
_struct_asym.pdbx_modified 
_struct_asym.entity_id 
_struct_asym.details 
A N N 1 ? 
B N N 2 ? 
C N N 2 ? 
D N N 2 ? 
E N N 3 ? 
# 
loop_
_struct_conn.id 
_struct_conn.conn_type_id 
_struct_conn.pdbx_leaving_atom_flag 
_struct_conn.pdbx_PDB_id 
_struct_conn.ptnr1_label_asym_id 
_struct_conn.ptnr1_label_comp_id 
_struct_conn.ptnr1_label_seq_id 
_struct_conn.ptnr1_label_atom_id 
_struct_conn.pdbx_ptnr1_label_alt_id 
_struct_conn.pdbx_ptnr1_PDB_ins_code 
_struct_conn.pdbx_ptnr1_standard_comp_id 
_struct_conn.ptnr1_symmetry 
_struct_conn.ptnr2_label_asym_id 
_struct_conn.ptnr2_label_comp_id 
_struct_conn.ptnr2_label_seq_id 
_struct_conn.ptnr2_label_atom_id 
_struct_conn.pdbx_ptnr2_label_alt_id 
_struct_conn.pdbx_ptnr2_PDB_ins_code 
_struct_conn.ptnr1_auth_asym_id 
_struct_conn.ptnr1_auth_comp_id 
_struct_conn.ptnr1_auth_seq_id 
_struct_conn.ptnr2_auth_asym_id 
_struct_conn.ptnr2_auth_comp_id 
_struct_conn.ptnr2_auth_seq_id 
_struct_conn.ptnr2_symmetry 
_struct_conn.pdbx_ptnr3_label_atom_id 
_struct_conn.pdbx_ptnr3_label_seq_id 
_struct_conn.pdbx_ptnr3_label_comp_id 
_struct_conn.pdbx_ptnr3_label_asym_id 
_struct_conn.pdbx_ptnr3_label_alt_id 
_struct_conn.pdbx_ptnr3_PDB_ins_code 
_struct_conn.details 
_struct_conn.pdbx_dist_value 
_struct_conn.pdbx_value_order 
_struct_conn.pdbx_role 
metalc1  metalc ? ? A DG 2  O6 A ? ? 1_555 C K  .  K  ? ? A DG 2  A K  102 1_555 ? ? ? ? ? ? ?           2.746 ? ? 
metalc2  metalc ? ? A DG 2  O6 B ? ? 1_555 C K  .  K  ? ? A DG 2  A K  102 1_555 ? ? ? ? ? ? ?           2.908 ? ? 
metalc3  metalc ? ? A DG 2  O6 A ? ? 1_555 D K  .  K  ? ? A DG 2  A K  103 1_555 ? ? ? ? ? ? ?           2.927 ? ? 
metalc4  metalc ? ? A DG 2  O6 B ? ? 1_555 D K  .  K  ? ? A DG 2  A K  103 1_555 ? ? ? ? ? ? ?           2.651 ? ? 
metalc5  metalc ? ? A DG 2  O6 A ? ? 1_555 D K  .  K  ? ? A DG 2  A K  103 4_445 ? ? ? ? ? ? ?           2.927 ? ? 
metalc6  metalc ? ? A DG 2  O6 B ? ? 1_555 D K  .  K  ? ? A DG 2  A K  103 4_445 ? ? ? ? ? ? ?           2.651 ? ? 
metalc7  metalc ? ? A DG 3  O6 A ? ? 1_555 B K  .  K  ? ? A DG 3  A K  101 1_555 ? ? ? ? ? ? ?           3.173 ? ? 
metalc8  metalc ? ? A DG 3  O6 B ? ? 1_555 B K  .  K  ? ? A DG 3  A K  101 1_555 ? ? ? ? ? ? ?           2.862 ? ? 
metalc9  metalc ? ? A DG 3  O6 A ? ? 1_555 C K  .  K  ? ? A DG 3  A K  102 1_555 ? ? ? ? ? ? ?           2.675 ? ? 
metalc10 metalc ? ? A DG 3  O6 B ? ? 1_555 C K  .  K  ? ? A DG 3  A K  102 1_555 ? ? ? ? ? ? ?           2.741 ? ? 
metalc11 metalc ? ? A DG 4  O6 ? ? ? 1_555 B K  .  K  ? ? A DG 4  A K  101 1_555 ? ? ? ? ? ? ?           2.649 ? ? 
metalc12 metalc ? ? A DG 8  O6 ? ? ? 1_555 C K  .  K  ? ? A DG 8  A K  102 1_555 ? ? ? ? ? ? ?           2.841 ? ? 
metalc13 metalc ? ? A DG 8  O6 ? ? ? 1_555 D K  .  K  ? ? A DG 8  A K  103 1_555 ? ? ? ? ? ? ?           2.807 ? ? 
metalc14 metalc ? ? A DG 8  O6 ? ? ? 1_555 D K  .  K  ? ? A DG 8  A K  103 4_445 ? ? ? ? ? ? ?           2.817 ? ? 
metalc15 metalc ? ? A DG 9  O6 ? ? ? 1_555 B K  .  K  ? ? A DG 9  A K  101 1_555 ? ? ? ? ? ? ?           2.926 ? ? 
metalc16 metalc ? ? A DG 9  O6 ? ? ? 1_555 C K  .  K  ? ? A DG 9  A K  102 1_555 ? ? ? ? ? ? ?           2.759 ? ? 
metalc17 metalc ? ? A DG 10 O6 ? ? ? 1_555 B K  .  K  ? ? A DG 10 A K  101 1_555 ? ? ? ? ? ? ?           2.724 ? ? 
metalc18 metalc ? ? A DG 14 O6 A ? ? 1_555 C K  .  K  ? ? A DG 14 A K  102 1_555 ? ? ? ? ? ? ?           2.663 ? ? 
metalc19 metalc ? ? A DG 14 O6 B ? ? 1_555 C K  .  K  ? ? A DG 14 A K  102 1_555 ? ? ? ? ? ? ?           2.968 ? ? 
metalc20 metalc ? ? A DG 14 O6 A ? ? 1_555 D K  .  K  ? ? A DG 14 A K  103 1_555 ? ? ? ? ? ? ?           2.880 ? ? 
metalc21 metalc ? ? A DG 14 O6 B ? ? 1_555 D K  .  K  ? ? A DG 14 A K  103 1_555 ? ? ? ? ? ? ?           2.688 ? ? 
metalc22 metalc ? ? A DG 14 O6 A ? ? 1_555 D K  .  K  ? ? A DG 14 A K  103 4_445 ? ? ? ? ? ? ?           2.893 ? ? 
metalc23 metalc ? ? A DG 14 O6 B ? ? 1_555 D K  .  K  ? ? A DG 14 A K  103 4_445 ? ? ? ? ? ? ?           2.701 ? ? 
metalc24 metalc ? ? A DG 15 O6 ? ? ? 1_555 B K  .  K  ? ? A DG 15 A K  101 1_555 ? ? ? ? ? ? ?           2.956 ? ? 
metalc25 metalc ? ? A DG 15 O6 ? ? ? 1_555 C K  .  K  ? ? A DG 15 A K  102 1_555 ? ? ? ? ? ? ?           2.724 ? ? 
metalc26 metalc ? ? A DG 16 O6 ? ? ? 1_555 B K  .  K  ? ? A DG 16 A K  101 1_555 ? ? ? ? ? ? ?           2.708 ? ? 
metalc27 metalc ? ? A DG 20 O6 ? ? ? 1_555 C K  .  K  ? ? A DG 20 A K  102 1_555 ? ? ? ? ? ? ?           2.826 ? ? 
metalc28 metalc ? ? A DG 20 O6 ? ? ? 1_555 D K  .  K  ? ? A DG 20 A K  103 1_555 ? ? ? ? ? ? ?           2.782 ? ? 
metalc29 metalc ? ? A DG 20 O6 ? ? ? 1_555 D K  .  K  ? ? A DG 20 A K  103 4_445 ? ? ? ? ? ? ?           2.785 ? ? 
metalc30 metalc ? ? A DG 21 O6 ? ? ? 1_555 B K  .  K  ? ? A DG 21 A K  101 1_555 ? ? ? ? ? ? ?           2.891 ? ? 
metalc31 metalc ? ? A DG 21 O6 ? ? ? 1_555 C K  .  K  ? ? A DG 21 A K  102 1_555 ? ? ? ? ? ? ?           2.742 ? ? 
metalc32 metalc ? ? A DG 22 O6 ? ? ? 1_555 B K  .  K  ? ? A DG 22 A K  101 1_555 ? ? ? ? ? ? ?           2.678 ? ? 
hydrog1  hydrog ? ? A DG 2  N1 A ? ? 1_555 A DG 8  O6 ? ? A DG 2  A DG 8   1_555 ? ? ? ? ? ? TYPE_6_PAIR ?     ? ? 
hydrog2  hydrog ? ? A DG 2  N1 B ? ? 1_555 A DG 8  O6 ? ? A DG 2  A DG 8   1_555 ? ? ? ? ? ? TYPE_6_PAIR ?     ? ? 
hydrog3  hydrog ? ? A DG 2  N2 A ? ? 1_555 A DG 8  N7 ? ? A DG 2  A DG 8   1_555 ? ? ? ? ? ? TYPE_6_PAIR ?     ? ? 
hydrog4  hydrog ? ? A DG 2  N2 B ? ? 1_555 A DG 8  N7 ? ? A DG 2  A DG 8   1_555 ? ? ? ? ? ? TYPE_6_PAIR ?     ? ? 
hydrog5  hydrog ? ? A DG 2  N7 A ? ? 1_555 A DG 20 N2 ? ? A DG 2  A DG 20  1_555 ? ? ? ? ? ? TYPE_6_PAIR ?     ? ? 
hydrog6  hydrog ? ? A DG 2  N7 B ? ? 1_555 A DG 20 N2 ? ? A DG 2  A DG 20  1_555 ? ? ? ? ? ? TYPE_6_PAIR ?     ? ? 
hydrog7  hydrog ? ? A DG 2  O6 A ? ? 1_555 A DG 20 N1 ? ? A DG 2  A DG 20  1_555 ? ? ? ? ? ? TYPE_6_PAIR ?     ? ? 
hydrog8  hydrog ? ? A DG 2  O6 B ? ? 1_555 A DG 20 N1 ? ? A DG 2  A DG 20  1_555 ? ? ? ? ? ? TYPE_6_PAIR ?     ? ? 
hydrog9  hydrog ? ? A DG 3  N1 A ? ? 1_555 A DG 9  O6 ? ? A DG 3  A DG 9   1_555 ? ? ? ? ? ? TYPE_6_PAIR ?     ? ? 
hydrog10 hydrog ? ? A DG 3  N1 B ? ? 1_555 A DG 9  O6 ? ? A DG 3  A DG 9   1_555 ? ? ? ? ? ? TYPE_6_PAIR ?     ? ? 
hydrog11 hydrog ? ? A DG 3  N2 A ? ? 1_555 A DG 9  N7 ? ? A DG 3  A DG 9   1_555 ? ? ? ? ? ? TYPE_6_PAIR ?     ? ? 
hydrog12 hydrog ? ? A DG 3  N2 B ? ? 1_555 A DG 9  N7 ? ? A DG 3  A DG 9   1_555 ? ? ? ? ? ? TYPE_6_PAIR ?     ? ? 
hydrog13 hydrog ? ? A DG 3  N7 A ? ? 1_555 A DG 21 N2 ? ? A DG 3  A DG 21  1_555 ? ? ? ? ? ? TYPE_6_PAIR ?     ? ? 
hydrog14 hydrog ? ? A DG 3  N7 B ? ? 1_555 A DG 21 N2 ? ? A DG 3  A DG 21  1_555 ? ? ? ? ? ? TYPE_6_PAIR ?     ? ? 
hydrog15 hydrog ? ? A DG 3  O6 A ? ? 1_555 A DG 21 N1 ? ? A DG 3  A DG 21  1_555 ? ? ? ? ? ? TYPE_6_PAIR ?     ? ? 
hydrog16 hydrog ? ? A DG 3  O6 B ? ? 1_555 A DG 21 N1 ? ? A DG 3  A DG 21  1_555 ? ? ? ? ? ? TYPE_6_PAIR ?     ? ? 
hydrog17 hydrog ? ? A DG 4  N1 ? ? ? 1_555 A DG 10 O6 ? ? A DG 4  A DG 10  1_555 ? ? ? ? ? ? TYPE_6_PAIR ?     ? ? 
hydrog18 hydrog ? ? A DG 4  N2 ? ? ? 1_555 A DG 10 N7 ? ? A DG 4  A DG 10  1_555 ? ? ? ? ? ? TYPE_6_PAIR ?     ? ? 
hydrog19 hydrog ? ? A DG 4  N7 ? ? ? 1_555 A DG 22 N2 ? ? A DG 4  A DG 22  1_555 ? ? ? ? ? ? TYPE_6_PAIR ?     ? ? 
hydrog20 hydrog ? ? A DG 4  O6 ? ? ? 1_555 A DG 22 N1 ? ? A DG 4  A DG 22  1_555 ? ? ? ? ? ? TYPE_6_PAIR ?     ? ? 
hydrog21 hydrog ? ? A DG 8  N1 ? ? ? 1_555 A DG 14 O6 A ? A DG 8  A DG 14  1_555 ? ? ? ? ? ? TYPE_6_PAIR ?     ? ? 
hydrog22 hydrog ? ? A DG 8  N1 ? ? ? 1_555 A DG 14 O6 B ? A DG 8  A DG 14  1_555 ? ? ? ? ? ? TYPE_6_PAIR ?     ? ? 
hydrog23 hydrog ? ? A DG 8  N2 ? ? ? 1_555 A DG 14 N7 A ? A DG 8  A DG 14  1_555 ? ? ? ? ? ? TYPE_6_PAIR ?     ? ? 
hydrog24 hydrog ? ? A DG 8  N2 ? ? ? 1_555 A DG 14 N7 B ? A DG 8  A DG 14  1_555 ? ? ? ? ? ? TYPE_6_PAIR ?     ? ? 
hydrog25 hydrog ? ? A DG 9  N1 ? ? ? 1_555 A DG 15 O6 ? ? A DG 9  A DG 15  1_555 ? ? ? ? ? ? TYPE_6_PAIR ?     ? ? 
hydrog26 hydrog ? ? A DG 9  N2 ? ? ? 1_555 A DG 15 N7 ? ? A DG 9  A DG 15  1_555 ? ? ? ? ? ? TYPE_6_PAIR ?     ? ? 
hydrog27 hydrog ? ? A DG 10 N1 ? ? ? 1_555 A DG 16 O6 ? ? A DG 10 A DG 16  1_555 ? ? ? ? ? ? TYPE_6_PAIR ?     ? ? 
hydrog28 hydrog ? ? A DG 10 N2 ? ? ? 1_555 A DG 16 N7 ? ? A DG 10 A DG 16  1_555 ? ? ? ? ? ? TYPE_6_PAIR ?     ? ? 
hydrog29 hydrog ? ? A DG 14 N1 A ? ? 1_555 A DG 20 O6 ? ? A DG 14 A DG 20  1_555 ? ? ? ? ? ? TYPE_6_PAIR ?     ? ? 
hydrog30 hydrog ? ? A DG 14 N1 B ? ? 1_555 A DG 20 O6 ? ? A DG 14 A DG 20  1_555 ? ? ? ? ? ? TYPE_6_PAIR ?     ? ? 
hydrog31 hydrog ? ? A DG 14 N2 A ? ? 1_555 A DG 20 N7 ? ? A DG 14 A DG 20  1_555 ? ? ? ? ? ? TYPE_6_PAIR ?     ? ? 
hydrog32 hydrog ? ? A DG 14 N2 B ? ? 1_555 A DG 20 N7 ? ? A DG 14 A DG 20  1_555 ? ? ? ? ? ? TYPE_6_PAIR ?     ? ? 
hydrog33 hydrog ? ? A DG 15 N1 ? ? ? 1_555 A DG 21 O6 ? ? A DG 15 A DG 21  1_555 ? ? ? ? ? ? TYPE_6_PAIR ?     ? ? 
hydrog34 hydrog ? ? A DG 15 N2 ? ? ? 1_555 A DG 21 N7 ? ? A DG 15 A DG 21  1_555 ? ? ? ? ? ? TYPE_6_PAIR ?     ? ? 
hydrog35 hydrog ? ? A DG 16 N1 ? ? ? 1_555 A DG 22 O6 ? ? A DG 16 A DG 22  1_555 ? ? ? ? ? ? TYPE_6_PAIR ?     ? ? 
hydrog36 hydrog ? ? A DG 16 N2 ? ? ? 1_555 A DG 22 N7 ? ? A DG 16 A DG 22  1_555 ? ? ? ? ? ? TYPE_6_PAIR ?     ? ? 
# 
loop_
_struct_conn_type.id 
_struct_conn_type.criteria 
_struct_conn_type.reference 
metalc ? ? 
hydrog ? ? 
# 
loop_
_struct_site.id 
_struct_site.pdbx_evidence_code 
_struct_site.pdbx_auth_asym_id 
_struct_site.pdbx_auth_comp_id 
_struct_site.pdbx_auth_seq_id 
_struct_site.pdbx_auth_ins_code 
_struct_site.pdbx_num_residues 
_struct_site.details 
AC1 Software A K 101 ? 9  'binding site for residue K A 101' 
AC2 Software A K 102 ? 11 'binding site for residue K A 102' 
AC3 Software A K 103 ? 10 'binding site for residue K A 103' 
# 
loop_
_struct_site_gen.id 
_struct_site_gen.site_id 
_struct_site_gen.pdbx_num_res 
_struct_site_gen.label_comp_id 
_struct_site_gen.label_asym_id 
_struct_site_gen.label_seq_id 
_struct_site_gen.pdbx_auth_ins_code 
_struct_site_gen.auth_comp_id 
_struct_site_gen.auth_asym_id 
_struct_site_gen.auth_seq_id 
_struct_site_gen.label_atom_id 
_struct_site_gen.label_alt_id 
_struct_site_gen.symmetry 
_struct_site_gen.details 
1  AC1 9  DG A 3  ? DG A 3   . ? 1_555 ? 
2  AC1 9  DG A 4  ? DG A 4   . ? 1_555 ? 
3  AC1 9  DG A 9  ? DG A 9   . ? 1_555 ? 
4  AC1 9  DG A 10 ? DG A 10  . ? 1_555 ? 
5  AC1 9  DG A 15 ? DG A 15  . ? 1_555 ? 
6  AC1 9  DG A 16 ? DG A 16  . ? 1_555 ? 
7  AC1 9  DG A 21 ? DG A 21  . ? 1_555 ? 
8  AC1 9  DG A 22 ? DG A 22  . ? 1_555 ? 
9  AC1 9  K  C .  ? K  A 102 . ? 1_555 ? 
10 AC2 11 DG A 2  ? DG A 2   . ? 1_555 ? 
11 AC2 11 DG A 3  ? DG A 3   . ? 1_555 ? 
12 AC2 11 DG A 8  ? DG A 8   . ? 1_555 ? 
13 AC2 11 DG A 9  ? DG A 9   . ? 1_555 ? 
14 AC2 11 DG A 14 ? DG A 14  . ? 1_555 ? 
15 AC2 11 DG A 15 ? DG A 15  . ? 1_555 ? 
16 AC2 11 DG A 20 ? DG A 20  . ? 1_555 ? 
17 AC2 11 DG A 21 ? DG A 21  . ? 1_555 ? 
18 AC2 11 K  B .  ? K  A 101 . ? 1_555 ? 
19 AC2 11 K  D .  ? K  A 103 . ? 4_445 ? 
20 AC2 11 K  D .  ? K  A 103 . ? 1_555 ? 
21 AC3 10 DG A 2  ? DG A 2   . ? 1_555 ? 
22 AC3 10 DG A 2  ? DG A 2   . ? 4_445 ? 
23 AC3 10 DG A 8  ? DG A 8   . ? 4_445 ? 
24 AC3 10 DG A 8  ? DG A 8   . ? 1_555 ? 
25 AC3 10 DG A 14 ? DG A 14  . ? 1_555 ? 
26 AC3 10 DG A 14 ? DG A 14  . ? 4_445 ? 
27 AC3 10 DG A 20 ? DG A 20  . ? 4_445 ? 
28 AC3 10 DG A 20 ? DG A 20  . ? 1_555 ? 
29 AC3 10 K  C .  ? K  A 102 . ? 1_555 ? 
30 AC3 10 K  C .  ? K  A 102 . ? 4_445 ? 
# 
_atom_sites.entry_id                    6IP3 
_atom_sites.fract_transf_matrix[1][1]   0.01785315 
_atom_sites.fract_transf_matrix[1][2]   -0.00310458 
_atom_sites.fract_transf_matrix[1][3]   0.00918288 
_atom_sites.fract_transf_matrix[2][1]   0.00053358 
_atom_sites.fract_transf_matrix[2][2]   -0.00621933 
_atom_sites.fract_transf_matrix[2][3]   0.01933221 
_atom_sites.fract_transf_matrix[3][1]   -0.00019179 
_atom_sites.fract_transf_matrix[3][2]   -0.02244685 
_atom_sites.fract_transf_matrix[3][3]   -0.00721604 
_atom_sites.fract_transf_vector[1]      -0.444246 
_atom_sites.fract_transf_vector[2]      -0.397350 
_atom_sites.fract_transf_vector[3]      0.003083 
# 
loop_
_atom_type.symbol 
C 
H 
K 
N 
O 
P 
# 
loop_
_atom_site.group_PDB 
_atom_site.id 
_atom_site.type_symbol 
_atom_site.label_atom_id 
_atom_site.label_alt_id 
_atom_site.label_comp_id 
_atom_site.label_asym_id 
_atom_site.label_entity_id 
_atom_site.label_seq_id 
_atom_site.pdbx_PDB_ins_code 
_atom_site.Cartn_x 
_atom_site.Cartn_y 
_atom_site.Cartn_z 
_atom_site.occupancy 
_atom_site.B_iso_or_equiv 
_atom_site.pdbx_formal_charge 
_atom_site.auth_seq_id 
_atom_site.auth_comp_id 
_atom_site.auth_asym_id 
_atom_site.auth_atom_id 
_atom_site.pdbx_PDB_model_num 
ATOM   1   O "O5'"  A DA  A 1 1  ? -12.135 1.480   -5.787  0.49 38.93 ? 1   DA  A "O5'"  1 
ATOM   2   O "O5'"  B DA  A 1 1  ? -13.691 -2.105  -1.498  0.51 34.86 ? 1   DA  A "O5'"  1 
ATOM   3   C "C5'"  A DA  A 1 1  ? -13.398 1.847   -5.244  0.49 37.42 ? 1   DA  A "C5'"  1 
ATOM   4   C "C5'"  B DA  A 1 1  ? -13.414 -1.637  -2.805  0.51 32.81 ? 1   DA  A "C5'"  1 
ATOM   5   C "C4'"  A DA  A 1 1  ? -13.853 0.889   -4.203  0.49 36.06 ? 1   DA  A "C4'"  1 
ATOM   6   C "C4'"  B DA  A 1 1  ? -14.284 -2.339  -3.836  0.51 28.90 ? 1   DA  A "C4'"  1 
ATOM   7   O "O4'"  A DA  A 1 1  ? -15.286 1.026   -4.080  0.49 35.34 ? 1   DA  A "O4'"  1 
ATOM   8   O "O4'"  B DA  A 1 1  ? -15.645 -1.818  -3.764  0.51 28.33 ? 1   DA  A "O4'"  1 
ATOM   9   C "C3'"  A DA  A 1 1  ? -13.572 -0.571  -4.529  0.49 34.22 ? 1   DA  A "C3'"  1 
ATOM   10  C "C3'"  B DA  A 1 1  ? -13.819 -2.151  -5.281  0.51 27.28 ? 1   DA  A "C3'"  1 
ATOM   11  O "O3'"  A DA  A 1 1  ? -12.489 -1.038  -3.739  0.49 34.20 ? 1   DA  A "O3'"  1 
ATOM   12  O "O3'"  B DA  A 1 1  ? -13.025 -3.271  -5.704  0.51 23.59 ? 1   DA  A "O3'"  1 
ATOM   13  C "C2'"  A DA  A 1 1  ? -14.879 -1.280  -4.209  0.49 34.69 ? 1   DA  A "C2'"  1 
ATOM   14  C "C2'"  B DA  A 1 1  ? -15.112 -2.038  -6.073  0.51 28.36 ? 1   DA  A "C2'"  1 
ATOM   15  C "C1'"  A DA  A 1 1  ? -15.924 -0.189  -4.387  0.49 33.74 ? 1   DA  A "C1'"  1 
ATOM   16  C "C1'"  B DA  A 1 1  ? -16.128 -1.512  -5.061  0.51 27.72 ? 1   DA  A "C1'"  1 
ATOM   17  N N9     A DA  A 1 1  ? -16.528 -0.108  -5.732  0.49 30.69 ? 1   DA  A N9     1 
ATOM   18  N N9     B DA  A 1 1  ? -16.363 -0.067  -5.134  0.51 24.74 ? 1   DA  A N9     1 
ATOM   19  C C8     A DA  A 1 1  ? -16.649 -1.127  -6.637  0.49 30.56 ? 1   DA  A C8     1 
ATOM   20  C C8     B DA  A 1 1  ? -15.898 0.890   -4.274  0.51 23.60 ? 1   DA  A C8     1 
ATOM   21  N N7     A DA  A 1 1  ? -17.256 -0.785  -7.750  0.49 30.63 ? 1   DA  A N7     1 
ATOM   22  N N7     B DA  A 1 1  ? -16.290 2.105   -4.567  0.51 23.29 ? 1   DA  A N7     1 
ATOM   23  C C5     A DA  A 1 1  ? -17.582 0.545   -7.567  0.49 28.49 ? 1   DA  A C5     1 
ATOM   24  C C5     B DA  A 1 1  ? -17.083 1.937   -5.688  0.51 22.20 ? 1   DA  A C5     1 
ATOM   25  C C6     A DA  A 1 1  ? -18.243 1.479   -8.395  0.49 27.50 ? 1   DA  A C6     1 
ATOM   26  C C6     B DA  A 1 1  ? -17.781 2.850   -6.497  0.51 21.19 ? 1   DA  A C6     1 
ATOM   27  N N6     A DA  A 1 1  ? -18.706 1.181   -9.610  0.49 27.32 ? 1   DA  A N6     1 
ATOM   28  N N6     B DA  A 1 1  ? -17.829 4.166   -6.252  0.51 20.99 ? 1   DA  A N6     1 
ATOM   29  N N1     A DA  A 1 1  ? -18.417 2.730   -7.915  0.49 27.67 ? 1   DA  A N1     1 
ATOM   30  N N1     B DA  A 1 1  ? -18.484 2.354   -7.537  0.51 20.69 ? 1   DA  A N1     1 
ATOM   31  C C2     A DA  A 1 1  ? -17.939 3.019   -6.693  0.49 29.42 ? 1   DA  A C2     1 
ATOM   32  C C2     B DA  A 1 1  ? -18.444 1.032   -7.768  0.51 22.08 ? 1   DA  A C2     1 
ATOM   33  N N3     A DA  A 1 1  ? -17.307 2.225   -5.821  0.49 29.89 ? 1   DA  A N3     1 
ATOM   34  N N3     B DA  A 1 1  ? -17.811 0.081   -7.086  0.51 21.39 ? 1   DA  A N3     1 
ATOM   35  C C4     A DA  A 1 1  ? -17.151 0.988   -6.325  0.49 29.45 ? 1   DA  A C4     1 
ATOM   36  C C4     B DA  A 1 1  ? -17.137 0.604   -6.054  0.51 22.44 ? 1   DA  A C4     1 
ATOM   37  H "H5'"  A DA  A 1 1  ? -14.053 1.872   -5.958  0.49 44.91 ? 1   DA  A "H5'"  1 
ATOM   38  H "H5'"  B DA  A 1 1  ? -12.481 -1.804  -3.012  0.51 39.37 ? 1   DA  A "H5'"  1 
ATOM   39  H "H5''" A DA  A 1 1  ? -13.326 2.732   -4.850  0.49 44.91 ? 1   DA  A "H5''" 1 
ATOM   40  H "H5''" B DA  A 1 1  ? -13.583 -0.683  -2.844  0.51 39.37 ? 1   DA  A "H5''" 1 
ATOM   41  H "H4'"  A DA  A 1 1  ? -13.437 1.115   -3.357  0.49 43.28 ? 1   DA  A "H4'"  1 
ATOM   42  H "H4'"  B DA  A 1 1  ? -14.302 -3.287  -3.635  0.51 34.68 ? 1   DA  A "H4'"  1 
ATOM   43  H "H3'"  A DA  A 1 1  ? -13.362 -0.667  -5.471  0.49 41.06 ? 1   DA  A "H3'"  1 
ATOM   44  H "H3'"  B DA  A 1 1  ? -13.307 -1.331  -5.361  0.51 32.74 ? 1   DA  A "H3'"  1 
ATOM   45  H "H2'"  A DA  A 1 1  ? -15.035 -2.007  -4.834  0.49 41.63 ? 1   DA  A "H2'"  1 
ATOM   46  H "H2'"  B DA  A 1 1  ? -15.006 -1.410  -6.806  0.51 34.04 ? 1   DA  A "H2'"  1 
ATOM   47  H "H2''" A DA  A 1 1  ? -14.877 -1.607  -3.296  0.49 41.63 ? 1   DA  A "H2''" 1 
ATOM   48  H "H2''" B DA  A 1 1  ? -15.383 -2.907  -6.406  0.51 34.04 ? 1   DA  A "H2''" 1 
ATOM   49  H "H1'"  A DA  A 1 1  ? -16.632 -0.335  -3.740  0.49 40.49 ? 1   DA  A "H1'"  1 
ATOM   50  H "H1'"  B DA  A 1 1  ? -16.971 -1.972  -5.197  0.51 33.26 ? 1   DA  A "H1'"  1 
ATOM   51  H H8     A DA  A 1 1  ? -16.314 -1.981  -6.485  0.49 36.67 ? 1   DA  A H8     1 
ATOM   52  H H8     B DA  A 1 1  ? -15.347 0.696   -3.551  0.51 28.32 ? 1   DA  A H8     1 
ATOM   53  H H61    A DA  A 1 1  ? -19.109 1.780   -10.076 0.49 32.79 ? 1   DA  A H61    1 
ATOM   54  H H61    B DA  A 1 1  ? -18.302 4.680   -6.754  0.51 25.18 ? 1   DA  A H61    1 
ATOM   55  H H62    A DA  A 1 1  ? -18.602 0.388   -9.927  0.49 32.79 ? 1   DA  A H62    1 
ATOM   56  H H62    B DA  A 1 1  ? -17.387 4.497   -5.593  0.51 25.18 ? 1   DA  A H62    1 
ATOM   57  H H2     A DA  A 1 1  ? -18.082 3.892   -6.405  0.49 35.30 ? 1   DA  A H2     1 
ATOM   58  H H2     B DA  A 1 1  ? -18.934 0.739   -8.502  0.51 26.49 ? 1   DA  A H2     1 
ATOM   59  H "HO5'" A DA  A 1 1  ? -11.910 1.754   -6.548  0.49 46.72 ? 1   DA  A "HO5'" 1 
ATOM   60  H "HO5'" B DA  A 1 1  ? -13.218 -1.850  -0.852  0.51 41.83 ? 1   DA  A "HO5'" 1 
ATOM   61  P P      A DG  A 1 2  ? -12.144 -2.607  -3.650  0.49 33.99 ? 2   DG  A P      1 
ATOM   62  P P      B DG  A 1 2  ? -11.906 -3.120  -6.850  0.51 25.20 ? 2   DG  A P      1 
ATOM   63  O OP1    A DG  A 1 2  ? -13.376 -3.425  -3.710  0.49 35.49 ? 2   DG  A OP1    1 
ATOM   64  O OP1    B DG  A 1 2  ? -12.330 -2.172  -7.904  0.51 25.23 ? 2   DG  A OP1    1 
ATOM   65  O OP2    A DG  A 1 2  ? -11.269 -2.733  -2.462  0.49 38.31 ? 2   DG  A OP2    1 
ATOM   66  O OP2    B DG  A 1 2  ? -11.505 -4.500  -7.212  0.51 29.24 ? 2   DG  A OP2    1 
ATOM   67  O "O5'"  A DG  A 1 2  ? -11.265 -2.898  -4.953  0.49 32.27 ? 2   DG  A "O5'"  1 
ATOM   68  O "O5'"  B DG  A 1 2  ? -10.690 -2.387  -6.126  0.51 25.31 ? 2   DG  A "O5'"  1 
ATOM   69  C "C5'"  A DG  A 1 2  ? -9.936  -2.387  -5.048  0.49 27.71 ? 2   DG  A "C5'"  1 
ATOM   70  C "C5'"  B DG  A 1 2  ? -10.166 -2.889  -4.932  0.51 24.45 ? 2   DG  A "C5'"  1 
ATOM   71  C "C4'"  A DG  A 1 2  ? -8.961  -3.465  -5.496  0.49 22.20 ? 2   DG  A "C4'"  1 
ATOM   72  C "C4'"  B DG  A 1 2  ? -9.002  -3.814  -5.198  0.51 22.20 ? 2   DG  A "C4'"  1 
ATOM   73  O "O4'"  A DG  A 1 2  ? -7.906  -2.843  -6.286  0.49 15.61 ? 2   DG  A "O4'"  1 
ATOM   74  O "O4'"  B DG  A 1 2  ? -7.981  -3.113  -5.967  0.51 21.35 ? 2   DG  A "O4'"  1 
ATOM   75  C "C3'"  A DG  A 1 2  ? -8.243  -4.198  -4.354  0.49 19.95 ? 2   DG  A "C3'"  1 
ATOM   76  C "C3'"  B DG  A 1 2  ? -8.286  -4.280  -3.950  0.51 27.28 ? 2   DG  A "C3'"  1 
ATOM   77  O "O3'"  A DG  A 1 2  ? -8.944  -5.379  -3.980  0.49 20.65 ? 2   DG  A "O3'"  1 
ATOM   78  O "O3'"  B DG  A 1 2  ? -8.987  -5.382  -3.324  0.51 32.77 ? 2   DG  A "O3'"  1 
ATOM   79  C "C2'"  A DG  A 1 2  ? -6.888  -4.496  -4.942  0.49 19.46 ? 2   DG  A "C2'"  1 
ATOM   80  C "C2'"  B DG  A 1 2  ? -6.914  -4.625  -4.489  0.51 24.11 ? 2   DG  A "C2'"  1 
ATOM   81  C "C1'"  A DG  A 1 2  ? -6.655  -3.303  -5.851  0.49 15.84 ? 2   DG  A "C1'"  1 
ATOM   82  C "C1'"  B DG  A 1 2  ? -6.698  -3.530  -5.534  0.51 17.93 ? 2   DG  A "C1'"  1 
ATOM   83  N N9     A DG  A 1 2  ? -5.939  -2.198  -5.219  0.49 13.91 ? 2   DG  A N9     1 
ATOM   84  N N9     B DG  A 1 2  ? -5.939  -2.357  -5.056  0.51 12.62 ? 2   DG  A N9     1 
ATOM   85  C C8     A DG  A 1 2  ? -6.420  -0.957  -4.847  0.49 14.37 ? 2   DG  A C8     1 
ATOM   86  C C8     B DG  A 1 2  ? -6.406  -1.097  -4.750  0.51 12.88 ? 2   DG  A C8     1 
ATOM   87  N N7     A DG  A 1 2  ? -5.500  -0.186  -4.338  0.49 13.14 ? 2   DG  A N7     1 
ATOM   88  N N7     B DG  A 1 2  ? -5.458  -0.269  -4.395  0.51 11.23 ? 2   DG  A N7     1 
ATOM   89  C C5     A DG  A 1 2  ? -4.354  -0.960  -4.384  0.49 12.54 ? 2   DG  A C5     1 
ATOM   90  C C5     B DG  A 1 2  ? -4.297  -1.024  -4.472  0.51 11.84 ? 2   DG  A C5     1 
ATOM   91  C C6     A DG  A 1 2  ? -3.044  -0.667  -3.978  0.49 11.61 ? 2   DG  A C6     1 
ATOM   92  C C6     B DG  A 1 2  ? -2.947  -0.672  -4.207  0.51 10.09 ? 2   DG  A C6     1 
ATOM   93  O O6     A DG  A 1 2  ? -2.627  0.366   -3.482  0.49 12.31 ? 2   DG  A O6     1 
ATOM   94  O O6     B DG  A 1 2  ? -2.487  0.424   -3.842  0.51 8.50  ? 2   DG  A O6     1 
ATOM   95  N N1     A DG  A 1 2  ? -2.173  -1.714  -4.216  0.49 11.67 ? 2   DG  A N1     1 
ATOM   96  N N1     B DG  A 1 2  ? -2.085  -1.734  -4.439  0.51 9.30  ? 2   DG  A N1     1 
ATOM   97  C C2     A DG  A 1 2  ? -2.532  -2.911  -4.772  0.49 10.88 ? 2   DG  A C2     1 
ATOM   98  C C2     B DG  A 1 2  ? -2.477  -2.981  -4.853  0.51 10.72 ? 2   DG  A C2     1 
ATOM   99  N N2     A DG  A 1 2  ? -1.556  -3.810  -4.910  0.49 10.93 ? 2   DG  A N2     1 
ATOM   100 N N2     B DG  A 1 2  ? -1.499  -3.879  -5.003  0.51 12.24 ? 2   DG  A N2     1 
ATOM   101 N N3     A DG  A 1 2  ? -3.761  -3.210  -5.153  0.49 12.36 ? 2   DG  A N3     1 
ATOM   102 N N3     B DG  A 1 2  ? -3.732  -3.328  -5.096  0.51 11.83 ? 2   DG  A N3     1 
ATOM   103 C C4     A DG  A 1 2  ? -4.614  -2.188  -4.937  0.49 12.33 ? 2   DG  A C4     1 
ATOM   104 C C4     B DG  A 1 2  ? -4.583  -2.301  -4.897  0.51 11.61 ? 2   DG  A C4     1 
ATOM   105 H "H5'"  A DG  A 1 2  ? -9.663  -2.052  -4.179  0.49 33.25 ? 2   DG  A "H5'"  1 
ATOM   106 H "H5'"  B DG  A 1 2  ? -10.858 -3.377  -4.459  0.51 29.34 ? 2   DG  A "H5'"  1 
ATOM   107 H "H5''" A DG  A 1 2  ? -9.921  -1.658  -5.688  0.49 33.25 ? 2   DG  A "H5''" 1 
ATOM   108 H "H5''" B DG  A 1 2  ? -9.865  -2.150  -4.380  0.51 29.34 ? 2   DG  A "H5''" 1 
ATOM   109 H "H4'"  A DG  A 1 2  ? -9.431  -4.112  -6.044  0.49 26.64 ? 2   DG  A "H4'"  1 
ATOM   110 H "H4'"  B DG  A 1 2  ? -9.311  -4.584  -5.701  0.51 26.64 ? 2   DG  A "H4'"  1 
ATOM   111 H "H3'"  A DG  A 1 2  ? -8.151  -3.609  -3.589  0.49 23.94 ? 2   DG  A "H3'"  1 
ATOM   112 H "H3'"  B DG  A 1 2  ? -8.212  -3.543  -3.324  0.51 32.73 ? 2   DG  A "H3'"  1 
ATOM   113 H "H2'"  A DG  A 1 2  ? -6.213  -4.536  -4.247  0.49 23.36 ? 2   DG  A "H2'"  1 
ATOM   114 H "H2'"  B DG  A 1 2  ? -6.244  -4.572  -3.790  0.51 28.93 ? 2   DG  A "H2'"  1 
ATOM   115 H "H2''" A DG  A 1 2  ? -6.908  -5.320  -5.454  0.49 23.36 ? 2   DG  A "H2''" 1 
ATOM   116 H "H2''" B DG  A 1 2  ? -6.916  -5.502  -4.904  0.51 28.93 ? 2   DG  A "H2''" 1 
ATOM   117 H "H1'"  A DG  A 1 2  ? -6.147  -3.598  -6.624  0.49 19.00 ? 2   DG  A "H1'"  1 
ATOM   118 H "H1'"  B DG  A 1 2  ? -6.227  -3.914  -6.289  0.51 21.52 ? 2   DG  A "H1'"  1 
ATOM   119 H H8     A DG  A 1 2  ? -7.309  -0.702  -4.939  0.49 17.24 ? 2   DG  A H8     1 
ATOM   120 H H8     B DG  A 1 2  ? -7.304  -0.861  -4.787  0.51 15.45 ? 2   DG  A H8     1 
ATOM   121 H H1     A DG  A 1 2  ? -1.352  -1.610  -3.986  0.49 14.01 ? 2   DG  A H1     1 
ATOM   122 H H1     B DG  A 1 2  ? -1.247  -1.606  -4.294  0.51 11.17 ? 2   DG  A H1     1 
ATOM   123 H H21    A DG  A 1 2  ? -1.727  -4.583  -5.245  0.49 13.11 ? 2   DG  A H21    1 
ATOM   124 H H21    B DG  A 1 2  ? -1.686  -4.680  -5.255  0.51 14.69 ? 2   DG  A H21    1 
ATOM   125 H H22    A DG  A 1 2  ? -0.755  -3.616  -4.662  0.49 13.11 ? 2   DG  A H22    1 
ATOM   126 H H22    B DG  A 1 2  ? -0.684  -3.657  -4.847  0.51 14.69 ? 2   DG  A H22    1 
ATOM   127 P P      A DG  A 1 3  ? -8.777  -6.054  -2.518  0.49 19.21 ? 3   DG  A P      1 
ATOM   128 P P      B DG  A 1 3  ? -8.848  -6.895  -3.849  0.51 31.33 ? 3   DG  A P      1 
ATOM   129 O OP1    A DG  A 1 3  ? -9.785  -7.121  -2.417  0.49 20.78 ? 3   DG  A OP1    1 
ATOM   130 O OP1    B DG  A 1 3  ? -8.906  -6.901  -5.323  0.51 36.06 ? 3   DG  A OP1    1 
ATOM   131 O OP2    A DG  A 1 3  ? -8.656  -5.029  -1.472  0.49 17.36 ? 3   DG  A OP2    1 
ATOM   132 O OP2    B DG  A 1 3  ? -9.819  -7.690  -3.065  0.51 36.96 ? 3   DG  A OP2    1 
ATOM   133 O "O5'"  A DG  A 1 3  ? -7.326  -6.678  -2.558  0.49 19.56 ? 3   DG  A "O5'"  1 
ATOM   134 O "O5'"  B DG  A 1 3  ? -7.387  -7.314  -3.366  0.51 29.82 ? 3   DG  A "O5'"  1 
ATOM   135 C "C5'"  A DG  A 1 3  ? -7.009  -7.662  -3.515  0.49 17.56 ? 3   DG  A "C5'"  1 
ATOM   136 C "C5'"  B DG  A 1 3  ? -6.545  -8.103  -4.174  0.51 27.08 ? 3   DG  A "C5'"  1 
ATOM   137 C "C4'"  A DG  A 1 3  ? -5.660  -8.257  -3.197  0.49 18.23 ? 3   DG  A "C4'"  1 
ATOM   138 C "C4'"  B DG  A 1 3  ? -5.238  -8.347  -3.456  0.51 23.88 ? 3   DG  A "C4'"  1 
ATOM   139 O "O4'"  A DG  A 1 3  ? -4.636  -7.219  -3.325  0.49 18.84 ? 3   DG  A "O4'"  1 
ATOM   140 O "O4'"  B DG  A 1 3  ? -4.467  -7.107  -3.421  0.51 22.18 ? 3   DG  A "O4'"  1 
ATOM   141 C "C3'"  A DG  A 1 3  ? -5.563  -8.766  -1.770  0.49 21.09 ? 3   DG  A "C3'"  1 
ATOM   142 C "C3'"  B DG  A 1 3  ? -5.407  -8.798  -1.992  0.51 24.29 ? 3   DG  A "C3'"  1 
ATOM   143 O "O3'"  A DG  A 1 3  ? -4.736  -9.878  -1.667  0.49 23.33 ? 3   DG  A "O3'"  1 
ATOM   144 O "O3'"  B DG  A 1 3  ? -4.666  -9.972  -1.728  0.51 25.52 ? 3   DG  A "O3'"  1 
ATOM   145 C "C2'"  A DG  A 1 3  ? -4.996  -7.576  -1.028  0.49 20.09 ? 3   DG  A "C2'"  1 
ATOM   146 C "C2'"  B DG  A 1 3  ? -4.903  -7.617  -1.185  0.51 22.93 ? 3   DG  A "C2'"  1 
ATOM   147 C "C1'"  A DG  A 1 3  ? -4.050  -6.976  -2.063  0.49 18.71 ? 3   DG  A "C1'"  1 
ATOM   148 C "C1'"  B DG  A 1 3  ? -3.921  -6.949  -2.136  0.51 21.10 ? 3   DG  A "C1'"  1 
ATOM   149 N N9     A DG  A 1 3  ? -3.862  -5.548  -1.889  0.49 15.26 ? 3   DG  A N9     1 
ATOM   150 N N9     B DG  A 1 3  ? -3.740  -5.536  -1.849  0.51 16.98 ? 3   DG  A N9     1 
ATOM   151 C C8     A DG  A 1 3  ? -4.839  -4.586  -1.886  0.49 14.07 ? 3   DG  A C8     1 
ATOM   152 C C8     B DG  A 1 3  ? -4.733  -4.599  -1.709  0.51 16.18 ? 3   DG  A C8     1 
ATOM   153 N N7     A DG  A 1 3  ? -4.384  -3.390  -1.674  0.49 12.05 ? 3   DG  A N7     1 
ATOM   154 N N7     B DG  A 1 3  ? -4.292  -3.417  -1.411  0.51 14.78 ? 3   DG  A N7     1 
ATOM   155 C C5     A DG  A 1 3  ? -3.022  -3.566  -1.511  0.49 11.25 ? 3   DG  A C5     1 
ATOM   156 C C5     B DG  A 1 3  ? -2.918  -3.574  -1.337  0.51 12.74 ? 3   DG  A C5     1 
ATOM   157 C C6     A DG  A 1 3  ? -2.019  -2.623  -1.246  0.49 12.20 ? 3   DG  A C6     1 
ATOM   158 C C6     B DG  A 1 3  ? -1.924  -2.629  -1.028  0.51 10.82 ? 3   DG  A C6     1 
ATOM   159 O O6     A DG  A 1 3  ? -2.148  -1.400  -1.108  0.49 13.22 ? 3   DG  A O6     1 
ATOM   160 O O6     B DG  A 1 3  ? -2.075  -1.425  -0.763  0.51 11.27 ? 3   DG  A O6     1 
ATOM   161 N N1     A DG  A 1 3  ? -0.763  -3.216  -1.156  0.49 11.33 ? 3   DG  A N1     1 
ATOM   162 N N1     B DG  A 1 3  ? -0.650  -3.196  -1.049  0.51 12.28 ? 3   DG  A N1     1 
ATOM   163 C C2     A DG  A 1 3  ? -0.523  -4.567  -1.302  0.49 12.34 ? 3   DG  A C2     1 
ATOM   164 C C2     B DG  A 1 3  ? -0.385  -4.523  -1.324  0.51 13.44 ? 3   DG  A C2     1 
ATOM   165 N N2     A DG  A 1 3  ? 0.745   -4.972  -1.160  0.49 12.49 ? 3   DG  A N2     1 
ATOM   166 N N2     B DG  A 1 3  ? 0.898   -4.900  -1.282  0.51 14.81 ? 3   DG  A N2     1 
ATOM   167 N N3     A DG  A 1 3  ? -1.468  -5.462  -1.538  0.49 13.68 ? 3   DG  A N3     1 
ATOM   168 N N3     B DG  A 1 3  ? -1.322  -5.421  -1.602  0.51 14.46 ? 3   DG  A N3     1 
ATOM   169 C C4     A DG  A 1 3  ? -2.683  -4.893  -1.644  0.49 13.16 ? 3   DG  A C4     1 
ATOM   170 C C4     B DG  A 1 3  ? -2.559  -4.877  -1.596  0.51 14.31 ? 3   DG  A C4     1 
ATOM   171 H "H5'"  A DG  A 1 3  ? -6.986  -7.259  -4.398  0.49 21.08 ? 3   DG  A "H5'"  1 
ATOM   172 H "H5'"  B DG  A 1 3  ? -6.374  -7.640  -5.010  0.51 32.49 ? 3   DG  A "H5'"  1 
ATOM   173 H "H5''" A DG  A 1 3  ? -7.683  -8.360  -3.497  0.49 21.08 ? 3   DG  A "H5''" 1 
ATOM   174 H "H5''" B DG  A 1 3  ? -6.977  -8.953  -4.358  0.51 32.49 ? 3   DG  A "H5''" 1 
ATOM   175 H "H4'"  A DG  A 1 3  ? -5.468  -8.979  -3.815  0.49 21.88 ? 3   DG  A "H4'"  1 
ATOM   176 H "H4'"  B DG  A 1 3  ? -4.732  -9.021  -3.937  0.51 28.66 ? 3   DG  A "H4'"  1 
ATOM   177 H "H3'"  A DG  A 1 3  ? -6.448  -8.976  -1.433  0.49 25.30 ? 3   DG  A "H3'"  1 
ATOM   178 H "H3'"  B DG  A 1 3  ? -6.346  -8.950  -1.803  0.51 29.14 ? 3   DG  A "H3'"  1 
ATOM   179 H "H2'"  A DG  A 1 3  ? -5.697  -6.947  -0.796  0.49 24.11 ? 3   DG  A "H2'"  1 
ATOM   180 H "H2'"  B DG  A 1 3  ? -5.632  -7.016  -0.966  0.51 27.51 ? 3   DG  A "H2'"  1 
ATOM   181 H "H2''" A DG  A 1 3  ? -4.509  -7.861  -0.239  0.49 24.11 ? 3   DG  A "H2''" 1 
ATOM   182 H "H2''" B DG  A 1 3  ? -4.451  -7.919  -0.381  0.51 27.51 ? 3   DG  A "H2''" 1 
ATOM   183 H "H1'"  A DG  A 1 3  ? -3.191  -7.425  -2.013  0.49 22.46 ? 3   DG  A "H1'"  1 
ATOM   184 H "H1'"  B DG  A 1 3  ? -3.065  -7.403  -2.090  0.51 25.33 ? 3   DG  A "H1'"  1 
ATOM   185 H H8     A DG  A 1 3  ? -5.739  -4.771  -2.035  0.49 16.88 ? 3   DG  A H8     1 
ATOM   186 H H8     B DG  A 1 3  ? -5.635  -4.790  -1.831  0.51 19.42 ? 3   DG  A H8     1 
ATOM   187 H H1     A DG  A 1 3  ? -0.090  -2.704  -0.997  0.49 13.60 ? 3   DG  A H1     1 
ATOM   188 H H1     B DG  A 1 3  ? 0.019   -2.682  -0.876  0.51 14.74 ? 3   DG  A H1     1 
ATOM   189 H H21    A DG  A 1 3  ? 0.939   -5.806  -1.223  0.49 14.98 ? 3   DG  A H21    1 
ATOM   190 H H21    B DG  A 1 3  ? 1.111   -5.720  -1.434  0.51 17.77 ? 3   DG  A H21    1 
ATOM   191 H H22    A DG  A 1 3  ? 1.365   -4.396  -1.007  0.49 14.98 ? 3   DG  A H22    1 
ATOM   192 H H22    B DG  A 1 3  ? 1.510   -4.324  -1.103  0.51 17.77 ? 3   DG  A H22    1 
ATOM   193 P P      . DG  A 1 4  ? -4.645  -10.633 -0.259  1.00 27.03 ? 4   DG  A P      1 
ATOM   194 O OP1    . DG  A 1 4  ? -4.694  -12.093 -0.516  1.00 30.70 ? 4   DG  A OP1    1 
ATOM   195 O OP2    . DG  A 1 4  ? -5.642  -10.016 0.629   1.00 30.29 ? 4   DG  A OP2    1 
ATOM   196 O "O5'"  . DG  A 1 4  ? -3.200  -10.263 0.285   1.00 24.15 ? 4   DG  A "O5'"  1 
ATOM   197 C "C5'"  . DG  A 1 4  ? -2.083  -10.795 -0.376  1.00 22.13 ? 4   DG  A "C5'"  1 
ATOM   198 C "C4'"  . DG  A 1 4  ? -0.847  -10.583 0.440   1.00 21.03 ? 4   DG  A "C4'"  1 
ATOM   199 O "O4'"  . DG  A 1 4  ? -0.537  -9.178  0.472   1.00 19.47 ? 4   DG  A "O4'"  1 
ATOM   200 C "C3'"  . DG  A 1 4  ? -0.964  -11.016 1.887   1.00 22.95 ? 4   DG  A "C3'"  1 
ATOM   201 O "O3'"  . DG  A 1 4  ? 0.232   -11.625 2.279   1.00 25.55 ? 4   DG  A "O3'"  1 
ATOM   202 C "C2'"  . DG  A 1 4  ? -1.246  -9.715  2.638   1.00 21.13 ? 4   DG  A "C2'"  1 
ATOM   203 C "C1'"  . DG  A 1 4  ? -0.487  -8.705  1.807   1.00 18.41 ? 4   DG  A "C1'"  1 
ATOM   204 N N9     . DG  A 1 4  ? -1.043  -7.370  1.830   1.00 17.13 ? 4   DG  A N9     1 
ATOM   205 C C8     . DG  A 1 4  ? -2.335  -7.005  1.569   1.00 17.54 ? 4   DG  A C8     1 
ATOM   206 N N7     . DG  A 1 4  ? -2.527  -5.723  1.634   1.00 15.93 ? 4   DG  A N7     1 
ATOM   207 C C5     . DG  A 1 4  ? -1.279  -5.207  1.944   1.00 14.11 ? 4   DG  A C5     1 
ATOM   208 C C6     . DG  A 1 4  ? -0.866  -3.872  2.126   1.00 12.34 ? 4   DG  A C6     1 
ATOM   209 O O6     . DG  A 1 4  ? -1.546  -2.834  2.070   1.00 13.05 ? 4   DG  A O6     1 
ATOM   210 N N1     . DG  A 1 4  ? 0.492   -3.783  2.412   1.00 13.31 ? 4   DG  A N1     1 
ATOM   211 C C2     . DG  A 1 4  ? 1.344   -4.856  2.505   1.00 14.74 ? 4   DG  A C2     1 
ATOM   212 N N2     . DG  A 1 4  ? 2.630   -4.582  2.807   1.00 16.16 ? 4   DG  A N2     1 
ATOM   213 N N3     . DG  A 1 4  ? 0.961   -6.117  2.323   1.00 14.92 ? 4   DG  A N3     1 
ATOM   214 C C4     . DG  A 1 4  ? -0.349  -6.203  2.037   1.00 14.35 ? 4   DG  A C4     1 
ATOM   215 H "H5'"  . DG  A 1 4  ? -1.979  -10.355 -1.234  1.00 26.56 ? 4   DG  A "H5'"  1 
ATOM   216 H "H5''" . DG  A 1 4  ? -2.215  -11.745 -0.516  1.00 26.56 ? 4   DG  A "H5''" 1 
ATOM   217 H "H4'"  . DG  A 1 4  ? -0.111  -11.060 0.027   1.00 25.24 ? 4   DG  A "H4'"  1 
ATOM   218 H "H3'"  . DG  A 1 4  ? -1.707  -11.631 1.992   1.00 27.54 ? 4   DG  A "H3'"  1 
ATOM   219 H "H2'"  . DG  A 1 4  ? -2.195  -9.515  2.641   1.00 25.36 ? 4   DG  A "H2'"  1 
ATOM   220 H "H2''" . DG  A 1 4  ? -0.895  -9.753  3.540   1.00 25.36 ? 4   DG  A "H2''" 1 
ATOM   221 H "H1'"  . DG  A 1 4  ? 0.436   -8.675  2.102   1.00 22.09 ? 4   DG  A "H1'"  1 
ATOM   222 H H8     . DG  A 1 4  ? -3.011  -7.616  1.381   1.00 21.05 ? 4   DG  A H8     1 
ATOM   223 H H1     . DG  A 1 4  ? 0.819   -3.000  2.549   1.00 15.98 ? 4   DG  A H1     1 
ATOM   224 H H21    . DG  A 1 4  ? 3.200   -5.222  2.881   1.00 19.39 ? 4   DG  A H21    1 
ATOM   225 H H22    . DG  A 1 4  ? 2.881   -3.768  2.926   1.00 19.39 ? 4   DG  A H22    1 
ATOM   226 P P      . DT  A 1 5  ? 0.203   -13.003 3.088   1.00 30.08 ? 5   DT  A P      1 
ATOM   227 O OP1    . DT  A 1 5  ? -0.743  -12.878 4.220   1.00 33.20 ? 5   DT  A OP1    1 
ATOM   228 O OP2    . DT  A 1 5  ? 1.623   -13.368 3.310   1.00 34.67 ? 5   DT  A OP2    1 
ATOM   229 O "O5'"  . DT  A 1 5  ? -0.441  -14.046 2.074   1.00 29.76 ? 5   DT  A "O5'"  1 
ATOM   230 C "C5'"  . DT  A 1 5  ? 0.265   -14.462 0.939   1.00 30.21 ? 5   DT  A "C5'"  1 
ATOM   231 C "C4'"  . DT  A 1 5  ? -0.650  -15.274 0.055   1.00 29.40 ? 5   DT  A "C4'"  1 
ATOM   232 O "O4'"  . DT  A 1 5  ? -1.583  -14.391 -0.610  1.00 27.33 ? 5   DT  A "O4'"  1 
ATOM   233 C "C3'"  . DT  A 1 5  ? 0.033   -16.070 -1.051  1.00 29.24 ? 5   DT  A "C3'"  1 
ATOM   234 O "O3'"  . DT  A 1 5  ? -0.271  -17.443 -0.887  1.00 30.38 ? 5   DT  A "O3'"  1 
ATOM   235 C "C2'"  . DT  A 1 5  ? -0.553  -15.511 -2.346  1.00 28.25 ? 5   DT  A "C2'"  1 
ATOM   236 C "C1'"  . DT  A 1 5  ? -1.873  -14.947 -1.865  1.00 28.01 ? 5   DT  A "C1'"  1 
ATOM   237 N N1     . DT  A 1 5  ? -2.470  -13.887 -2.712  1.00 26.47 ? 5   DT  A N1     1 
ATOM   238 C C2     . DT  A 1 5  ? -3.782  -14.018 -3.078  1.00 29.13 ? 5   DT  A C2     1 
ATOM   239 O O2     . DT  A 1 5  ? -4.460  -14.979 -2.767  1.00 30.92 ? 5   DT  A O2     1 
ATOM   240 N N3     . DT  A 1 5  ? -4.275  -12.995 -3.828  1.00 29.62 ? 5   DT  A N3     1 
ATOM   241 C C4     . DT  A 1 5  ? -3.601  -11.866 -4.231  1.00 29.17 ? 5   DT  A C4     1 
ATOM   242 O O4     . DT  A 1 5  ? -4.132  -11.010 -4.912  1.00 31.06 ? 5   DT  A O4     1 
ATOM   243 C C5     . DT  A 1 5  ? -2.225  -11.777 -3.803  1.00 25.80 ? 5   DT  A C5     1 
ATOM   244 C C7     . DT  A 1 5  ? -1.390  -10.594 -4.187  1.00 27.68 ? 5   DT  A C7     1 
ATOM   245 C C6     . DT  A 1 5  ? -1.731  -12.773 -3.058  1.00 24.46 ? 5   DT  A C6     1 
ATOM   246 H "H5'"  . DT  A 1 5  ? 1.021   -15.007 1.210   1.00 36.26 ? 5   DT  A "H5'"  1 
ATOM   247 H "H5''" . DT  A 1 5  ? 0.583   -13.686 0.452   1.00 36.26 ? 5   DT  A "H5''" 1 
ATOM   248 H "H4'"  . DT  A 1 5  ? -1.152  -15.890 0.613   1.00 35.28 ? 5   DT  A "H4'"  1 
ATOM   249 H "H3'"  . DT  A 1 5  ? 0.993   -15.929 -1.025  1.00 35.08 ? 5   DT  A "H3'"  1 
ATOM   250 H "H2'"  . DT  A 1 5  ? 0.012   -14.809 -2.709  1.00 33.90 ? 5   DT  A "H2'"  1 
ATOM   251 H "H2''" . DT  A 1 5  ? -0.694  -16.217 -2.996  1.00 33.90 ? 5   DT  A "H2''" 1 
ATOM   252 H "H1'"  . DT  A 1 5  ? -2.511  -15.670 -1.756  1.00 33.61 ? 5   DT  A "H1'"  1 
ATOM   253 H H3     . DT  A 1 5  ? -5.094  -13.064 -4.079  1.00 35.55 ? 5   DT  A H3     1 
ATOM   254 H H71    . DT  A 1 5  ? -1.083  -10.141 -3.387  1.00 33.21 ? 5   DT  A H71    1 
ATOM   255 H H72    . DT  A 1 5  ? -0.623  -10.893 -4.703  1.00 33.21 ? 5   DT  A H72    1 
ATOM   256 H H73    . DT  A 1 5  ? -1.920  -9.982  -4.722  1.00 33.21 ? 5   DT  A H73    1 
ATOM   257 H H6     . DT  A 1 5  ? -0.845  -12.723 -2.781  1.00 29.35 ? 5   DT  A H6     1 
ATOM   258 P P      . DT  A 1 6  ? 0.900   -18.539 -0.870  1.00 32.79 ? 6   DT  A P      1 
ATOM   259 O OP1    . DT  A 1 6  ? 0.259   -19.861 -0.736  1.00 34.48 ? 6   DT  A OP1    1 
ATOM   260 O OP2    . DT  A 1 6  ? 1.946   -18.103 0.084   1.00 33.33 ? 6   DT  A OP2    1 
ATOM   261 O "O5'"  . DT  A 1 6  ? 1.502   -18.441 -2.333  1.00 32.00 ? 6   DT  A "O5'"  1 
ATOM   262 C "C5'"  . DT  A 1 6  ? 2.768   -18.951 -2.627  1.00 32.86 ? 6   DT  A "C5'"  1 
ATOM   263 C "C4'"  . DT  A 1 6  ? 3.059   -18.707 -4.082  1.00 31.18 ? 6   DT  A "C4'"  1 
ATOM   264 O "O4'"  . DT  A 1 6  ? 2.090   -19.430 -4.874  1.00 29.33 ? 6   DT  A "O4'"  1 
ATOM   265 C "C3'"  . DT  A 1 6  ? 2.896   -17.272 -4.516  1.00 29.17 ? 6   DT  A "C3'"  1 
ATOM   266 O "O3'"  . DT  A 1 6  ? 4.067   -16.514 -4.248  1.00 30.02 ? 6   DT  A "O3'"  1 
ATOM   267 C "C2'"  . DT  A 1 6  ? 2.608   -17.419 -6.000  1.00 28.71 ? 6   DT  A "C2'"  1 
ATOM   268 C "C1'"  . DT  A 1 6  ? 1.785   -18.704 -6.051  1.00 28.50 ? 6   DT  A "C1'"  1 
ATOM   269 N N1     . DT  A 1 6  ? 0.333   -18.463 -6.081  1.00 28.16 ? 6   DT  A N1     1 
ATOM   270 C C2     . DT  A 1 6  ? -0.251  -18.039 -7.247  1.00 29.84 ? 6   DT  A C2     1 
ATOM   271 O O2     . DT  A 1 6  ? 0.371   -17.865 -8.278  1.00 30.01 ? 6   DT  A O2     1 
ATOM   272 N N3     . DT  A 1 6  ? -1.598  -17.835 -7.168  1.00 29.60 ? 6   DT  A N3     1 
ATOM   273 C C4     . DT  A 1 6  ? -2.401  -17.996 -6.057  1.00 30.38 ? 6   DT  A C4     1 
ATOM   274 O O4     . DT  A 1 6  ? -3.612  -17.786 -6.088  1.00 34.31 ? 6   DT  A O4     1 
ATOM   275 C C5     . DT  A 1 6  ? -1.725  -18.447 -4.867  1.00 29.99 ? 6   DT  A C5     1 
ATOM   276 C C7     . DT  A 1 6  ? -2.498  -18.673 -3.605  1.00 31.19 ? 6   DT  A C7     1 
ATOM   277 C C6     . DT  A 1 6  ? -0.402  -18.658 -4.935  1.00 29.15 ? 6   DT  A C6     1 
ATOM   278 H "H5'"  . DT  A 1 6  ? 2.787   -19.904 -2.447  1.00 39.43 ? 6   DT  A "H5'"  1 
ATOM   279 H "H5''" . DT  A 1 6  ? 3.434   -18.503 -2.082  1.00 39.43 ? 6   DT  A "H5''" 1 
ATOM   280 H "H4'"  . DT  A 1 6  ? 3.953   -19.015 -4.295  1.00 37.41 ? 6   DT  A "H4'"  1 
ATOM   281 H "H3'"  . DT  A 1 6  ? 2.132   -16.875 -4.068  1.00 35.00 ? 6   DT  A "H3'"  1 
ATOM   282 H "H2'"  . DT  A 1 6  ? 2.092   -16.666 -6.327  1.00 34.45 ? 6   DT  A "H2'"  1 
ATOM   283 H "H2''" . DT  A 1 6  ? 3.433   -17.519 -6.502  1.00 34.45 ? 6   DT  A "H2''" 1 
ATOM   284 H "H1'"  . DT  A 1 6  ? 2.043   -19.224 -6.828  1.00 34.19 ? 6   DT  A "H1'"  1 
ATOM   285 H H3     . DT  A 1 6  ? -1.987  -17.567 -7.887  1.00 35.52 ? 6   DT  A H3     1 
ATOM   286 H H71    . DT  A 1 6  ? -3.429  -18.446 -3.751  1.00 37.43 ? 6   DT  A H71    1 
ATOM   287 H H72    . DT  A 1 6  ? -2.429  -19.606 -3.346  1.00 37.43 ? 6   DT  A H72    1 
ATOM   288 H H73    . DT  A 1 6  ? -2.135  -18.114 -2.899  1.00 37.43 ? 6   DT  A H73    1 
ATOM   289 H H6     . DT  A 1 6  ? 0.040   -18.941 -4.167  1.00 34.98 ? 6   DT  A H6     1 
ATOM   290 P P      . DA  A 1 7  ? 3.946   -14.996 -3.736  1.00 30.36 ? 7   DA  A P      1 
ATOM   291 O OP1    . DA  A 1 7  ? 5.310   -14.448 -3.563  1.00 33.70 ? 7   DA  A OP1    1 
ATOM   292 O OP2    . DA  A 1 7  ? 2.979   -14.941 -2.622  1.00 30.82 ? 7   DA  A OP2    1 
ATOM   293 O "O5'"  . DA  A 1 7  ? 3.257   -14.235 -4.949  1.00 29.51 ? 7   DA  A "O5'"  1 
ATOM   294 C "C5'"  . DA  A 1 7  ? 3.930   -14.127 -6.173  1.00 27.85 ? 7   DA  A "C5'"  1 
ATOM   295 C "C4'"  . DA  A 1 7  ? 3.364   -12.990 -6.983  1.00 24.42 ? 7   DA  A "C4'"  1 
ATOM   296 O "O4'"  . DA  A 1 7  ? 2.023   -13.326 -7.430  1.00 24.98 ? 7   DA  A "O4'"  1 
ATOM   297 C "C3'"  . DA  A 1 7  ? 3.224   -11.692 -6.203  1.00 25.48 ? 7   DA  A "C3'"  1 
ATOM   298 O "O3'"  . DA  A 1 7  ? 3.499   -10.564 -7.031  1.00 25.95 ? 7   DA  A "O3'"  1 
ATOM   299 C "C2'"  . DA  A 1 7  ? 1.778   -11.721 -5.727  1.00 23.78 ? 7   DA  A "C2'"  1 
ATOM   300 C "C1'"  . DA  A 1 7  ? 1.080   -12.411 -6.880  1.00 22.80 ? 7   DA  A "C1'"  1 
ATOM   301 N N9     . DA  A 1 7  ? -0.108  -13.181 -6.527  1.00 23.24 ? 7   DA  A N9     1 
ATOM   302 C C8     . DA  A 1 7  ? -0.146  -14.367 -5.846  1.00 24.92 ? 7   DA  A C8     1 
ATOM   303 N N7     . DA  A 1 7  ? -1.349  -14.881 -5.753  1.00 24.77 ? 7   DA  A N7     1 
ATOM   304 C C5     . DA  A 1 7  ? -2.149  -14.002 -6.458  1.00 24.83 ? 7   DA  A C5     1 
ATOM   305 C C6     . DA  A 1 7  ? -3.531  -13.983 -6.730  1.00 25.42 ? 7   DA  A C6     1 
ATOM   306 N N6     . DA  A 1 7  ? -4.375  -14.927 -6.311  1.00 27.71 ? 7   DA  A N6     1 
ATOM   307 N N1     . DA  A 1 7  ? -4.012  -12.959 -7.462  1.00 27.18 ? 7   DA  A N1     1 
ATOM   308 C C2     . DA  A 1 7  ? -3.161  -12.011 -7.876  1.00 26.38 ? 7   DA  A C2     1 
ATOM   309 N N3     . DA  A 1 7  ? -1.846  -11.925 -7.691  1.00 23.99 ? 7   DA  A N3     1 
ATOM   310 C C4     . DA  A 1 7  ? -1.402  -12.951 -6.950  1.00 23.08 ? 7   DA  A C4     1 
ATOM   311 H "H5'"  . DA  A 1 7  ? 3.828   -14.954 -6.669  1.00 33.42 ? 7   DA  A "H5'"  1 
ATOM   312 H "H5''" . DA  A 1 7  ? 4.872   -13.965 -6.010  1.00 33.42 ? 7   DA  A "H5''" 1 
ATOM   313 H "H4'"  . DA  A 1 7  ? 3.928   -12.838 -7.756  1.00 29.30 ? 7   DA  A "H4'"  1 
ATOM   314 H "H3'"  . DA  A 1 7  ? 3.824   -11.698 -5.441  1.00 30.58 ? 7   DA  A "H3'"  1 
ATOM   315 H "H2'"  . DA  A 1 7  ? 1.693   -12.240 -4.911  1.00 28.54 ? 7   DA  A "H2'"  1 
ATOM   316 H "H2''" . DA  A 1 7  ? 1.436   -10.821 -5.604  1.00 28.54 ? 7   DA  A "H2''" 1 
ATOM   317 H "H1'"  . DA  A 1 7  ? 0.845   -11.752 -7.552  1.00 27.36 ? 7   DA  A "H1'"  1 
ATOM   318 H H8     . DA  A 1 7  ? 0.606   -14.756 -5.461  1.00 29.91 ? 7   DA  A H8     1 
ATOM   319 H H61    . DA  A 1 7  ? -5.210  -14.876 -6.508  1.00 33.26 ? 7   DA  A H61    1 
ATOM   320 H H62    . DA  A 1 7  ? -4.083  -15.587 -5.843  1.00 33.26 ? 7   DA  A H62    1 
ATOM   321 H H2     . DA  A 1 7  ? -3.540  -11.328 -8.382  1.00 31.66 ? 7   DA  A H2     1 
ATOM   322 P P      . DG  A 1 8  ? 5.007   -10.031 -7.183  1.00 26.96 ? 8   DG  A P      1 
ATOM   323 O OP1    . DG  A 1 8  ? 5.059   -9.236  -8.432  1.00 29.49 ? 8   DG  A OP1    1 
ATOM   324 O OP2    . DG  A 1 8  ? 5.972   -11.139 -6.991  1.00 29.82 ? 8   DG  A OP2    1 
ATOM   325 O "O5'"  . DG  A 1 8  ? 5.163   -9.049  -5.947  1.00 23.84 ? 8   DG  A "O5'"  1 
ATOM   326 C "C5'"  . DG  A 1 8  ? 4.531   -7.814  -5.950  1.00 21.31 ? 8   DG  A "C5'"  1 
ATOM   327 C "C4'"  . DG  A 1 8  ? 5.344   -6.893  -5.149  1.00 19.60 ? 8   DG  A "C4'"  1 
ATOM   328 O "O4'"  . DG  A 1 8  ? 4.763   -5.585  -5.252  1.00 19.05 ? 8   DG  A "O4'"  1 
ATOM   329 C "C3'"  . DG  A 1 8  ? 5.402   -7.222  -3.667  1.00 20.47 ? 8   DG  A "C3'"  1 
ATOM   330 O "O3'"  . DG  A 1 8  ? 6.720   -7.067  -3.208  1.00 24.34 ? 8   DG  A "O3'"  1 
ATOM   331 C "C2'"  . DG  A 1 8  ? 4.433   -6.228  -3.044  1.00 19.06 ? 8   DG  A "C2'"  1 
ATOM   332 C "C1'"  . DG  A 1 8  ? 4.565   -5.032  -3.966  1.00 16.33 ? 8   DG  A "C1'"  1 
ATOM   333 N N9     . DG  A 1 8  ? 3.380   -4.192  -4.006  1.00 14.05 ? 8   DG  A N9     1 
ATOM   334 C C8     . DG  A 1 8  ? 2.101   -4.585  -4.360  1.00 13.35 ? 8   DG  A C8     1 
ATOM   335 N N7     . DG  A 1 8  ? 1.231   -3.615  -4.302  1.00 12.17 ? 8   DG  A N7     1 
ATOM   336 C C5     . DG  A 1 8  ? 1.985   -2.516  -3.879  1.00 11.43 ? 8   DG  A C5     1 
ATOM   337 C C6     . DG  A 1 8  ? 1.600   -1.179  -3.622  1.00 10.37 ? 8   DG  A C6     1 
ATOM   338 O O6     . DG  A 1 8  ? 0.489   -0.707  -3.724  1.00 11.07 ? 8   DG  A O6     1 
ATOM   339 N N1     . DG  A 1 8  ? 2.679   -0.396  -3.215  1.00 10.67 ? 8   DG  A N1     1 
ATOM   340 C C2     . DG  A 1 8  ? 3.959   -0.831  -3.078  1.00 10.96 ? 8   DG  A C2     1 
ATOM   341 N N2     . DG  A 1 8  ? 4.859   0.058   -2.679  1.00 13.25 ? 8   DG  A N2     1 
ATOM   342 N N3     . DG  A 1 8  ? 4.340   -2.071  -3.310  1.00 12.46 ? 8   DG  A N3     1 
ATOM   343 C C4     . DG  A 1 8  ? 3.305   -2.857  -3.715  1.00 13.22 ? 8   DG  A C4     1 
ATOM   344 H "H5'"  . DG  A 1 8  ? 3.647   -7.898  -5.559  1.00 25.58 ? 8   DG  A "H5'"  1 
ATOM   345 H "H5''" . DG  A 1 8  ? 4.459   -7.485  -6.859  1.00 25.58 ? 8   DG  A "H5''" 1 
ATOM   346 H "H4'"  . DG  A 1 8  ? 6.246   -6.870  -5.507  1.00 23.52 ? 8   DG  A "H4'"  1 
ATOM   347 H "H3'"  . DG  A 1 8  ? 5.097   -8.130  -3.513  1.00 24.56 ? 8   DG  A "H3'"  1 
ATOM   348 H "H2'"  . DG  A 1 8  ? 3.527   -6.575  -3.056  1.00 22.87 ? 8   DG  A "H2'"  1 
ATOM   349 H "H2''" . DG  A 1 8  ? 4.706   -5.999  -2.141  1.00 22.87 ? 8   DG  A "H2''" 1 
ATOM   350 H "H1'"  . DG  A 1 8  ? 5.337   -4.503  -3.712  1.00 19.60 ? 8   DG  A "H1'"  1 
ATOM   351 H H8     . DG  A 1 8  ? 1.884   -5.452  -4.614  1.00 16.02 ? 8   DG  A H8     1 
ATOM   352 H H1     . DG  A 1 8  ? 2.525   0.433   -3.050  1.00 12.80 ? 8   DG  A H1     1 
ATOM   353 H H21    . DG  A 1 8  ? 5.680   -0.176  -2.576  1.00 15.90 ? 8   DG  A H21    1 
ATOM   354 H H22    . DG  A 1 8  ? 4.622   0.870   -2.524  1.00 15.90 ? 8   DG  A H22    1 
ATOM   355 P P      . DG  A 1 9  ? 7.175   -7.677  -1.794  1.00 26.93 ? 9   DG  A P      1 
ATOM   356 O OP1    . DG  A 1 9  ? 8.500   -8.315  -2.003  1.00 31.13 ? 9   DG  A OP1    1 
ATOM   357 O OP2    . DG  A 1 9  ? 6.068   -8.474  -1.216  1.00 28.60 ? 9   DG  A OP2    1 
ATOM   358 O "O5'"  . DG  A 1 9  ? 7.290   -6.365  -0.887  1.00 27.96 ? 9   DG  A "O5'"  1 
ATOM   359 C "C5'"  . DG  A 1 9  ? 8.252   -5.382  -1.222  1.00 27.42 ? 9   DG  A "C5'"  1 
ATOM   360 C "C4'"  . DG  A 1 9  ? 8.261   -4.271  -0.201  1.00 23.57 ? 9   DG  A "C4'"  1 
ATOM   361 O "O4'"  . DG  A 1 9  ? 7.166   -3.366  -0.466  1.00 20.60 ? 9   DG  A "O4'"  1 
ATOM   362 C "C3'"  . DG  A 1 9  ? 8.108   -4.737  1.249   1.00 22.85 ? 9   DG  A "C3'"  1 
ATOM   363 O "O3'"  . DG  A 1 9  ? 9.136   -4.155  2.042   1.00 25.97 ? 9   DG  A "O3'"  1 
ATOM   364 C "C2'"  . DG  A 1 9  ? 6.709   -4.285  1.639   1.00 21.48 ? 9   DG  A "C2'"  1 
ATOM   365 C "C1'"  . DG  A 1 9  ? 6.474   -3.102  0.722   1.00 19.37 ? 9   DG  A "C1'"  1 
ATOM   366 N N9     . DG  A 1 9  ? 5.091   -2.892  0.386   1.00 14.86 ? 9   DG  A N9     1 
ATOM   367 C C8     . DG  A 1 9  ? 4.206   -3.814  -0.104  1.00 14.94 ? 9   DG  A C8     1 
ATOM   368 N N7     . DG  A 1 9  ? 3.024   -3.324  -0.314  1.00 12.89 ? 9   DG  A N7     1 
ATOM   369 C C5     . DG  A 1 9  ? 3.147   -1.980  0.037   1.00 11.70 ? 9   DG  A C5     1 
ATOM   370 C C6     . DG  A 1 9  ? 2.191   -0.936  0.030   1.00 11.36 ? 9   DG  A C6     1 
ATOM   371 O O6     . DG  A 1 9  ? 1.002   -0.993  -0.304  1.00 12.31 ? 9   DG  A O6     1 
ATOM   372 N N1     . DG  A 1 9  ? 2.738   0.272   0.469   1.00 11.45 ? 9   DG  A N1     1 
ATOM   373 C C2     . DG  A 1 9  ? 4.040   0.428   0.888   1.00 12.36 ? 9   DG  A C2     1 
ATOM   374 N N2     . DG  A 1 9  ? 4.381   1.654   1.291   1.00 13.91 ? 9   DG  A N2     1 
ATOM   375 N N3     . DG  A 1 9  ? 4.940   -0.546  0.895   1.00 13.73 ? 9   DG  A N3     1 
ATOM   376 C C4     . DG  A 1 9  ? 4.416   -1.713  0.470   1.00 13.41 ? 9   DG  A C4     1 
ATOM   377 H "H5'"  . DG  A 1 9  ? 8.040   -5.013  -2.094  1.00 32.90 ? 9   DG  A "H5'"  1 
ATOM   378 H "H5''" . DG  A 1 9  ? 9.130   -5.793  -1.254  1.00 32.90 ? 9   DG  A "H5''" 1 
ATOM   379 H "H4'"  . DG  A 1 9  ? 9.095   -3.782  -0.283  1.00 28.28 ? 9   DG  A "H4'"  1 
ATOM   380 H "H3'"  . DG  A 1 9  ? 8.165   -5.704  1.291   1.00 27.41 ? 9   DG  A "H3'"  1 
ATOM   381 H "H2'"  . DG  A 1 9  ? 6.061   -4.987  1.467   1.00 25.77 ? 9   DG  A "H2'"  1 
ATOM   382 H "H2''" . DG  A 1 9  ? 6.683   -4.010  2.568   1.00 25.77 ? 9   DG  A "H2''" 1 
ATOM   383 H "H1'"  . DG  A 1 9  ? 6.833   -2.300  1.133   1.00 23.24 ? 9   DG  A "H1'"  1 
ATOM   384 H H8     . DG  A 1 9  ? 4.425   -4.705  -0.255  1.00 17.93 ? 9   DG  A H8     1 
ATOM   385 H H1     . DG  A 1 9  ? 2.220   0.958   0.502   1.00 13.74 ? 9   DG  A H1     1 
ATOM   386 H H21    . DG  A 1 9  ? 5.183   1.812   1.556   1.00 16.69 ? 9   DG  A H21    1 
ATOM   387 H H22    . DG  A 1 9  ? 3.797   2.286   1.286   1.00 16.69 ? 9   DG  A H22    1 
ATOM   388 P P      . DG  A 1 10 ? 9.208   -4.350  3.637   1.00 28.06 ? 10  DG  A P      1 
ATOM   389 O OP1    . DG  A 1 10 ? 10.645  -4.484  3.991   1.00 32.03 ? 10  DG  A OP1    1 
ATOM   390 O OP2    . DG  A 1 10 ? 8.240   -5.375  4.060   1.00 29.36 ? 10  DG  A OP2    1 
ATOM   391 O "O5'"  . DG  A 1 10 ? 8.659   -2.963  4.193   1.00 26.21 ? 10  DG  A "O5'"  1 
ATOM   392 C "C5'"  . DG  A 1 10 ? 9.378   -1.782  3.914   1.00 26.72 ? 10  DG  A "C5'"  1 
ATOM   393 C "C4'"  . DG  A 1 10 ? 8.877   -0.648  4.763   1.00 25.64 ? 10  DG  A "C4'"  1 
ATOM   394 O "O4'"  . DG  A 1 10 ? 7.574   -0.246  4.284   1.00 23.09 ? 10  DG  A "O4'"  1 
ATOM   395 C "C3'"  . DG  A 1 10 ? 8.702   -0.977  6.238   1.00 26.92 ? 10  DG  A "C3'"  1 
ATOM   396 O "O3'"  . DG  A 1 10 ? 9.094   0.131   7.033   1.00 32.12 ? 10  DG  A "O3'"  1 
ATOM   397 C "C2'"  . DG  A 1 10 ? 7.214   -1.267  6.367   1.00 25.00 ? 10  DG  A "C2'"  1 
ATOM   398 C "C1'"  . DG  A 1 10 ? 6.615   -0.338  5.326   1.00 20.89 ? 10  DG  A "C1'"  1 
ATOM   399 N N9     . DG  A 1 10 ? 5.378   -0.806  4.738   1.00 17.31 ? 10  DG  A N9     1 
ATOM   400 C C8     . DG  A 1 10 ? 5.120   -2.047  4.214   1.00 18.12 ? 10  DG  A C8     1 
ATOM   401 N N7     . DG  A 1 10 ? 3.917   -2.160  3.725   1.00 15.96 ? 10  DG  A N7     1 
ATOM   402 C C5     . DG  A 1 10 ? 3.351   -0.916  3.935   1.00 14.32 ? 10  DG  A C5     1 
ATOM   403 C C6     . DG  A 1 10 ? 2.058   -0.442  3.630   1.00 13.17 ? 10  DG  A C6     1 
ATOM   404 O O6     . DG  A 1 10 ? 1.132   -1.047  3.072   1.00 13.33 ? 10  DG  A O6     1 
ATOM   405 N N1     . DG  A 1 10 ? 1.894   0.891   4.022   1.00 12.85 ? 10  DG  A N1     1 
ATOM   406 C C2     . DG  A 1 10 ? 2.852   1.636   4.662   1.00 13.42 ? 10  DG  A C2     1 
ATOM   407 N N2     . DG  A 1 10 ? 2.530   2.900   4.964   1.00 15.50 ? 10  DG  A N2     1 
ATOM   408 N N3     . DG  A 1 10 ? 4.061   1.196   4.940   1.00 15.84 ? 10  DG  A N3     1 
ATOM   409 C C4     . DG  A 1 10 ? 4.241   -0.076  4.558   1.00 14.40 ? 10  DG  A C4     1 
ATOM   410 H "H5'"  . DG  A 1 10 ? 9.268   -1.553  2.977   1.00 32.06 ? 10  DG  A "H5'"  1 
ATOM   411 H "H5''" . DG  A 1 10 ? 10.318  -1.929  4.099   1.00 32.06 ? 10  DG  A "H5''" 1 
ATOM   412 H "H4'"  . DG  A 1 10 ? 9.488   0.101   4.678   1.00 30.77 ? 10  DG  A "H4'"  1 
ATOM   413 H "H3'"  . DG  A 1 10 ? 9.220   -1.762  6.472   1.00 32.30 ? 10  DG  A "H3'"  1 
ATOM   414 H "H2'"  . DG  A 1 10 ? 7.023   -2.195  6.153   1.00 30.00 ? 10  DG  A "H2'"  1 
ATOM   415 H "H2''" . DG  A 1 10 ? 6.894   -1.043  7.255   1.00 30.00 ? 10  DG  A "H2''" 1 
ATOM   416 H "H1'"  . DG  A 1 10 ? 6.476   0.538   5.717   1.00 25.07 ? 10  DG  A "H1'"  1 
ATOM   417 H H8     . DG  A 1 10 ? 5.747   -2.734  4.195   1.00 21.74 ? 10  DG  A H8     1 
ATOM   418 H H1     . DG  A 1 10 ? 1.131   1.260   3.879   1.00 15.42 ? 10  DG  A H1     1 
ATOM   419 H H21    . DG  A 1 10 ? 3.112   3.413   5.336   1.00 18.60 ? 10  DG  A H21    1 
ATOM   420 H H22    . DG  A 1 10 ? 1.744   3.198   4.786   1.00 18.60 ? 10  DG  A H22    1 
ATOM   421 P P      . DT  A 1 11 ? 9.981   -0.086  8.354   1.00 37.45 ? 11  DT  A P      1 
ATOM   422 O OP1    . DT  A 1 11 ? 9.465   -1.248  9.106   1.00 38.81 ? 11  DT  A OP1    1 
ATOM   423 O OP2    . DT  A 1 11 ? 10.080  1.219   9.051   1.00 40.99 ? 11  DT  A OP2    1 
ATOM   424 O "O5'"  . DT  A 1 11 ? 11.394  -0.548  7.783   1.00 36.23 ? 11  DT  A "O5'"  1 
ATOM   425 C "C5'"  . DT  A 1 11 ? 12.195  0.332   7.021   1.00 33.29 ? 11  DT  A "C5'"  1 
ATOM   426 C "C4'"  . DT  A 1 11 ? 13.301  -0.445  6.345   1.00 31.17 ? 11  DT  A "C4'"  1 
ATOM   427 O "O4'"  . DT  A 1 11 ? 12.742  -1.192  5.247   1.00 33.48 ? 11  DT  A "O4'"  1 
ATOM   428 C "C3'"  . DT  A 1 11 ? 14.431  0.393   5.754   1.00 32.56 ? 11  DT  A "C3'"  1 
ATOM   429 O "O3'"  . DT  A 1 11 ? 15.645  0.108   6.442   1.00 31.43 ? 11  DT  A "O3'"  1 
ATOM   430 C "C2'"  . DT  A 1 11 ? 14.487  -0.013  4.272   1.00 33.70 ? 11  DT  A "C2'"  1 
ATOM   431 C "C1'"  . DT  A 1 11 ? 13.718  -1.325  4.253   1.00 34.27 ? 11  DT  A "C1'"  1 
ATOM   432 N N1     . DT  A 1 11 ? 13.037  -1.643  2.958   1.00 33.29 ? 11  DT  A N1     1 
ATOM   433 C C2     . DT  A 1 11 ? 13.218  -2.887  2.400   1.00 35.37 ? 11  DT  A C2     1 
ATOM   434 O O2     . DT  A 1 11 ? 13.918  -3.737  2.896   1.00 37.58 ? 11  DT  A O2     1 
ATOM   435 N N3     . DT  A 1 11 ? 12.548  -3.093  1.227   1.00 30.64 ? 11  DT  A N3     1 
ATOM   436 C C4     . DT  A 1 11 ? 11.730  -2.204  0.569   1.00 31.51 ? 11  DT  A C4     1 
ATOM   437 O O4     . DT  A 1 11 ? 11.170  -2.481  -0.485  1.00 32.88 ? 11  DT  A O4     1 
ATOM   438 C C5     . DT  A 1 11 ? 11.564  -0.929  1.203   1.00 31.56 ? 11  DT  A C5     1 
ATOM   439 C C7     . DT  A 1 11 ? 10.683  0.097   0.565   1.00 32.09 ? 11  DT  A C7     1 
ATOM   440 C C6     . DT  A 1 11 ? 12.219  -0.703  2.361   1.00 32.95 ? 11  DT  A C6     1 
ATOM   441 H "H5'"  . DT  A 1 11 ? 12.582  1.003   7.604   1.00 39.95 ? 11  DT  A "H5'"  1 
ATOM   442 H "H5''" . DT  A 1 11 ? 11.648  0.766   6.348   1.00 39.95 ? 11  DT  A "H5''" 1 
ATOM   443 H "H4'"  . DT  A 1 11 ? 13.678  -1.068  6.985   1.00 37.40 ? 11  DT  A "H4'"  1 
ATOM   444 H "H3'"  . DT  A 1 11 ? 14.220  1.337   5.831   1.00 39.07 ? 11  DT  A "H3'"  1 
ATOM   445 H "H2'"  . DT  A 1 11 ? 14.046  0.650   3.717   1.00 40.44 ? 11  DT  A "H2'"  1 
ATOM   446 H "H2''" . DT  A 1 11 ? 15.404  -0.148  3.987   1.00 40.44 ? 11  DT  A "H2''" 1 
ATOM   447 H "H1'"  . DT  A 1 11 ? 14.318  -2.051  4.488   1.00 41.12 ? 11  DT  A "H1'"  1 
ATOM   448 H H3     . DT  A 1 11 ? 12.655  -3.861  0.855   1.00 36.77 ? 11  DT  A H3     1 
ATOM   449 H H71    . DT  A 1 11 ? 9.962   0.326   1.171   1.00 38.51 ? 11  DT  A H71    1 
ATOM   450 H H72    . DT  A 1 11 ? 11.203  0.890   0.366   1.00 38.51 ? 11  DT  A H72    1 
ATOM   451 H H73    . DT  A 1 11 ? 10.314  -0.262  -0.258  1.00 38.51 ? 11  DT  A H73    1 
ATOM   452 H H6     . DT  A 1 11 ? 12.114  0.123   2.775   1.00 39.54 ? 11  DT  A H6     1 
ATOM   453 P P      . DT  A 1 12 ? 16.421  1.284   7.205   1.00 33.77 ? 12  DT  A P      1 
ATOM   454 O OP1    . DT  A 1 12 ? 17.710  0.762   7.704   1.00 37.58 ? 12  DT  A OP1    1 
ATOM   455 O OP2    . DT  A 1 12 ? 15.463  1.930   8.135   1.00 37.63 ? 12  DT  A OP2    1 
ATOM   456 O "O5'"  . DT  A 1 12 ? 16.702  2.305   6.025   1.00 33.59 ? 12  DT  A "O5'"  1 
ATOM   457 C "C5'"  . DT  A 1 12 ? 17.105  3.620   6.305   1.00 31.45 ? 12  DT  A "C5'"  1 
ATOM   458 C "C4'"  . DT  A 1 12 ? 17.387  4.336   5.013   1.00 30.21 ? 12  DT  A "C4'"  1 
ATOM   459 O "O4'"  . DT  A 1 12 ? 18.561  3.752   4.385   1.00 29.21 ? 12  DT  A "O4'"  1 
ATOM   460 C "C3'"  . DT  A 1 12 ? 16.293  4.198   3.971   1.00 28.77 ? 12  DT  A "C3'"  1 
ATOM   461 O "O3'"  . DT  A 1 12 ? 15.273  5.169   4.150   1.00 30.90 ? 12  DT  A "O3'"  1 
ATOM   462 C "C2'"  . DT  A 1 12 ? 17.063  4.395   2.682   1.00 29.29 ? 12  DT  A "C2'"  1 
ATOM   463 C "C1'"  . DT  A 1 12 ? 18.387  3.712   2.982   1.00 28.38 ? 12  DT  A "C1'"  1 
ATOM   464 N N1     . DT  A 1 12 ? 18.429  2.295   2.525   1.00 27.92 ? 12  DT  A N1     1 
ATOM   465 C C2     . DT  A 1 12 ? 18.426  2.046   1.182   1.00 26.51 ? 12  DT  A C2     1 
ATOM   466 O O2     . DT  A 1 12 ? 18.387  2.933   0.345   1.00 27.91 ? 12  DT  A O2     1 
ATOM   467 N N3     . DT  A 1 12 ? 18.474  0.718   0.841   1.00 27.19 ? 12  DT  A N3     1 
ATOM   468 C C4     . DT  A 1 12 ? 18.505  -0.360  1.702   1.00 28.99 ? 12  DT  A C4     1 
ATOM   469 O O4     . DT  A 1 12 ? 18.543  -1.528  1.296   1.00 30.22 ? 12  DT  A O4     1 
ATOM   470 C C5     . DT  A 1 12 ? 18.503  -0.027  3.107   1.00 29.14 ? 12  DT  A C5     1 
ATOM   471 C C7     . DT  A 1 12 ? 18.544  -1.115  4.140   1.00 31.13 ? 12  DT  A C7     1 
ATOM   472 C C6     . DT  A 1 12 ? 18.465  1.276   3.452   1.00 27.92 ? 12  DT  A C6     1 
ATOM   473 H "H5'"  . DT  A 1 12 ? 17.907  3.604   6.850   1.00 37.74 ? 12  DT  A "H5'"  1 
ATOM   474 H "H5''" . DT  A 1 12 ? 16.397  4.080   6.783   1.00 37.74 ? 12  DT  A "H5''" 1 
ATOM   475 H "H4'"  . DT  A 1 12 ? 17.549  5.276   5.191   1.00 36.25 ? 12  DT  A "H4'"  1 
ATOM   476 H "H3'"  . DT  A 1 12 ? 15.915  3.305   4.001   1.00 34.52 ? 12  DT  A "H3'"  1 
ATOM   477 H "H2'"  . DT  A 1 12 ? 16.611  3.960   1.941   1.00 35.14 ? 12  DT  A "H2'"  1 
ATOM   478 H "H2''" . DT  A 1 12 ? 17.196  5.339   2.501   1.00 35.14 ? 12  DT  A "H2''" 1 
ATOM   479 H "H1'"  . DT  A 1 12 ? 19.105  4.206   2.557   1.00 34.06 ? 12  DT  A "H1'"  1 
ATOM   480 H H3     . DT  A 1 12 ? 18.468  0.537   0.000   1.00 32.63 ? 12  DT  A H3     1 
ATOM   481 H H71    . DT  A 1 12 ? 19.336  -1.009  4.689   1.00 37.36 ? 12  DT  A H71    1 
ATOM   482 H H72    . DT  A 1 12 ? 17.754  -1.060  4.699   1.00 37.36 ? 12  DT  A H72    1 
ATOM   483 H H73    . DT  A 1 12 ? 18.569  -1.978  3.699   1.00 37.36 ? 12  DT  A H73    1 
ATOM   484 H H6     . DT  A 1 12 ? 18.464  1.497   4.355   1.00 33.51 ? 12  DT  A H6     1 
ATOM   485 P P      A DA  A 1 13 ? 13.730  4.793   3.893   0.65 30.67 ? 13  DA  A P      1 
ATOM   486 P P      B DA  A 1 13 ? 13.745  4.828   3.780   0.35 34.42 ? 13  DA  A P      1 
ATOM   487 O OP1    A DA  A 1 13 ? 12.934  5.986   4.235   0.65 33.04 ? 13  DA  A OP1    1 
ATOM   488 O OP1    B DA  A 1 13 ? 12.949  6.061   3.959   0.35 35.74 ? 13  DA  A OP1    1 
ATOM   489 O OP2    A DA  A 1 13 ? 13.383  3.527   4.581   0.65 29.27 ? 13  DA  A OP2    1 
ATOM   490 O OP2    B DA  A 1 13 ? 13.361  3.611   4.530   0.35 33.92 ? 13  DA  A OP2    1 
ATOM   491 O "O5'"  A DA  A 1 13 ? 13.658  4.590   2.302   0.65 29.65 ? 13  DA  A "O5'"  1 
ATOM   492 O "O5'"  B DA  A 1 13 ? 13.779  4.465   2.216   0.35 35.32 ? 13  DA  A "O5'"  1 
ATOM   493 C "C5'"  A DA  A 1 13 ? 14.171  5.618   1.429   0.65 27.26 ? 13  DA  A "C5'"  1 
ATOM   494 C "C5'"  B DA  A 1 13 ? 13.707  5.506   1.222   0.35 35.91 ? 13  DA  A "C5'"  1 
ATOM   495 C "C4'"  A DA  A 1 13 ? 13.865  5.316   -0.030  0.65 23.99 ? 13  DA  A "C4'"  1 
ATOM   496 C "C4'"  B DA  A 1 13 ? 13.233  4.951   -0.117  0.35 34.59 ? 13  DA  A "C4'"  1 
ATOM   497 O "O4'"  A DA  A 1 13 ? 14.604  4.134   -0.445  0.65 24.59 ? 13  DA  A "O4'"  1 
ATOM   498 O "O4'"  B DA  A 1 13 ? 14.097  3.843   -0.513  0.35 35.10 ? 13  DA  A "O4'"  1 
ATOM   499 C "C3'"  A DA  A 1 13 ? 12.402  5.007   -0.324  0.65 22.66 ? 13  DA  A "C3'"  1 
ATOM   500 C "C3'"  B DA  A 1 13 ? 11.837  4.328   -0.093  0.35 32.94 ? 13  DA  A "C3'"  1 
ATOM   501 O "O3'"  A DA  A 1 13 ? 12.051  5.389   -1.655  0.65 23.57 ? 13  DA  A "O3'"  1 
ATOM   502 O "O3'"  B DA  A 1 13 ? 11.345  4.183   -1.430  0.35 28.66 ? 13  DA  A "O3'"  1 
ATOM   503 C "C2'"  A DA  A 1 13 ? 12.343  3.501   -0.131  0.65 20.04 ? 13  DA  A "C2'"  1 
ATOM   504 C "C2'"  B DA  A 1 13 ? 12.188  2.972   0.438   0.35 33.52 ? 13  DA  A "C2'"  1 
ATOM   505 C "C1'"  A DA  A 1 13 ? 13.687  3.081   -0.726  0.65 22.20 ? 13  DA  A "C1'"  1 
ATOM   506 C "C1'"  B DA  A 1 13 ? 13.296  2.680   -0.549  0.35 34.35 ? 13  DA  A "C1'"  1 
ATOM   507 N N9     A DA  A 1 13 ? 14.217  1.827   -0.183  0.65 24.33 ? 13  DA  A N9     1 
ATOM   508 N N9     B DA  A 1 13 ? 14.088  1.503   -0.245  0.35 32.86 ? 13  DA  A N9     1 
ATOM   509 C C8     A DA  A 1 13 ? 14.948  1.665   0.962   0.65 26.50 ? 13  DA  A C8     1 
ATOM   510 C C8     B DA  A 1 13 ? 14.939  1.320   0.805   0.35 32.85 ? 13  DA  A C8     1 
ATOM   511 N N7     A DA  A 1 13 ? 15.299  0.416   1.197   0.65 24.18 ? 13  DA  A N7     1 
ATOM   512 N N7     B DA  A 1 13 ? 15.512  0.140   0.816   0.35 32.34 ? 13  DA  A N7     1 
ATOM   513 C C5     A DA  A 1 13 ? 14.772  -0.285  0.123   0.65 23.37 ? 13  DA  A C5     1 
ATOM   514 C C5     B DA  A 1 13 ? 14.994  -0.491  -0.303  0.35 32.09 ? 13  DA  A C5     1 
ATOM   515 C C6     A DA  A 1 13 ? 14.794  -1.656  -0.230  0.65 28.36 ? 13  DA  A C6     1 
ATOM   516 C C6     B DA  A 1 13 ? 15.204  -1.769  -0.855  0.35 31.42 ? 13  DA  A C6     1 
ATOM   517 N N6     A DA  A 1 13 ? 15.395  -2.597  0.497   0.65 28.51 ? 13  DA  A N6     1 
ATOM   518 N N6     B DA  A 1 13 ? 16.027  -2.672  -0.322  0.35 31.69 ? 13  DA  A N6     1 
ATOM   519 N N1     A DA  A 1 13 ? 14.164  -2.021  -1.362  0.65 26.61 ? 13  DA  A N1     1 
ATOM   520 N N1     B DA  A 1 13 ? 14.531  -2.082  -1.981  0.35 32.06 ? 13  DA  A N1     1 
ATOM   521 C C2     A DA  A 1 13 ? 13.570  -1.076  -2.088  0.65 24.49 ? 13  DA  A C2     1 
ATOM   522 C C2     B DA  A 1 13 ? 13.708  -1.172  -2.516  0.35 32.15 ? 13  DA  A C2     1 
ATOM   523 N N3     A DA  A 1 13 ? 13.478  0.230   -1.852  0.65 23.48 ? 13  DA  A N3     1 
ATOM   524 N N3     B DA  A 1 13 ? 13.432  0.058   -2.089  0.35 32.54 ? 13  DA  A N3     1 
ATOM   525 C C4     A DA  A 1 13 ? 14.114  0.569   -0.736  0.65 23.28 ? 13  DA  A C4     1 
ATOM   526 C C4     B DA  A 1 13 ? 14.118  0.337   -0.967  0.35 32.89 ? 13  DA  A C4     1 
ATOM   527 H "H5'"  A DA  A 1 13 ? 15.132  5.679   1.544   0.65 32.71 ? 13  DA  A "H5'"  1 
ATOM   528 H "H5''" A DA  A 1 13 ? 13.769  6.467   1.668   0.65 32.71 ? 13  DA  A "H5''" 1 
ATOM   529 H "H4'"  A DA  A 1 13 ? 14.144  6.071   -0.573  0.65 28.79 ? 13  DA  A "H4'"  1 
ATOM   530 H "H3'"  A DA  A 1 13 ? 11.828  5.452   0.319   0.65 27.20 ? 13  DA  A "H3'"  1 
ATOM   531 H "H2''" A DA  A 1 13 ? 11.629  3.140   -0.680  0.65 24.05 ? 13  DA  A "H2''" 1 
ATOM   532 H "H1'"  A DA  A 1 13 ? 13.594  2.993   -1.688  0.65 26.64 ? 13  DA  A "H1'"  1 
ATOM   533 H H8     A DA  A 1 13 ? 15.170  2.369   1.527   0.65 31.80 ? 13  DA  A H8     1 
ATOM   534 H H61    A DA  A 1 13 ? 15.376  -3.418  0.239   0.65 34.21 ? 13  DA  A H61    1 
ATOM   535 H H62    A DA  A 1 13 ? 15.802  -2.385  1.223   0.65 34.21 ? 13  DA  A H62    1 
ATOM   536 H H2     A DA  A 1 13 ? 13.148  -1.373  -2.862  0.65 29.39 ? 13  DA  A H2     1 
ATOM   537 P P      A DG  A 1 14 ? 11.541  6.873   -1.977  0.65 26.16 ? 14  DG  A P      1 
ATOM   538 P P      B DG  A 1 14 ? 9.923   3.469   -1.698  0.35 22.74 ? 14  DG  A P      1 
ATOM   539 O OP1    A DG  A 1 14 ? 11.326  6.948   -3.437  0.65 30.60 ? 14  DG  A OP1    1 
ATOM   540 O OP1    B DG  A 1 14 ? 9.778   2.268   -0.856  0.35 27.14 ? 14  DG  A OP1    1 
ATOM   541 O OP2    A DG  A 1 14 ? 12.469  7.830   -1.342  0.65 28.70 ? 14  DG  A OP2    1 
ATOM   542 O OP2    B DG  A 1 14 ? 9.757   3.322   -3.160  0.35 19.81 ? 14  DG  A OP2    1 
ATOM   543 O "O5'"  A DG  A 1 14 ? 10.161  6.983   -1.212  0.65 22.57 ? 14  DG  A "O5'"  1 
ATOM   544 O "O5'"  B DG  A 1 14 ? 8.901   4.563   -1.156  0.35 21.86 ? 14  DG  A "O5'"  1 
ATOM   545 C "C5'"  A DG  A 1 14 ? 9.090   6.184   -1.598  0.65 20.15 ? 14  DG  A "C5'"  1 
ATOM   546 C "C5'"  B DG  A 1 14 ? 9.051   5.908   -1.573  0.35 23.34 ? 14  DG  A "C5'"  1 
ATOM   547 C "C4'"  A DG  A 1 14 ? 7.812   6.817   -1.131  0.65 17.04 ? 14  DG  A "C4'"  1 
ATOM   548 C "C4'"  B DG  A 1 14 ? 7.910   6.766   -1.063  0.35 23.24 ? 14  DG  A "C4'"  1 
ATOM   549 O "O4'"  A DG  A 1 14 ? 6.685   6.194   -1.779  0.65 14.75 ? 14  DG  A "O4'"  1 
ATOM   550 O "O4'"  B DG  A 1 14 ? 6.674   6.384   -1.726  0.35 21.66 ? 14  DG  A "O4'"  1 
ATOM   551 C "C3'"  A DG  A 1 14 ? 7.557   6.701   0.373   0.65 17.94 ? 14  DG  A "C3'"  1 
ATOM   552 C "C3'"  B DG  A 1 14 ? 7.635   6.659   0.431   0.35 23.84 ? 14  DG  A "C3'"  1 
ATOM   553 O "O3'"  A DG  A 1 14 ? 7.269   7.989   0.908   0.65 22.12 ? 14  DG  A "O3'"  1 
ATOM   554 O "O3'"  B DG  A 1 14 ? 7.252   7.942   0.921   0.35 26.12 ? 14  DG  A "O3'"  1 
ATOM   555 C "C2'"  A DG  A 1 14 ? 6.378   5.747   0.490   0.65 14.39 ? 14  DG  A "C2'"  1 
ATOM   556 C "C2'"  B DG  A 1 14 ? 6.484   5.656   0.495   0.35 21.45 ? 14  DG  A "C2'"  1 
ATOM   557 C "C1'"  A DG  A 1 14 ? 5.670   5.974   -0.830  0.65 13.54 ? 14  DG  A "C1'"  1 
ATOM   558 C "C1'"  B DG  A 1 14 ? 5.709   6.005   -0.768  0.35 19.77 ? 14  DG  A "C1'"  1 
ATOM   559 N N9     A DG  A 1 14 ? 4.876   4.835   -1.256  0.65 12.59 ? 14  DG  A N9     1 
ATOM   560 N N9     B DG  A 1 14 ? 4.938   4.893   -1.322  0.35 15.49 ? 14  DG  A N9     1 
ATOM   561 C C8     A DG  A 1 14 ? 5.330   3.567   -1.562  0.65 12.78 ? 14  DG  A C8     1 
ATOM   562 C C8     B DG  A 1 14 ? 5.425   3.685   -1.775  0.35 14.39 ? 14  DG  A C8     1 
ATOM   563 N N7     A DG  A 1 14 ? 4.381   2.752   -1.926  0.65 11.59 ? 14  DG  A N7     1 
ATOM   564 N N7     B DG  A 1 14 ? 4.497   2.886   -2.234  0.35 13.45 ? 14  DG  A N7     1 
ATOM   565 C C5     A DG  A 1 14 ? 3.230   3.522   -1.859  0.65 10.53 ? 14  DG  A C5     1 
ATOM   566 C C5     B DG  A 1 14 ? 3.321   3.612   -2.089  0.35 12.79 ? 14  DG  A C5     1 
ATOM   567 C C6     A DG  A 1 14 ? 1.896   3.181   -2.144  0.65 11.47 ? 14  DG  A C6     1 
ATOM   568 C C6     B DG  A 1 14 ? 1.989   3.266   -2.419  0.35 11.15 ? 14  DG  A C6     1 
ATOM   569 O O6     A DG  A 1 14 ? 1.451   2.090   -2.523  0.65 13.19 ? 14  DG  A O6     1 
ATOM   570 O O6     B DG  A 1 14 ? 1.565   2.211   -2.919  0.35 8.00  ? 14  DG  A O6     1 
ATOM   571 N N1     A DG  A 1 14 ? 1.035   4.228   -1.955  0.65 10.68 ? 14  DG  A N1     1 
ATOM   572 N N1     B DG  A 1 14 ? 1.103   4.270   -2.116  0.35 12.08 ? 14  DG  A N1     1 
ATOM   573 C C2     A DG  A 1 14 ? 1.426   5.491   -1.548  0.65 12.16 ? 14  DG  A C2     1 
ATOM   574 C C2     B DG  A 1 14 ? 1.449   5.478   -1.564  0.35 12.63 ? 14  DG  A C2     1 
ATOM   575 N N2     A DG  A 1 14 ? 0.457   6.396   -1.418  0.65 15.50 ? 14  DG  A N2     1 
ATOM   576 N N2     B DG  A 1 14 ? 0.440   6.322   -1.342  0.35 11.01 ? 14  DG  A N2     1 
ATOM   577 N N3     A DG  A 1 14 ? 2.680   5.839   -1.275  0.65 11.41 ? 14  DG  A N3     1 
ATOM   578 N N3     B DG  A 1 14 ? 2.694   5.832   -1.245  0.35 13.46 ? 14  DG  A N3     1 
ATOM   579 C C4     A DG  A 1 14 ? 3.526   4.806   -1.448  0.65 11.17 ? 14  DG  A C4     1 
ATOM   580 C C4     B DG  A 1 14 ? 3.578   4.851   -1.534  0.35 13.51 ? 14  DG  A C4     1 
ATOM   581 H "H5'"  A DG  A 1 14 ? 9.182   5.304   -1.199  0.65 24.18 ? 14  DG  A "H5'"  1 
ATOM   582 H "H5''" A DG  A 1 14 ? 9.077   6.102   -2.564  0.65 24.18 ? 14  DG  A "H5''" 1 
ATOM   583 H "H4'"  A DG  A 1 14 ? 7.826   7.757   -1.370  0.65 20.45 ? 14  DG  A "H4'"  1 
ATOM   584 H "H3'"  A DG  A 1 14 ? 8.335   6.324   0.814   0.65 21.53 ? 14  DG  A "H3'"  1 
ATOM   585 H "H2''" A DG  A 1 14 ? 5.802   6.043   1.212   0.65 17.27 ? 14  DG  A "H2''" 1 
ATOM   586 H "H1'"  A DG  A 1 14 ? 5.107   6.761   -0.767  0.65 16.24 ? 14  DG  A "H1'"  1 
ATOM   587 H H8     A DG  A 1 14 ? 6.225   3.319   -1.510  0.65 15.34 ? 14  DG  A H8     1 
ATOM   588 H H1     A DG  A 1 14 ? 0.201   4.095   -2.113  0.65 12.82 ? 14  DG  A H1     1 
ATOM   589 H H21    A DG  A 1 14 ? 0.646   7.195   -1.159  0.65 18.60 ? 14  DG  A H21    1 
ATOM   590 H H22    A DG  A 1 14 ? -0.358  6.182   -1.592  0.65 18.60 ? 14  DG  A H22    1 
ATOM   591 P P      . DG  A 1 15 ? 7.186   8.241   2.496   1.00 26.37 ? 15  DG  A P      1 
ATOM   592 O OP1    . DG  A 1 15 ? 7.704   9.617   2.729   1.00 30.41 ? 15  DG  A OP1    1 
ATOM   593 O OP2    . DG  A 1 15 ? 7.798   7.108   3.227   1.00 29.12 ? 15  DG  A OP2    1 
ATOM   594 O "O5'"  . DG  A 1 15 ? 5.631   8.191   2.812   1.00 25.04 ? 15  DG  A "O5'"  1 
ATOM   595 C "C5'"  . DG  A 1 15 ? 4.814   9.266   2.441   1.00 22.25 ? 15  DG  A "C5'"  1 
ATOM   596 C "C4'"  . DG  A 1 15 ? 3.428   9.063   2.986   1.00 21.81 ? 15  DG  A "C4'"  1 
ATOM   597 O "O4'"  . DG  A 1 15 ? 2.778   8.003   2.234   1.00 21.04 ? 15  DG  A "O4'"  1 
ATOM   598 C "C3'"  . DG  A 1 15 ? 3.375   8.641   4.459   1.00 20.14 ? 15  DG  A "C3'"  1 
ATOM   599 O "O3'"  . DG  A 1 15 ? 2.429   9.460   5.152   1.00 21.69 ? 15  DG  A "O3'"  1 
ATOM   600 C "C2'"  . DG  A 1 15 ? 2.969   7.162   4.386   1.00 18.22 ? 15  DG  A "C2'"  1 
ATOM   601 C "C1'"  . DG  A 1 15 ? 2.135   7.135   3.122   1.00 18.10 ? 15  DG  A "C1'"  1 
ATOM   602 N N9     . DG  A 1 15 ? 2.028   5.825   2.499   1.00 13.96 ? 15  DG  A N9     1 
ATOM   603 C C8     . DG  A 1 15 ? 3.045   4.943   2.247   1.00 14.62 ? 15  DG  A C8     1 
ATOM   604 N N7     . DG  A 1 15 ? 2.634   3.849   1.681   1.00 13.11 ? 15  DG  A N7     1 
ATOM   605 C C5     . DG  A 1 15 ? 1.273   4.009   1.557   1.00 12.04 ? 15  DG  A C5     1 
ATOM   606 C C6     . DG  A 1 15 ? 0.304   3.130   1.020   1.00 12.85 ? 15  DG  A C6     1 
ATOM   607 O O6     . DG  A 1 15 ? 0.486   2.002   0.543   1.00 13.03 ? 15  DG  A O6     1 
ATOM   608 N N1     . DG  A 1 15 ? -0.964  3.685   1.048   1.00 11.98 ? 15  DG  A N1     1 
ATOM   609 C C2     . DG  A 1 15 ? -1.263  4.922   1.583   1.00 12.61 ? 15  DG  A C2     1 
ATOM   610 N N2     . DG  A 1 15 ? -2.541  5.285   1.557   1.00 14.00 ? 15  DG  A N2     1 
ATOM   611 N N3     . DG  A 1 15 ? -0.360  5.747   2.091   1.00 14.36 ? 15  DG  A N3     1 
ATOM   612 C C4     . DG  A 1 15 ? 0.879   5.232   2.044   1.00 12.94 ? 15  DG  A C4     1 
ATOM   613 H "H5'"  . DG  A 1 15 ? 4.775   9.323   1.473   1.00 26.70 ? 15  DG  A "H5'"  1 
ATOM   614 H "H5''" . DG  A 1 15 ? 5.184   10.090  2.798   1.00 26.70 ? 15  DG  A "H5''" 1 
ATOM   615 H "H4'"  . DG  A 1 15 ? 2.922   9.883   2.876   1.00 26.17 ? 15  DG  A "H4'"  1 
ATOM   616 H "H3'"  . DG  A 1 15 ? 4.253   8.727   4.862   1.00 24.16 ? 15  DG  A "H3'"  1 
ATOM   617 H "H2'"  . DG  A 1 15 ? 3.750   6.593   4.299   1.00 21.87 ? 15  DG  A "H2'"  1 
ATOM   618 H "H2''" . DG  A 1 15 ? 2.438   6.911   5.158   1.00 21.87 ? 15  DG  A "H2''" 1 
ATOM   619 H "H1'"  . DG  A 1 15 ? 1.247   7.473   3.315   1.00 21.72 ? 15  DG  A "H1'"  1 
ATOM   620 H H8     . DG  A 1 15 ? 3.936   5.107   2.463   1.00 17.54 ? 15  DG  A H8     1 
ATOM   621 H H1     . DG  A 1 15 ? -1.616  3.208   0.751   1.00 14.38 ? 15  DG  A H1     1 
ATOM   622 H H21    . DG  A 1 15 ? -2.777  6.049   1.871   1.00 16.80 ? 15  DG  A H21    1 
ATOM   623 H H22    . DG  A 1 15 ? -3.132  4.754   1.227   1.00 16.80 ? 15  DG  A H22    1 
ATOM   624 P P      . DG  A 1 16 ? 2.096   9.273   6.709   1.00 23.15 ? 16  DG  A P      1 
ATOM   625 O OP1    . DG  A 1 16 ? 2.069   10.665  7.249   1.00 27.07 ? 16  DG  A OP1    1 
ATOM   626 O OP2    . DG  A 1 16 ? 2.953   8.253   7.346   1.00 24.02 ? 16  DG  A OP2    1 
ATOM   627 O "O5'"  . DG  A 1 16 ? 0.602   8.700   6.680   1.00 22.14 ? 16  DG  A "O5'"  1 
ATOM   628 C "C5'"  . DG  A 1 16 ? -0.401  9.521   6.123   1.00 22.67 ? 16  DG  A "C5'"  1 
ATOM   629 C "C4'"  . DG  A 1 16 ? -1.776  8.966   6.382   1.00 21.50 ? 16  DG  A "C4'"  1 
ATOM   630 O "O4'"  . DG  A 1 16 ? -1.977  7.793   5.556   1.00 20.39 ? 16  DG  A "O4'"  1 
ATOM   631 C "C3'"  . DG  A 1 16 ? -2.030  8.514   7.805   1.00 22.56 ? 16  DG  A "C3'"  1 
ATOM   632 O "O3'"  . DG  A 1 16 ? -3.343  8.830   8.180   1.00 27.63 ? 16  DG  A "O3'"  1 
ATOM   633 C "C2'"  . DG  A 1 16 ? -1.800  7.017   7.755   1.00 20.63 ? 16  DG  A "C2'"  1 
ATOM   634 C "C1'"  . DG  A 1 16 ? -2.283  6.682   6.364   1.00 18.43 ? 16  DG  A "C1'"  1 
ATOM   635 N N9     . DG  A 1 16 ? -1.642  5.521   5.765   1.00 17.03 ? 16  DG  A N9     1 
ATOM   636 C C8     . DG  A 1 16 ? -0.298  5.270   5.682   1.00 16.80 ? 16  DG  A C8     1 
ATOM   637 N N7     . DG  A 1 16 ? -0.027  4.153   5.062   1.00 15.63 ? 16  DG  A N7     1 
ATOM   638 C C5     . DG  A 1 16 ? -1.269  3.657   4.704   1.00 14.60 ? 16  DG  A C5     1 
ATOM   639 C C6     . DG  A 1 16 ? -1.601  2.490   4.006   1.00 13.72 ? 16  DG  A C6     1 
ATOM   640 O O6     . DG  A 1 16 ? -0.846  1.636   3.562   1.00 14.10 ? 16  DG  A O6     1 
ATOM   641 N N1     . DG  A 1 16 ? -2.965  2.344   3.857   1.00 13.83 ? 16  DG  A N1     1 
ATOM   642 C C2     . DG  A 1 16 ? -3.902  3.227   4.319   1.00 15.16 ? 16  DG  A C2     1 
ATOM   643 N N2     . DG  A 1 16 ? -5.184  2.917   4.076   1.00 16.30 ? 16  DG  A N2     1 
ATOM   644 N N3     . DG  A 1 16 ? -3.599  4.340   4.963   1.00 16.50 ? 16  DG  A N3     1 
ATOM   645 C C4     . DG  A 1 16 ? -2.268  4.482   5.117   1.00 15.98 ? 16  DG  A C4     1 
ATOM   646 H "H5'"  . DG  A 1 16 ? -0.260  9.587   5.165   1.00 27.21 ? 16  DG  A "H5'"  1 
ATOM   647 H "H5''" . DG  A 1 16 ? -0.338  10.407  6.513   1.00 27.21 ? 16  DG  A "H5''" 1 
ATOM   648 H "H4'"  . DG  A 1 16 ? -2.435  9.636   6.141   1.00 25.80 ? 16  DG  A "H4'"  1 
ATOM   649 H "H3'"  . DG  A 1 16 ? -1.396  8.933   8.409   1.00 27.07 ? 16  DG  A "H3'"  1 
ATOM   650 H "H2'"  . DG  A 1 16 ? -0.858  6.808   7.855   1.00 24.75 ? 16  DG  A "H2'"  1 
ATOM   651 H "H2''" . DG  A 1 16 ? -2.333  6.562   8.426   1.00 24.75 ? 16  DG  A "H2''" 1 
ATOM   652 H "H1'"  . DG  A 1 16 ? -3.243  6.548   6.379   1.00 22.11 ? 16  DG  A "H1'"  1 
ATOM   653 H H8     . DG  A 1 16 ? 0.353   5.833   6.036   1.00 20.16 ? 16  DG  A H8     1 
ATOM   654 H H1     . DG  A 1 16 ? -3.247  1.645   3.444   1.00 16.60 ? 16  DG  A H1     1 
ATOM   655 H H21    . DG  A 1 16 ? -5.811  3.444   4.338   1.00 19.56 ? 16  DG  A H21    1 
ATOM   656 H H22    . DG  A 1 16 ? -5.379  2.191   3.658   1.00 19.56 ? 16  DG  A H22    1 
ATOM   657 P P      . DT  A 1 17 ? -3.628  9.499   9.601   1.00 32.85 ? 17  DT  A P      1 
ATOM   658 O OP1    . DT  A 1 17 ? -3.006  8.657   10.652  1.00 34.86 ? 17  DT  A OP1    1 
ATOM   659 O OP2    . DT  A 1 17 ? -5.072  9.815   9.638   1.00 37.10 ? 17  DT  A OP2    1 
ATOM   660 O "O5'"  . DT  A 1 17 ? -2.809  10.851  9.563   1.00 32.47 ? 17  DT  A "O5'"  1 
ATOM   661 C "C5'"  . DT  A 1 17 ? -3.322  11.961  8.887   1.00 33.72 ? 17  DT  A "C5'"  1 
ATOM   662 C "C4'"  . DT  A 1 17 ? -2.306  13.069  8.905   1.00 33.91 ? 17  DT  A "C4'"  1 
ATOM   663 O "O4'"  . DT  A 1 17 ? -1.166  12.695  8.091   1.00 32.38 ? 17  DT  A "O4'"  1 
ATOM   664 C "C3'"  . DT  A 1 17 ? -2.798  14.395  8.354   1.00 35.48 ? 17  DT  A "C3'"  1 
ATOM   665 O "O3'"  . DT  A 1 17 ? -2.640  15.389  9.349   1.00 37.53 ? 17  DT  A "O3'"  1 
ATOM   666 C "C2'"  . DT  A 1 17 ? -1.919  14.651  7.130   1.00 33.26 ? 17  DT  A "C2'"  1 
ATOM   667 C "C1'"  . DT  A 1 17 ? -0.679  13.863  7.475   1.00 31.95 ? 17  DT  A "C1'"  1 
ATOM   668 N N1     . DT  A 1 17 ? 0.152   13.470  6.325   1.00 29.14 ? 17  DT  A N1     1 
ATOM   669 C C2     . DT  A 1 17 ? 1.502   13.718  6.362   1.00 30.40 ? 17  DT  A C2     1 
ATOM   670 O O2     . DT  A 1 17 ? 2.052   14.284  7.288   1.00 34.42 ? 17  DT  A O2     1 
ATOM   671 N N3     . DT  A 1 17 ? 2.196   13.277  5.264   1.00 29.75 ? 17  DT  A N3     1 
ATOM   672 C C4     . DT  A 1 17 ? 1.681   12.623  4.163   1.00 28.86 ? 17  DT  A C4     1 
ATOM   673 O O4     . DT  A 1 17 ? 2.384   12.268  3.224   1.00 31.12 ? 17  DT  A O4     1 
ATOM   674 C C5     . DT  A 1 17 ? 0.259   12.388  4.188   1.00 26.97 ? 17  DT  A C5     1 
ATOM   675 C C7     . DT  A 1 17 ? -0.401  11.651  3.038   1.00 27.75 ? 17  DT  A C7     1 
ATOM   676 C C6     . DT  A 1 17 ? -0.429  12.794  5.264   1.00 27.10 ? 17  DT  A C6     1 
ATOM   677 H "H5'"  . DT  A 1 17 ? -4.134  12.259  9.325   1.00 40.46 ? 17  DT  A "H5'"  1 
ATOM   678 H "H5''" . DT  A 1 17 ? -3.519  11.718  7.970   1.00 40.46 ? 17  DT  A "H5''" 1 
ATOM   679 H "H4'"  . DT  A 1 17 ? -2.008  13.203  9.818   1.00 40.70 ? 17  DT  A "H4'"  1 
ATOM   680 H "H3'"  . DT  A 1 17 ? -3.729  14.326  8.092   1.00 42.58 ? 17  DT  A "H3'"  1 
ATOM   681 H "H2'"  . DT  A 1 17 ? -2.336  14.305  6.326   1.00 39.91 ? 17  DT  A "H2'"  1 
ATOM   682 H "H2''" . DT  A 1 17 ? -1.716  15.595  7.041   1.00 39.91 ? 17  DT  A "H2''" 1 
ATOM   683 H "H1'"  . DT  A 1 17 ? -0.141  14.364  8.109   1.00 38.34 ? 17  DT  A "H1'"  1 
ATOM   684 H H3     . DT  A 1 17 ? 3.042   13.434  5.257   1.00 35.70 ? 17  DT  A H3     1 
ATOM   685 H H71    . DT  A 1 17 ? -0.827  10.846  3.373   1.00 33.30 ? 17  DT  A H71    1 
ATOM   686 H H72    . DT  A 1 17 ? -1.068  12.223  2.628   1.00 33.30 ? 17  DT  A H72    1 
ATOM   687 H H73    . DT  A 1 17 ? 0.269   11.412  2.379   1.00 33.30 ? 17  DT  A H73    1 
ATOM   688 H H6     . DT  A 1 17 ? -1.346  12.637  5.287   1.00 32.52 ? 17  DT  A H6     1 
ATOM   689 P P      . DT  A 1 18 ? -3.879  16.314  9.778   1.00 39.97 ? 18  DT  A P      1 
ATOM   690 O OP1    . DT  A 1 18 ? -3.401  17.233  10.831  1.00 40.35 ? 18  DT  A OP1    1 
ATOM   691 O OP2    . DT  A 1 18 ? -5.055  15.452  10.040  1.00 41.82 ? 18  DT  A OP2    1 
ATOM   692 O "O5'"  . DT  A 1 18 ? -4.154  17.139  8.443   1.00 39.26 ? 18  DT  A "O5'"  1 
ATOM   693 C "C5'"  . DT  A 1 18 ? -5.381  17.791  8.230   1.00 39.25 ? 18  DT  A "C5'"  1 
ATOM   694 C "C4'"  . DT  A 1 18 ? -5.356  18.472  6.886   1.00 36.54 ? 18  DT  A "C4'"  1 
ATOM   695 O "O4'"  . DT  A 1 18 ? -4.333  19.502  6.893   1.00 36.44 ? 18  DT  A "O4'"  1 
ATOM   696 C "C3'"  . DT  A 1 18 ? -4.980  17.566  5.732   1.00 35.74 ? 18  DT  A "C3'"  1 
ATOM   697 O "O3'"  . DT  A 1 18 ? -6.115  16.848  5.250   1.00 35.73 ? 18  DT  A "O3'"  1 
ATOM   698 C "C2'"  . DT  A 1 18 ? -4.426  18.559  4.725   1.00 35.34 ? 18  DT  A "C2'"  1 
ATOM   699 C "C1'"  . DT  A 1 18 ? -3.711  19.578  5.623   1.00 35.60 ? 18  DT  A "C1'"  1 
ATOM   700 N N1     . DT  A 1 18 ? -2.260  19.301  5.786   1.00 33.36 ? 18  DT  A N1     1 
ATOM   701 C C2     . DT  A 1 18 ? -1.413  19.571  4.742   1.00 33.69 ? 18  DT  A C2     1 
ATOM   702 O O2     . DT  A 1 18 ? -1.787  20.048  3.692   1.00 35.60 ? 18  DT  A O2     1 
ATOM   703 N N3     . DT  A 1 18 ? -0.103  19.263  4.971   1.00 33.11 ? 18  DT  A N3     1 
ATOM   704 C C4     . DT  A 1 18 ? 0.433   18.706  6.111   1.00 33.51 ? 18  DT  A C4     1 
ATOM   705 O O4     . DT  A 1 18 ? 1.628   18.461  6.222   1.00 36.09 ? 18  DT  A O4     1 
ATOM   706 C C5     . DT  A 1 18 ? -0.509  18.440  7.169   1.00 33.91 ? 18  DT  A C5     1 
ATOM   707 C C7     . DT  A 1 18 ? -0.036  17.843  8.458   1.00 36.24 ? 18  DT  A C7     1 
ATOM   708 C C6     . DT  A 1 18 ? -1.799  18.741  6.958   1.00 32.62 ? 18  DT  A C6     1 
ATOM   709 H "H5'"  . DT  A 1 18 ? -5.521  18.453  8.926   1.00 47.10 ? 18  DT  A "H5'"  1 
ATOM   710 H "H5''" . DT  A 1 18 ? -6.102  17.141  8.251   1.00 47.10 ? 18  DT  A "H5''" 1 
ATOM   711 H "H4'"  . DT  A 1 18 ? -6.221  18.875  6.712   1.00 43.85 ? 18  DT  A "H4'"  1 
ATOM   712 H "H3'"  . DT  A 1 18 ? -4.285  16.948  6.008   1.00 42.89 ? 18  DT  A "H3'"  1 
ATOM   713 H "H2'"  . DT  A 1 18 ? -3.797  18.127  4.126   1.00 42.41 ? 18  DT  A "H2'"  1 
ATOM   714 H "H2''" . DT  A 1 18 ? -5.144  18.982  4.228   1.00 42.41 ? 18  DT  A "H2''" 1 
ATOM   715 H "H1'"  . DT  A 1 18 ? -3.831  20.469  5.259   1.00 42.72 ? 18  DT  A "H1'"  1 
ATOM   716 H H3     . DT  A 1 18 ? 0.445   19.425  4.329   1.00 39.73 ? 18  DT  A H3     1 
ATOM   717 H H71    . DT  A 1 18 ? 0.922   17.700  8.415   1.00 43.48 ? 18  DT  A H71    1 
ATOM   718 H H72    . DT  A 1 18 ? -0.239  18.449  9.188   1.00 43.48 ? 18  DT  A H72    1 
ATOM   719 H H73    . DT  A 1 18 ? -0.484  16.996  8.606   1.00 43.48 ? 18  DT  A H73    1 
ATOM   720 H H6     . DT  A 1 18 ? -2.412  18.567  7.636   1.00 39.14 ? 18  DT  A H6     1 
ATOM   721 P P      . DA  A 1 19 ? -5.970  15.314  4.784   1.00 36.02 ? 19  DA  A P      1 
ATOM   722 O OP1    . DA  A 1 19 ? -7.301  14.872  4.308   1.00 38.34 ? 19  DA  A OP1    1 
ATOM   723 O OP2    . DA  A 1 19 ? -5.292  14.557  5.862   1.00 37.10 ? 19  DA  A OP2    1 
ATOM   724 O "O5'"  . DA  A 1 19 ? -4.970  15.393  3.547   1.00 33.53 ? 19  DA  A "O5'"  1 
ATOM   725 C "C5'"  . DA  A 1 19 ? -5.372  16.026  2.356   1.00 31.27 ? 19  DA  A "C5'"  1 
ATOM   726 C "C4'"  . DA  A 1 19 ? -4.545  15.531  1.192   1.00 28.20 ? 19  DA  A "C4'"  1 
ATOM   727 O "O4'"  . DA  A 1 19 ? -3.185  15.998  1.325   1.00 27.31 ? 19  DA  A "O4'"  1 
ATOM   728 C "C3'"  . DA  A 1 19 ? -4.443  14.017  1.082   1.00 28.21 ? 19  DA  A "C3'"  1 
ATOM   729 O "O3'"  . DA  A 1 19 ? -4.445  13.636  -0.270  1.00 28.23 ? 19  DA  A "O3'"  1 
ATOM   730 C "C2'"  . DA  A 1 19 ? -3.123  13.694  1.774   1.00 27.40 ? 19  DA  A "C2'"  1 
ATOM   731 C "C1'"  . DA  A 1 19 ? -2.282  14.905  1.420   1.00 26.45 ? 19  DA  A "C1'"  1 
ATOM   732 N N9     . DA  A 1 19 ? -1.264  15.278  2.394   1.00 25.60 ? 19  DA  A N9     1 
ATOM   733 C C8     . DA  A 1 19 ? -1.473  15.854  3.623   1.00 26.44 ? 19  DA  A C8     1 
ATOM   734 N N7     . DA  A 1 19 ? -0.366  16.146  4.256   1.00 27.09 ? 19  DA  A N7     1 
ATOM   735 C C5     . DA  A 1 19 ? 0.634   15.799  3.366   1.00 26.42 ? 19  DA  A C5     1 
ATOM   736 C C6     . DA  A 1 19 ? 2.035   15.880  3.447   1.00 28.72 ? 19  DA  A C6     1 
ATOM   737 N N6     . DA  A 1 19 ? 2.680   16.371  4.514   1.00 30.01 ? 19  DA  A N6     1 
ATOM   738 N N1     . DA  A 1 19 ? 2.749   15.452  2.386   1.00 27.97 ? 19  DA  A N1     1 
ATOM   739 C C2     . DA  A 1 19 ? 2.094   14.948  1.328   1.00 28.93 ? 19  DA  A C2     1 
ATOM   740 N N3     . DA  A 1 19 ? 0.776   14.826  1.135   1.00 28.42 ? 19  DA  A N3     1 
ATOM   741 C C4     . DA  A 1 19 ? 0.097   15.280  2.204   1.00 26.79 ? 19  DA  A C4     1 
ATOM   742 H "H5'"  . DA  A 1 19 ? -5.256  16.984  2.447   1.00 37.52 ? 19  DA  A "H5'"  1 
ATOM   743 H "H5''" . DA  A 1 19 ? -6.308  15.831  2.190   1.00 37.52 ? 19  DA  A "H5''" 1 
ATOM   744 H "H4'"  . DA  A 1 19 ? -4.919  15.881  0.369   1.00 33.84 ? 19  DA  A "H4'"  1 
ATOM   745 H "H3'"  . DA  A 1 19 ? -5.180  13.596  1.551   1.00 33.85 ? 19  DA  A "H3'"  1 
ATOM   746 H "H2'"  . DA  A 1 19 ? -3.243  13.625  2.735   1.00 32.88 ? 19  DA  A "H2'"  1 
ATOM   747 H "H2''" . DA  A 1 19 ? -2.730  12.883  1.414   1.00 32.88 ? 19  DA  A "H2''" 1 
ATOM   748 H "H1'"  . DA  A 1 19 ? -1.863  14.762  0.558   1.00 31.74 ? 19  DA  A "H1'"  1 
ATOM   749 H H8     . DA  A 1 19 ? -2.318  15.981  3.990   1.00 31.73 ? 19  DA  A H8     1 
ATOM   750 H H61    . DA  A 1 19 ? 3.539   16.411  4.517   1.00 36.01 ? 19  DA  A H61    1 
ATOM   751 H H62    . DA  A 1 19 ? 2.235   16.646  5.197   1.00 36.01 ? 19  DA  A H62    1 
ATOM   752 H H2     . DA  A 1 19 ? 2.630   14.669  0.621   1.00 34.72 ? 19  DA  A H2     1 
ATOM   753 P P      . DG  A 1 20 ? -5.841  13.334  -1.005  1.00 28.38 ? 20  DG  A P      1 
ATOM   754 O OP1    . DG  A 1 20 ? -5.593  13.526  -2.449  1.00 31.02 ? 20  DG  A OP1    1 
ATOM   755 O OP2    . DG  A 1 20 ? -6.907  14.121  -0.339  1.00 31.86 ? 20  DG  A OP2    1 
ATOM   756 O "O5'"  . DG  A 1 20 ? -6.100  11.790  -0.704  1.00 26.52 ? 20  DG  A "O5'"  1 
ATOM   757 C "C5'"  . DG  A 1 20 ? -5.362  10.816  -1.373  1.00 22.20 ? 20  DG  A "C5'"  1 
ATOM   758 C "C4'"  . DG  A 1 20 ? -6.243  9.656   -1.622  1.00 18.65 ? 20  DG  A "C4'"  1 
ATOM   759 O "O4'"  . DG  A 1 20 ? -5.495  8.647   -2.322  1.00 16.11 ? 20  DG  A "O4'"  1 
ATOM   760 C "C3'"  . DG  A 1 20 ? -6.764  9.017   -0.350  1.00 21.43 ? 20  DG  A "C3'"  1 
ATOM   761 O "O3'"  . DG  A 1 20 ? -8.135  8.829   -0.449  1.00 23.52 ? 20  DG  A "O3'"  1 
ATOM   762 C "C2'"  . DG  A 1 20 ? -5.997  7.710   -0.254  1.00 19.71 ? 20  DG  A "C2'"  1 
ATOM   763 C "C1'"  . DG  A 1 20 ? -5.679  7.392   -1.697  1.00 15.09 ? 20  DG  A "C1'"  1 
ATOM   764 N N9     . DG  A 1 20 ? -4.473  6.607   -1.850  1.00 12.91 ? 20  DG  A N9     1 
ATOM   765 C C8     . DG  A 1 20 ? -3.196  7.002   -1.562  1.00 13.84 ? 20  DG  A C8     1 
ATOM   766 N N7     . DG  A 1 20 ? -2.306  6.083   -1.767  1.00 13.01 ? 20  DG  A N7     1 
ATOM   767 C C5     . DG  A 1 20 ? -3.043  5.010   -2.239  1.00 12.38 ? 20  DG  A C5     1 
ATOM   768 C C6     . DG  A 1 20 ? -2.623  3.711   -2.640  1.00 11.59 ? 20  DG  A C6     1 
ATOM   769 O O6     . DG  A 1 20 ? -1.485  3.268   -2.658  1.00 11.82 ? 20  DG  A O6     1 
ATOM   770 N N1     . DG  A 1 20 ? -3.704  2.928   -3.026  1.00 11.41 ? 20  DG  A N1     1 
ATOM   771 C C2     . DG  A 1 20 ? -5.012  3.350   -3.044  1.00 11.17 ? 20  DG  A C2     1 
ATOM   772 N N2     . DG  A 1 20 ? -5.916  2.457   -3.441  1.00 12.19 ? 20  DG  A N2     1 
ATOM   773 N N3     . DG  A 1 20 ? -5.407  4.548   -2.675  1.00 13.06 ? 20  DG  A N3     1 
ATOM   774 C C4     . DG  A 1 20 ? -4.377  5.316   -2.274  1.00 11.95 ? 20  DG  A C4     1 
ATOM   775 H "H5'"  . DG  A 1 20 ? -4.610  10.543  -0.825  1.00 26.64 ? 20  DG  A "H5'"  1 
ATOM   776 H "H5''" . DG  A 1 20 ? -5.041  11.170  -2.217  1.00 26.64 ? 20  DG  A "H5''" 1 
ATOM   777 H "H4'"  . DG  A 1 20 ? -6.993  9.936   -2.170  1.00 22.38 ? 20  DG  A "H4'"  1 
ATOM   778 H "H3'"  . DG  A 1 20 ? -6.559  9.581   0.412   1.00 25.72 ? 20  DG  A "H3'"  1 
ATOM   779 H "H2'"  . DG  A 1 20 ? -5.181  7.830   0.258   1.00 23.65 ? 20  DG  A "H2'"  1 
ATOM   780 H "H2''" . DG  A 1 20 ? -6.550  7.016   0.137   1.00 23.65 ? 20  DG  A "H2''" 1 
ATOM   781 H "H1'"  . DG  A 1 20 ? -6.427  6.930   -2.105  1.00 18.11 ? 20  DG  A "H1'"  1 
ATOM   782 H H8     . DG  A 1 20 ? -2.987  7.849   -1.240  1.00 16.61 ? 20  DG  A H8     1 
ATOM   783 H H1     . DG  A 1 20 ? -3.541  2.126   -3.292  1.00 13.70 ? 20  DG  A H1     1 
ATOM   784 H H21    . DG  A 1 20 ? -6.749  2.667   -3.454  1.00 14.63 ? 20  DG  A H21    1 
ATOM   785 H H22    . DG  A 1 20 ? -5.665  1.672   -3.684  1.00 14.63 ? 20  DG  A H22    1 
ATOM   786 P P      . DG  A 1 21 ? -8.971  8.332   0.832   1.00 28.22 ? 21  DG  A P      1 
ATOM   787 O OP1    . DG  A 1 21 ? -10.296 8.974   0.713   1.00 28.09 ? 21  DG  A OP1    1 
ATOM   788 O OP2    . DG  A 1 21 ? -8.188  8.568   2.080   1.00 32.61 ? 21  DG  A OP2    1 
ATOM   789 O "O5'"  . DG  A 1 21 ? -9.088  6.767   0.590   1.00 26.93 ? 21  DG  A "O5'"  1 
ATOM   790 C "C5'"  . DG  A 1 21 ? -9.800  6.307   -0.528  1.00 21.88 ? 21  DG  A "C5'"  1 
ATOM   791 C "C4'"  . DG  A 1 21 ? -9.969  4.804   -0.470  1.00 20.18 ? 21  DG  A "C4'"  1 
ATOM   792 O "O4'"  . DG  A 1 21 ? -8.692  4.145   -0.744  1.00 18.24 ? 21  DG  A "O4'"  1 
ATOM   793 C "C3'"  . DG  A 1 21 ? -10.420 4.246   0.867   1.00 21.41 ? 21  DG  A "C3'"  1 
ATOM   794 O "O3'"  . DG  A 1 21 ? -11.297 3.144   0.605   1.00 23.37 ? 21  DG  A "O3'"  1 
ATOM   795 C "C2'"  . DG  A 1 21 ? -9.105  3.818   1.508   1.00 19.12 ? 21  DG  A "C2'"  1 
ATOM   796 C "C1'"  . DG  A 1 21 ? -8.397  3.255   0.302   1.00 16.77 ? 21  DG  A "C1'"  1 
ATOM   797 N N9     . DG  A 1 21 ? -6.950  3.132   0.401   1.00 13.50 ? 21  DG  A N9     1 
ATOM   798 C C8     . DG  A 1 21 ? -6.058  4.081   0.822   1.00 14.11 ? 21  DG  A C8     1 
ATOM   799 N N7     . DG  A 1 21 ? -4.820  3.685   0.761   1.00 13.30 ? 21  DG  A N7     1 
ATOM   800 C C5     . DG  A 1 21 ? -4.900  2.392   0.247   1.00 12.29 ? 21  DG  A C5     1 
ATOM   801 C C6     . DG  A 1 21 ? -3.879  1.454   -0.035  1.00 11.73 ? 21  DG  A C6     1 
ATOM   802 O O6     . DG  A 1 21 ? -2.657  1.586   0.112   1.00 12.17 ? 21  DG  A O6     1 
ATOM   803 N N1     . DG  A 1 21 ? -4.400  0.260   -0.534  1.00 12.26 ? 21  DG  A N1     1 
ATOM   804 C C2     . DG  A 1 21 ? -5.740  0.019   -0.720  1.00 12.51 ? 21  DG  A C2     1 
ATOM   805 N N2     . DG  A 1 21 ? -6.080  -1.190  -1.188  1.00 14.22 ? 21  DG  A N2     1 
ATOM   806 N N3     . DG  A 1 21 ? -6.694  0.889   -0.469  1.00 13.77 ? 21  DG  A N3     1 
ATOM   807 C C4     . DG  A 1 21 ? -6.205  2.042   0.033   1.00 12.40 ? 21  DG  A C4     1 
ATOM   808 H "H5'"  . DG  A 1 21 ? -9.315  6.543   -1.334  1.00 26.26 ? 21  DG  A "H5'"  1 
ATOM   809 H "H5''" . DG  A 1 21 ? -10.674 6.727   -0.546  1.00 26.26 ? 21  DG  A "H5''" 1 
ATOM   810 H "H4'"  . DG  A 1 21 ? -10.608 4.537   -1.148  1.00 24.22 ? 21  DG  A "H4'"  1 
ATOM   811 H "H3'"  . DG  A 1 21 ? -10.862 4.928   1.396   1.00 25.69 ? 21  DG  A "H3'"  1 
ATOM   812 H "H2'"  . DG  A 1 21 ? -8.627  4.580   1.871   1.00 22.94 ? 21  DG  A "H2'"  1 
ATOM   813 H "H2''" . DG  A 1 21 ? -9.249  3.135   2.182   1.00 22.94 ? 21  DG  A "H2''" 1 
ATOM   814 H "H1'"  . DG  A 1 21 ? -8.774  2.385   0.093   1.00 20.12 ? 21  DG  A "H1'"  1 
ATOM   815 H H8     . DG  A 1 21 ? -6.312  4.925   1.118   1.00 16.93 ? 21  DG  A H8     1 
ATOM   816 H H1     . DG  A 1 21 ? -3.847  -0.371  -0.725  1.00 14.71 ? 21  DG  A H1     1 
ATOM   817 H H21    . DG  A 1 21 ? -6.908  -1.383  -1.318  1.00 17.07 ? 21  DG  A H21    1 
ATOM   818 H H22    . DG  A 1 21 ? -5.470  -1.772  -1.358  1.00 17.07 ? 21  DG  A H22    1 
ATOM   819 P P      . DG  A 1 22 ? -12.338 2.587   1.686   1.00 30.86 ? 22  DG  A P      1 
ATOM   820 O OP1    . DG  A 1 22 ? -13.645 2.490   1.003   1.00 38.76 ? 22  DG  A OP1    1 
ATOM   821 O OP2    . DG  A 1 22 ? -12.161 3.315   2.939   1.00 31.28 ? 22  DG  A OP2    1 
ATOM   822 O "O5'"  . DG  A 1 22 ? -11.765 1.128   1.999   1.00 34.07 ? 22  DG  A "O5'"  1 
ATOM   823 C "C5'"  . DG  A 1 22 ? -11.868 0.089   1.041   1.00 33.25 ? 22  DG  A "C5'"  1 
ATOM   824 C "C4'"  . DG  A 1 22 ? -11.319 -1.204  1.603   1.00 27.17 ? 22  DG  A "C4'"  1 
ATOM   825 O "O4'"  . DG  A 1 22 ? -9.880  -1.207  1.453   1.00 23.01 ? 22  DG  A "O4'"  1 
ATOM   826 C "C3'"  . DG  A 1 22 ? -11.591 -1.410  3.097   1.00 24.53 ? 22  DG  A "C3'"  1 
ATOM   827 O "O3'"  . DG  A 1 22 ? -12.044 -2.746  3.363   1.00 25.95 ? 22  DG  A "O3'"  1 
ATOM   828 C "C2'"  . DG  A 1 22 ? -10.253 -1.125  3.738   1.00 22.32 ? 22  DG  A "C2'"  1 
ATOM   829 C "C1'"  . DG  A 1 22 ? -9.298  -1.580  2.650   1.00 19.27 ? 22  DG  A "C1'"  1 
ATOM   830 N N9     . DG  A 1 22 ? -8.005  -0.964  2.716   1.00 18.17 ? 22  DG  A N9     1 
ATOM   831 C C8     . DG  A 1 22 ? -7.725  0.322   3.054   1.00 17.00 ? 22  DG  A C8     1 
ATOM   832 N N7     . DG  A 1 22 ? -6.467  0.583   3.034   1.00 14.08 ? 22  DG  A N7     1 
ATOM   833 C C5     . DG  A 1 22 ? -5.880  -0.612  2.651   1.00 14.04 ? 22  DG  A C5     1 
ATOM   834 C C6     . DG  A 1 22 ? -4.530  -0.947  2.484   1.00 13.72 ? 22  DG  A C6     1 
ATOM   835 O O6     . DG  A 1 22 ? -3.542  -0.227  2.638   1.00 13.26 ? 22  DG  A O6     1 
ATOM   836 N N1     . DG  A 1 22 ? -4.374  -2.281  2.095   1.00 14.21 ? 22  DG  A N1     1 
ATOM   837 C C2     . DG  A 1 22 ? -5.403  -3.165  1.914   1.00 15.17 ? 22  DG  A C2     1 
ATOM   838 N N2     . DG  A 1 22 ? -5.075  -4.400  1.540   1.00 16.69 ? 22  DG  A N2     1 
ATOM   839 N N3     . DG  A 1 22 ? -6.659  -2.850  2.069   1.00 17.10 ? 22  DG  A N3     1 
ATOM   840 C C4     . DG  A 1 22 ? -6.819  -1.564  2.445   1.00 16.95 ? 22  DG  A C4     1 
ATOM   841 H "H5'"  . DG  A 1 22 ? -11.364 0.334   0.248   1.00 39.90 ? 22  DG  A "H5'"  1 
ATOM   842 H "H5''" . DG  A 1 22 ? -12.800 -0.034  0.802   1.00 39.90 ? 22  DG  A "H5''" 1 
ATOM   843 H "H4'"  . DG  A 1 22 ? -11.693 -1.949  1.106   1.00 32.60 ? 22  DG  A "H4'"  1 
ATOM   844 H "H3'"  . DG  A 1 22 ? -12.249 -0.768  3.405   1.00 29.44 ? 22  DG  A "H3'"  1 
ATOM   845 H "HO3'" . DG  A 1 22 ? -12.800 -2.873  3.708   1.00 31.14 ? 22  DG  A "HO3'" 1 
ATOM   846 H "H2'"  . DG  A 1 22 ? -10.149 -0.178  3.919   1.00 26.78 ? 22  DG  A "H2'"  1 
ATOM   847 H "H2''" . DG  A 1 22 ? -10.136 -1.650  4.545   1.00 26.78 ? 22  DG  A "H2''" 1 
ATOM   848 H "H1'"  . DG  A 1 22 ? -9.204  -2.544  2.681   1.00 23.13 ? 22  DG  A "H1'"  1 
ATOM   849 H H8     . DG  A 1 22 ? -8.376  0.948   3.277   1.00 20.40 ? 22  DG  A H8     1 
ATOM   850 H H1     . DG  A 1 22 ? -3.575  -2.566  1.956   1.00 17.05 ? 22  DG  A H1     1 
ATOM   851 H H21    . DG  A 1 22 ? -5.690  -4.985  1.403   1.00 20.03 ? 22  DG  A H21    1 
ATOM   852 H H22    . DG  A 1 22 ? -4.248  -4.613  1.437   1.00 20.03 ? 22  DG  A H22    1 
HETATM 853 K K      . K   B 2 .  ? -1.054  -0.266  1.646   1.00 12.18 ? 101 K   A K      1 
HETATM 854 K K      . K   C 2 .  ? -0.673  0.777   -1.597  1.00 11.03 ? 102 K   A K      1 
HETATM 855 K K      . K   D 2 .  ? -0.379  1.769   -4.723  0.50 12.56 ? 103 K   A K      1 
HETATM 856 O O      . HOH E 3 .  ? -17.377 -2.396  -9.253  1.00 45.67 ? 201 HOH A O      1 
HETATM 857 O O      . HOH E 3 .  ? 10.876  3.398   8.415   1.00 51.79 ? 202 HOH A O      1 
HETATM 858 O O      . HOH E 3 .  ? 11.607  8.665   0.750   1.00 51.62 ? 203 HOH A O      1 
HETATM 859 O O      . HOH E 3 .  ? -1.035  -11.208 5.987   1.00 47.63 ? 204 HOH A O      1 
HETATM 860 O O      . HOH E 3 .  ? 7.150   -11.327 -4.832  1.00 48.61 ? 205 HOH A O      1 
HETATM 861 O O      . HOH E 3 .  ? 14.765  8.717   -0.921  1.00 47.83 ? 206 HOH A O      1 
HETATM 862 O O      . HOH E 3 .  ? 1.026   -22.244 -0.954  1.00 48.48 ? 207 HOH A O      1 
HETATM 863 O O      . HOH E 3 .  ? -5.423  -8.236  2.394   1.00 51.85 ? 208 HOH A O      1 
HETATM 864 O O      . HOH E 3 .  ? -14.394 -3.327  2.638   0.33 26.29 ? 209 HOH A O      1 
HETATM 865 O O      . HOH E 3 .  ? -2.552  6.206   11.154  1.00 43.74 ? 210 HOH A O      1 
HETATM 866 O O      . HOH E 3 .  ? 6.210   -4.764  5.477   1.00 35.34 ? 211 HOH A O      1 
HETATM 867 O O      . HOH E 3 .  ? -4.081  -14.099 0.942   1.00 44.46 ? 212 HOH A O      1 
HETATM 868 O O      . HOH E 3 .  ? -6.568  14.025  8.054   1.00 46.47 ? 213 HOH A O      1 
HETATM 869 O O      . HOH E 3 .  ? -9.486  -8.872  -0.524  1.00 45.38 ? 214 HOH A O      1 
HETATM 870 O O      . HOH E 3 .  ? 11.799  -3.705  6.188   1.00 40.40 ? 215 HOH A O      1 
HETATM 871 O O      . HOH E 3 .  ? -9.031  -2.165  -1.240  1.00 20.15 ? 216 HOH A O      1 
HETATM 872 O O      . HOH E 3 .  ? 11.997  -6.518  3.010   1.00 44.40 ? 217 HOH A O      1 
HETATM 873 O O      . HOH E 3 .  ? 18.191  -1.815  7.965   1.00 43.72 ? 218 HOH A O      1 
HETATM 874 O O      . HOH E 3 .  ? 6.973   -7.601  3.435   1.00 38.62 ? 219 HOH A O      1 
HETATM 875 O O      . HOH E 3 .  ? 10.127  5.958   2.764   1.00 37.62 ? 220 HOH A O      1 
HETATM 876 O O      . HOH E 3 .  ? 18.585  -4.072  2.025   1.00 38.28 ? 221 HOH A O      1 
HETATM 877 O O      . HOH E 3 .  ? -6.888  10.645  3.089   1.00 50.33 ? 222 HOH A O      1 
HETATM 878 O O      . HOH E 3 .  ? -3.160  13.014  -3.365  1.00 31.24 ? 223 HOH A O      1 
HETATM 879 O O      . HOH E 3 .  ? 7.816   11.357  0.721   1.00 43.52 ? 224 HOH A O      1 
HETATM 880 O O      . HOH E 3 .  ? 2.027   5.864   8.076   1.00 28.70 ? 225 HOH A O      1 
HETATM 881 O O      . HOH E 3 .  ? 4.862   -10.596 -2.290  1.00 45.31 ? 226 HOH A O      1 
HETATM 882 O O      . HOH E 3 .  ? 4.386   11.904  7.796   1.00 37.30 ? 227 HOH A O      1 
HETATM 883 O O      . HOH E 3 .  ? 0.751   11.289  9.505   1.00 38.51 ? 228 HOH A O      1 
HETATM 884 O O      . HOH E 3 .  ? 3.722   -16.051 -0.288  1.00 46.35 ? 229 HOH A O      1 
HETATM 885 O O      . HOH E 3 .  ? -8.343  -5.106  1.198   1.00 32.62 ? 230 HOH A O      1 
HETATM 886 O O      . HOH E 3 .  ? -2.231  -19.872 0.303   1.00 50.74 ? 231 HOH A O      1 
HETATM 887 O O      . HOH E 3 .  ? -9.874  -6.262  -8.452  1.00 44.23 ? 232 HOH A O      1 
HETATM 888 O O      . HOH E 3 .  ? -6.914  -13.043 -4.466  1.00 46.23 ? 233 HOH A O      1 
HETATM 889 O O      . HOH E 3 .  ? 11.230  2.007   3.858   1.00 36.34 ? 234 HOH A O      1 
HETATM 890 O O      . HOH E 3 .  ? 10.955  6.027   6.127   1.00 51.80 ? 235 HOH A O      1 
HETATM 891 O O      . HOH E 3 .  ? -8.425  4.287   -3.468  1.00 42.11 ? 236 HOH A O      1 
HETATM 892 O O      . HOH E 3 .  ? -3.790  -8.749  -6.457  1.00 31.46 ? 237 HOH A O      1 
HETATM 893 O O      . HOH E 3 .  ? 7.233   -7.543  -8.215  1.00 47.35 ? 238 HOH A O      1 
HETATM 894 O O      . HOH E 3 .  ? -6.195  -18.197 -5.188  1.00 49.41 ? 239 HOH A O      1 
HETATM 895 O O      . HOH E 3 .  ? 6.904   11.607  4.518   1.00 51.90 ? 240 HOH A O      1 
HETATM 896 O O      . HOH E 3 .  ? 1.122   -17.809 2.738   1.00 53.84 ? 241 HOH A O      1 
HETATM 897 O O      . HOH E 3 .  ? 7.191   -2.652  -3.195  1.00 38.55 ? 242 HOH A O      1 
HETATM 898 O O      . HOH E 3 .  ? 13.447  3.905   7.382   1.00 42.87 ? 243 HOH A O      1 
HETATM 899 O O      . HOH E 3 .  ? -12.363 7.789   2.266   1.00 48.93 ? 244 HOH A O      1 
HETATM 900 O O      . HOH E 3 .  ? 3.910   -7.184  0.171   1.00 35.17 ? 245 HOH A O      1 
HETATM 901 O O      . HOH E 3 .  ? 1.513   -7.935  -1.120  1.00 23.66 ? 246 HOH A O      1 
HETATM 902 O O      . HOH E 3 .  ? 1.451   -12.569 -2.030  1.00 28.56 ? 247 HOH A O      1 
HETATM 903 O O      . HOH E 3 .  ? -3.584  -13.097 3.789   1.00 52.01 ? 248 HOH A O      1 
HETATM 904 O O      . HOH E 3 .  ? -3.514  7.670   3.117   1.00 28.63 ? 249 HOH A O      1 
HETATM 905 O O      . HOH E 3 .  ? 4.166   4.508   6.716   1.00 33.32 ? 250 HOH A O      1 
HETATM 906 O O      . HOH E 3 .  ? 7.402   0.171   -0.443  1.00 39.99 ? 251 HOH A O      1 
HETATM 907 O O      . HOH E 3 .  ? -14.335 3.521   4.840   0.33 26.43 ? 252 HOH A O      1 
HETATM 908 O O      . HOH E 3 .  ? -1.133  -7.186  -3.902  1.00 23.34 ? 253 HOH A O      1 
HETATM 909 O O      . HOH E 3 .  ? 1.344   -7.564  4.813   1.00 49.24 ? 254 HOH A O      1 
HETATM 910 O O      . HOH E 3 .  ? -3.689  -5.980  -6.331  1.00 40.39 ? 255 HOH A O      1 
HETATM 911 O O      . HOH E 3 .  ? 2.203   8.856   -0.526  1.00 41.72 ? 256 HOH A O      1 
HETATM 912 O O      . HOH E 3 .  ? 12.964  7.760   -5.762  1.00 43.51 ? 257 HOH A O      1 
HETATM 913 O O      . HOH E 3 .  ? -3.635  12.209  5.103   1.00 38.63 ? 258 HOH A O      1 
HETATM 914 O O      . HOH E 3 .  ? -16.356 3.718   0.939   1.00 36.96 ? 259 HOH A O      1 
HETATM 915 O O      . HOH E 3 .  ? 12.313  4.346   -4.493  1.00 37.69 ? 260 HOH A O      1 
HETATM 916 O O      . HOH E 3 .  ? 6.970   2.193   2.679   1.00 26.28 ? 261 HOH A O      1 
HETATM 917 O O      . HOH E 3 .  ? 5.915   4.924   3.997   1.00 32.67 ? 262 HOH A O      1 
HETATM 918 O O      . HOH E 3 .  ? 12.705  -5.648  -0.381  1.00 43.49 ? 263 HOH A O      1 
HETATM 919 O O      . HOH E 3 .  ? -9.078  0.562   -2.301  1.00 31.02 ? 264 HOH A O      1 
HETATM 920 O O      . HOH E 3 .  ? -0.373  8.651   1.238   1.00 26.06 ? 265 HOH A O      1 
HETATM 921 O O      . HOH E 3 .  ? 4.432   -7.016  3.003   1.00 29.62 ? 266 HOH A O      1 
HETATM 922 O O      . HOH E 3 .  ? -10.813 -5.187  2.018   1.00 51.60 ? 267 HOH A O      1 
HETATM 923 O O      . HOH E 3 .  ? -0.554  -18.263 -11.170 0.50 22.16 ? 268 HOH A O      1 
HETATM 924 O O      . HOH E 3 .  ? 7.932   -0.113  -2.849  1.00 38.54 ? 269 HOH A O      1 
HETATM 925 O O      . HOH E 3 .  ? -7.774  4.469   4.938   1.00 44.86 ? 270 HOH A O      1 
HETATM 926 O O      . HOH E 3 .  ? 9.551   3.611   2.050   1.00 47.96 ? 271 HOH A O      1 
HETATM 927 O O      . HOH E 3 .  ? -7.143  -6.912  1.806   1.00 50.21 ? 272 HOH A O      1 
HETATM 928 O O      . HOH E 3 .  ? 0.164   9.333   11.289  1.00 52.51 ? 273 HOH A O      1 
HETATM 929 O O      . HOH E 3 .  ? 9.346   3.319   5.974   1.00 43.70 ? 274 HOH A O      1 
HETATM 930 O O      . HOH E 3 .  ? -17.868 -1.664  -11.332 1.00 44.51 ? 275 HOH A O      1 
HETATM 931 O O      . HOH E 3 .  ? -4.362  10.674  2.735   1.00 41.40 ? 276 HOH A O      1 
HETATM 932 O O      . HOH E 3 .  ? -2.607  9.943   0.569   1.00 44.00 ? 277 HOH A O      1 
HETATM 933 O O      . HOH E 3 .  ? 2.472   -9.925  -2.886  1.00 31.01 ? 278 HOH A O      1 
HETATM 934 O O      . HOH E 3 .  ? 0.813   6.451   10.567  1.00 40.97 ? 279 HOH A O      1 
# 
loop_
_atom_site_anisotrop.id 
_atom_site_anisotrop.type_symbol 
_atom_site_anisotrop.pdbx_label_atom_id 
_atom_site_anisotrop.pdbx_label_alt_id 
_atom_site_anisotrop.pdbx_label_comp_id 
_atom_site_anisotrop.pdbx_label_asym_id 
_atom_site_anisotrop.pdbx_label_seq_id 
_atom_site_anisotrop.pdbx_PDB_ins_code 
_atom_site_anisotrop.U[1][1] 
_atom_site_anisotrop.U[2][2] 
_atom_site_anisotrop.U[3][3] 
_atom_site_anisotrop.U[1][2] 
_atom_site_anisotrop.U[1][3] 
_atom_site_anisotrop.U[2][3] 
_atom_site_anisotrop.pdbx_auth_seq_id 
_atom_site_anisotrop.pdbx_auth_comp_id 
_atom_site_anisotrop.pdbx_auth_asym_id 
_atom_site_anisotrop.pdbx_auth_atom_id 
1   O "O5'" A DA  A 1  ? 0.4314 0.5668 0.4811 -0.0004 0.1693  -0.0923 1   DA  A "O5'" 
2   O "O5'" B DA  A 1  ? 0.3520 0.5109 0.4617 0.0856  0.1426  0.0216  1   DA  A "O5'" 
3   C "C5'" A DA  A 1  ? 0.3933 0.5607 0.4679 -0.0237 0.1195  -0.0740 1   DA  A "C5'" 
4   C "C5'" B DA  A 1  ? 0.3056 0.4956 0.4452 0.0810  0.1274  0.0421  1   DA  A "C5'" 
5   C "C4'" A DA  A 1  ? 0.3741 0.5230 0.4732 -0.0411 0.0963  -0.0454 1   DA  A "C4'" 
6   C "C4'" B DA  A 1  ? 0.2346 0.4368 0.4268 0.1059  0.0927  0.0702  1   DA  A "C4'" 
7   O "O4'" A DA  A 1  ? 0.3771 0.5098 0.4557 -0.0390 0.0533  -0.0448 1   DA  A "O4'" 
8   O "O4'" B DA  A 1  ? 0.2240 0.4370 0.4153 0.0960  0.1233  0.0716  1   DA  A "O4'" 
9   C "C3'" A DA  A 1  ? 0.3510 0.4689 0.4802 -0.0563 0.0926  -0.0369 1   DA  A "C3'" 
10  C "C3'" B DA  A 1  ? 0.2252 0.4004 0.4109 0.0752  0.0961  0.0740  1   DA  A "C3'" 
11  O "O3'" A DA  A 1  ? 0.3400 0.4456 0.5139 -0.0715 0.1027  -0.0211 1   DA  A "O3'" 
12  O "O3'" B DA  A 1  ? 0.1671 0.3435 0.3856 0.0810  0.0418  0.0528  1   DA  A "O3'" 
13  C "C2'" A DA  A 1  ? 0.3523 0.4902 0.4757 -0.0492 0.0760  -0.0220 1   DA  A "C2'" 
14  C "C2'" B DA  A 1  ? 0.2401 0.4259 0.4117 0.0520  0.1050  0.0677  1   DA  A "C2'" 
15  C "C1'" A DA  A 1  ? 0.3313 0.5029 0.4479 -0.0532 0.0417  -0.0299 1   DA  A "C1'" 
16  C "C1'" B DA  A 1  ? 0.2247 0.4317 0.3967 0.0716  0.1137  0.0620  1   DA  A "C1'" 
17  N N9    A DA  A 1  ? 0.2697 0.4873 0.4092 -0.0619 -0.0013 -0.0441 1   DA  A N9    
18  N N9    B DA  A 1  ? 0.2029 0.3735 0.3635 0.0670  0.1036  0.0169  1   DA  A N9    
19  C C8    A DA  A 1  ? 0.2583 0.4815 0.4212 -0.0576 -0.0249 -0.0198 1   DA  A C8    
20  C C8    B DA  A 1  ? 0.2081 0.3610 0.3277 0.0909  0.0844  0.0174  1   DA  A C8    
21  N N7    A DA  A 1  ? 0.2336 0.4807 0.4495 -0.0534 -0.0073 -0.0115 1   DA  A N7    
22  N N7    B DA  A 1  ? 0.2116 0.3352 0.3380 0.0576  0.1292  0.0006  1   DA  A N7    
23  C C5    A DA  A 1  ? 0.1975 0.4558 0.4291 -0.0315 -0.0231 -0.0101 1   DA  A C5    
24  C C5    B DA  A 1  ? 0.1757 0.3172 0.3504 0.0590  0.1051  0.0010  1   DA  A C5    
25  C C6    A DA  A 1  ? 0.1808 0.4494 0.4146 -0.0402 -0.0329 -0.0157 1   DA  A C6    
26  C C6    B DA  A 1  ? 0.1903 0.2799 0.3351 0.0717  0.1038  0.0143  1   DA  A C6    
27  N N6    A DA  A 1  ? 0.2046 0.3976 0.4359 -0.0395 -0.0189 0.0157  1   DA  A N6    
28  N N6    B DA  A 1  ? 0.2023 0.2737 0.3214 0.0316  0.1361  -0.0193 1   DA  A N6    
29  N N1    A DA  A 1  ? 0.1762 0.4613 0.4138 -0.0295 -0.0436 0.0081  1   DA  A N1    
30  N N1    B DA  A 1  ? 0.2151 0.2358 0.3353 0.0808  0.1064  -0.0298 1   DA  A N1    
31  C C2    A DA  A 1  ? 0.2070 0.5049 0.4057 -0.0523 -0.0102 -0.0255 1   DA  A C2    
32  C C2    B DA  A 1  ? 0.2156 0.2683 0.3549 0.0535  0.0885  -0.0256 1   DA  A C2    
33  N N3    A DA  A 1  ? 0.2008 0.4906 0.4442 -0.0206 -0.0009 -0.0034 1   DA  A N3    
34  N N3    B DA  A 1  ? 0.1595 0.3044 0.3487 0.0286  0.0521  -0.0418 1   DA  A N3    
35  C C4    A DA  A 1  ? 0.2204 0.4700 0.4284 -0.0605 0.0062  -0.0391 1   DA  A C4    
36  C C4    B DA  A 1  ? 0.1661 0.3229 0.3635 0.0639  0.0804  0.0041  1   DA  A C4    
61  P P     A DG  A 2  ? 0.3573 0.4200 0.5142 -0.1081 0.0554  -0.0403 2   DG  A P     
62  P P     B DG  A 2  ? 0.2064 0.3671 0.3839 0.0077  0.0378  -0.0237 2   DG  A P     
63  O OP1   A DG  A 2  ? 0.3494 0.4494 0.5497 -0.0834 0.0776  -0.0424 2   DG  A OP1   
64  O OP1   B DG  A 2  ? 0.1841 0.4002 0.3744 0.0234  -0.0066 0.0248  2   DG  A OP1   
65  O OP2   A DG  A 2  ? 0.4005 0.5286 0.5266 -0.1001 0.0810  -0.0515 2   DG  A OP2   
66  O OP2   B DG  A 2  ? 0.2573 0.4407 0.4131 0.0794  0.0634  -0.0152 2   DG  A OP2   
67  O "O5'" A DG  A 2  ? 0.3428 0.3956 0.4877 -0.1316 0.0613  -0.0343 2   DG  A "O5'" 
68  O "O5'" B DG  A 2  ? 0.1990 0.3788 0.3837 0.0134  0.0611  -0.0003 2   DG  A "O5'" 
69  C "C5'" A DG  A 2  ? 0.2857 0.3384 0.4286 -0.0657 0.0566  -0.0279 2   DG  A "C5'" 
70  C "C5'" B DG  A 2  ? 0.1793 0.3456 0.4040 0.0355  0.0284  -0.0121 2   DG  A "C5'" 
71  C "C4'" A DG  A 2  ? 0.2425 0.2476 0.3533 -0.0507 0.0554  -0.0227 2   DG  A "C4'" 
72  C "C4'" B DG  A 2  ? 0.2010 0.2626 0.3799 0.0163  -0.0155 -0.0239 2   DG  A "C4'" 
73  O "O4'" A DG  A 2  ? 0.1985 0.1376 0.2571 -0.0935 0.0028  -0.0173 2   DG  A "O4'" 
74  O "O4'" B DG  A 2  ? 0.2251 0.2366 0.3495 0.0644  0.0301  -0.0085 2   DG  A "O4'" 
75  C "C3'" A DG  A 2  ? 0.2485 0.1643 0.3451 -0.0204 0.1053  -0.0393 2   DG  A "C3'" 
76  C "C3'" B DG  A 2  ? 0.2656 0.3077 0.4632 -0.0152 0.0230  0.0017  2   DG  A "C3'" 
77  O "O3'" A DG  A 2  ? 0.2574 0.2146 0.3126 -0.0903 0.0657  -0.0950 2   DG  A "O3'" 
78  O "O3'" B DG  A 2  ? 0.3142 0.3992 0.5319 -0.0319 0.0156  0.0084  2   DG  A "O3'" 
79  C "C2'" A DG  A 2  ? 0.2348 0.1984 0.3064 -0.0901 0.0404  -0.0496 2   DG  A "C2'" 
80  C "C2'" B DG  A 2  ? 0.2399 0.2993 0.3769 -0.0508 0.0067  -0.0332 2   DG  A "C2'" 
81  C "C1'" A DG  A 2  ? 0.1995 0.1385 0.2637 -0.0785 0.0374  -0.0566 2   DG  A "C1'" 
82  C "C1'" B DG  A 2  ? 0.1898 0.2026 0.2888 0.0252  0.0096  -0.0240 2   DG  A "C1'" 
83  N N9    A DG  A 2  ? 0.1775 0.1156 0.2353 -0.0735 0.0090  -0.0306 2   DG  A N9    
84  N N9    B DG  A 2  ? 0.1364 0.1184 0.2248 0.0084  0.0028  -0.0151 2   DG  A N9    
85  C C8    A DG  A 2  ? 0.1700 0.1439 0.2321 -0.0563 0.0147  -0.0463 2   DG  A C8    
86  C C8    B DG  A 2  ? 0.1359 0.1440 0.2093 0.0016  0.0015  -0.0340 2   DG  A C8    
87  N N7    A DG  A 2  ? 0.1627 0.1321 0.2044 -0.0559 0.0286  -0.0397 2   DG  A N7    
88  N N7    B DG  A 2  ? 0.1507 0.1077 0.1683 -0.0009 0.0243  -0.0493 2   DG  A N7    
89  C C5    A DG  A 2  ? 0.1481 0.1340 0.1942 -0.0732 0.0236  -0.0366 2   DG  A C5    
90  C C5    B DG  A 2  ? 0.1390 0.1196 0.1914 -0.0154 0.0373  -0.0130 2   DG  A C5    
91  C C6    A DG  A 2  ? 0.1668 0.0970 0.1773 -0.0557 0.0233  -0.0414 2   DG  A C6    
92  C C6    B DG  A 2  ? 0.1410 0.0910 0.1514 0.0094  0.0323  -0.0195 2   DG  A C6    
93  O O6    A DG  A 2  ? 0.1965 0.1131 0.1581 -0.0679 0.0276  -0.0443 2   DG  A O6    
94  O O6    B DG  A 2  ? 0.1497 0.0878 0.0856 0.0398  0.0210  -0.0166 2   DG  A O6    
95  N N1    A DG  A 2  ? 0.1687 0.1065 0.1683 -0.0453 -0.0089 -0.0567 2   DG  A N1    
96  N N1    B DG  A 2  ? 0.1226 0.0924 0.1385 0.0035  0.0122  -0.0377 2   DG  A N1    
97  C C2    A DG  A 2  ? 0.1590 0.0919 0.1624 -0.0369 0.0107  -0.0561 2   DG  A C2    
98  C C2    B DG  A 2  ? 0.1255 0.1185 0.1634 0.0020  0.0161  -0.0233 2   DG  A C2    
99  N N2    A DG  A 2  ? 0.1767 0.0720 0.1665 -0.0230 0.0131  -0.0464 2   DG  A N2    
100 N N2    B DG  A 2  ? 0.1516 0.1406 0.1730 -0.0020 0.0111  -0.0307 2   DG  A N2    
101 N N3    A DG  A 2  ? 0.1668 0.1033 0.1997 -0.0583 0.0239  -0.0476 2   DG  A N3    
102 N N3    B DG  A 2  ? 0.1378 0.1142 0.1976 0.0050  0.0174  -0.0033 2   DG  A N3    
103 C C4    A DG  A 2  ? 0.1450 0.1290 0.1943 -0.0649 0.0066  -0.0449 2   DG  A C4    
104 C C4    B DG  A 2  ? 0.1211 0.1130 0.2070 -0.0040 0.0165  -0.0036 2   DG  A C4    
127 P P     A DG  A 3  ? 0.2469 0.1825 0.3006 -0.0437 0.0754  -0.0715 3   DG  A P     
128 P P     B DG  A 3  ? 0.2954 0.3760 0.5190 -0.0190 -0.0284 0.0178  3   DG  A P     
129 O OP1   A DG  A 3  ? 0.2505 0.1998 0.3394 -0.0431 0.0914  -0.0578 3   DG  A OP1   
130 O OP1   B DG  A 3  ? 0.3020 0.4966 0.5713 0.0479  0.0012  0.0320  3   DG  A OP1   
131 O OP2   A DG  A 3  ? 0.2671 0.1512 0.2412 -0.0186 0.1043  -0.0738 3   DG  A OP2   
132 O OP2   B DG  A 3  ? 0.3376 0.4742 0.5924 -0.0266 0.0323  0.0477  3   DG  A OP2   
133 O "O5'" A DG  A 3  ? 0.2605 0.1769 0.3059 -0.0508 0.0332  -0.0905 3   DG  A "O5'" 
134 O "O5'" B DG  A 3  ? 0.2741 0.3239 0.5349 -0.0111 0.0131  -0.0064 3   DG  A "O5'" 
135 C "C5'" A DG  A 3  ? 0.2424 0.1310 0.2939 -0.0400 0.0269  -0.0891 3   DG  A "C5'" 
136 C "C5'" B DG  A 3  ? 0.2835 0.2773 0.4680 -0.0279 -0.0049 -0.0468 3   DG  A "C5'" 
137 C "C4'" A DG  A 3  ? 0.2623 0.1244 0.3061 -0.0254 0.0278  -0.0867 3   DG  A "C4'" 
138 C "C4'" B DG  A 3  ? 0.2923 0.2090 0.4061 -0.0414 0.0042  -0.0665 3   DG  A "C4'" 
139 O "O4'" A DG  A 3  ? 0.2547 0.1793 0.2820 -0.0607 0.0392  -0.1132 3   DG  A "O4'" 
140 O "O4'" B DG  A 3  ? 0.2953 0.2037 0.3438 -0.0600 0.0159  -0.0850 3   DG  A "O4'" 
141 C "C3'" A DG  A 3  ? 0.2748 0.1653 0.3612 -0.0270 0.0457  -0.0761 3   DG  A "C3'" 
142 C "C3'" B DG  A 3  ? 0.3034 0.2048 0.4147 -0.0455 0.0152  -0.0496 3   DG  A "C3'" 
143 O "O3'" A DG  A 3  ? 0.3162 0.1673 0.4031 -0.0400 0.0566  -0.0418 3   DG  A "O3'" 
144 O "O3'" B DG  A 3  ? 0.3358 0.1967 0.4373 -0.0461 0.0511  -0.0189 3   DG  A "O3'" 
145 C "C2'" A DG  A 3  ? 0.2409 0.1829 0.3395 -0.0580 0.0389  -0.0667 3   DG  A "C2'" 
146 C "C2'" B DG  A 3  ? 0.2810 0.2164 0.3738 -0.0781 -0.0240 -0.0506 3   DG  A "C2'" 
147 C "C1'" A DG  A 3  ? 0.2268 0.1933 0.2909 -0.0742 0.0524  -0.0789 3   DG  A "C1'" 
148 C "C1'" B DG  A 3  ? 0.2616 0.2143 0.3260 -0.0750 -0.0156 -0.0566 3   DG  A "C1'" 
149 N N9    A DG  A 3  ? 0.1881 0.1438 0.2480 -0.0278 0.0315  -0.0919 3   DG  A N9    
150 N N9    B DG  A 3  ? 0.2259 0.1648 0.2543 -0.0557 -0.0125 -0.0629 3   DG  A N9    
151 C C8    A DG  A 3  ? 0.1736 0.1381 0.2229 0.0013  0.0088  -0.0580 3   DG  A C8    
152 C C8    B DG  A 3  ? 0.2228 0.1703 0.2218 -0.0276 0.0101  -0.0492 3   DG  A C8    
153 N N7    A DG  A 3  ? 0.1710 0.0783 0.2085 0.0020  0.0294  -0.0247 3   DG  A N7    
154 N N7    B DG  A 3  ? 0.2060 0.1608 0.1947 -0.0374 0.0246  -0.0420 3   DG  A N7    
155 C C5    A DG  A 3  ? 0.1734 0.0842 0.1698 -0.0059 0.0332  -0.0499 3   DG  A C5    
156 C C5    B DG  A 3  ? 0.1964 0.1255 0.1624 -0.0298 0.0094  -0.0010 3   DG  A C5    
157 C C6    A DG  A 3  ? 0.1593 0.1147 0.1896 -0.0333 0.0118  -0.0342 3   DG  A C6    
158 C C6    B DG  A 3  ? 0.1747 0.1075 0.1288 -0.0480 -0.0019 0.0332  3   DG  A C6    
159 O O6    A DG  A 3  ? 0.1706 0.1135 0.2182 -0.0200 0.0182  -0.0339 3   DG  A O6    
160 O O6    B DG  A 3  ? 0.1822 0.1146 0.1316 -0.0751 0.0120  -0.0136 3   DG  A O6    
161 N N1    A DG  A 3  ? 0.1438 0.0862 0.2005 -0.0168 0.0153  -0.0450 3   DG  A N1    
162 N N1    B DG  A 3  ? 0.1726 0.1290 0.1650 -0.0322 0.0168  0.0049  3   DG  A N1    
163 C C2    A DG  A 3  ? 0.1641 0.0892 0.2154 0.0062  0.0300  -0.0342 3   DG  A C2    
164 C C2    B DG  A 3  ? 0.1879 0.1459 0.1769 -0.0494 0.0011  -0.0168 3   DG  A C2    
165 N N2    A DG  A 3  ? 0.1695 0.0952 0.2097 0.0004  0.0406  -0.0324 3   DG  A N2    
166 N N2    B DG  A 3  ? 0.2067 0.1646 0.1914 -0.0583 0.0213  -0.0172 3   DG  A N2    
167 N N3    A DG  A 3  ? 0.1744 0.1224 0.2230 0.0057  0.0238  -0.0459 3   DG  A N3    
168 N N3    B DG  A 3  ? 0.2037 0.1412 0.2044 -0.0714 -0.0057 -0.0305 3   DG  A N3    
169 C C4    A DG  A 3  ? 0.1745 0.1288 0.1968 -0.0129 0.0121  -0.0624 3   DG  A C4    
170 C C4    B DG  A 3  ? 0.2046 0.1500 0.1890 -0.0546 -0.0188 -0.0369 3   DG  A C4    
193 P P     . DG  A 4  ? 0.3544 0.2204 0.4522 -0.0685 0.0667  -0.0350 4   DG  A P     
194 O OP1   . DG  A 4  ? 0.4243 0.2306 0.5116 -0.1174 0.0785  -0.0453 4   DG  A OP1   
195 O OP2   . DG  A 4  ? 0.3808 0.3169 0.4534 -0.0578 0.1433  -0.0594 4   DG  A OP2   
196 O "O5'" . DG  A 4  ? 0.3337 0.2131 0.3708 -0.0260 0.0488  -0.0531 4   DG  A "O5'" 
197 C "C5'" . DG  A 4  ? 0.3398 0.1851 0.3159 -0.0383 0.0350  -0.1060 4   DG  A "C5'" 
198 C "C4'" . DG  A 4  ? 0.3670 0.1611 0.2711 -0.0251 0.0129  -0.0518 4   DG  A "C4'" 
199 O "O4'" . DG  A 4  ? 0.3465 0.1275 0.2657 -0.0103 0.0461  -0.0475 4   DG  A "O4'" 
200 C "C3'" . DG  A 4  ? 0.4243 0.1404 0.3073 -0.0235 0.0308  -0.0212 4   DG  A "C3'" 
201 O "O3'" . DG  A 4  ? 0.5019 0.1322 0.3366 -0.0016 0.0209  -0.0356 4   DG  A "O3'" 
202 C "C2'" . DG  A 4  ? 0.3967 0.1291 0.2772 -0.0150 0.0517  -0.0025 4   DG  A "C2'" 
203 C "C1'" . DG  A 4  ? 0.3370 0.1052 0.2571 0.0226  0.0357  -0.0273 4   DG  A "C1'" 
204 N N9    . DG  A 4  ? 0.2779 0.1206 0.2525 0.0005  0.0305  -0.0386 4   DG  A N9    
205 C C8    . DG  A 4  ? 0.2733 0.1211 0.2721 0.0019  0.0589  -0.0372 4   DG  A C8    
206 N N7    . DG  A 4  ? 0.2584 0.1141 0.2325 -0.0298 0.0219  -0.0305 4   DG  A N7    
207 C C5    . DG  A 4  ? 0.2450 0.1056 0.1854 -0.0296 0.0320  -0.0271 4   DG  A C5    
208 C C6    . DG  A 4  ? 0.2164 0.0992 0.1532 -0.0293 0.0251  -0.0122 4   DG  A C6    
209 O O6    . DG  A 4  ? 0.2048 0.1189 0.1720 -0.0042 0.0187  -0.0337 4   DG  A O6    
210 N N1    . DG  A 4  ? 0.2448 0.1058 0.1553 -0.0306 0.0184  -0.0009 4   DG  A N1    
211 C C2    . DG  A 4  ? 0.2331 0.1294 0.1977 -0.0044 0.0065  0.0065  4   DG  A C2    
212 N N2    . DG  A 4  ? 0.2504 0.1456 0.2180 0.0148  0.0012  -0.0028 4   DG  A N2    
213 N N3    . DG  A 4  ? 0.2455 0.1153 0.2060 -0.0044 0.0080  0.0013  4   DG  A N3    
214 C C4    . DG  A 4  ? 0.2391 0.0993 0.2068 -0.0218 0.0125  -0.0370 4   DG  A C4    
226 P P     . DT  A 5  ? 0.5774 0.1848 0.3806 0.0399  0.0239  -0.0295 5   DT  A P     
227 O OP1   . DT  A 5  ? 0.6131 0.2396 0.4086 0.0535  0.0713  -0.0025 5   DT  A OP1   
228 O OP2   . DT  A 5  ? 0.5970 0.2456 0.4749 0.0702  0.0262  -0.0325 5   DT  A OP2   
229 O "O5'" . DT  A 5  ? 0.5893 0.1609 0.3807 -0.0143 0.0314  -0.0375 5   DT  A "O5'" 
230 C "C5'" . DT  A 5  ? 0.5780 0.2019 0.3680 0.0118  0.0343  -0.0519 5   DT  A "C5'" 
231 C "C4'" . DT  A 5  ? 0.5661 0.1872 0.3639 -0.0070 0.0309  -0.0183 5   DT  A "C4'" 
232 O "O4'" . DT  A 5  ? 0.5438 0.1760 0.3184 -0.0169 0.0243  -0.0348 5   DT  A "O4'" 
233 C "C3'" . DT  A 5  ? 0.5771 0.1785 0.3552 -0.0057 0.0220  -0.0388 5   DT  A "C3'" 
234 O "O3'" . DT  A 5  ? 0.5949 0.1542 0.4050 0.0263  0.0186  -0.0270 5   DT  A "O3'" 
235 C "C2'" . DT  A 5  ? 0.5589 0.1638 0.3506 -0.0200 0.0305  -0.0641 5   DT  A "C2'" 
236 C "C1'" . DT  A 5  ? 0.5294 0.1767 0.3583 -0.0120 0.0410  -0.0407 5   DT  A "C1'" 
237 N N1    . DT  A 5  ? 0.4811 0.1523 0.3722 -0.0060 0.0420  -0.0443 5   DT  A N1    
238 C C2    . DT  A 5  ? 0.4885 0.2257 0.3928 -0.0174 0.0433  -0.0218 5   DT  A C2    
239 O O2    . DT  A 5  ? 0.4826 0.2535 0.4386 -0.0614 0.0279  -0.0197 5   DT  A O2    
240 N N3    . DT  A 5  ? 0.4893 0.2389 0.3973 -0.0209 0.0696  -0.0105 5   DT  A N3    
241 C C4    . DT  A 5  ? 0.4951 0.2280 0.3853 -0.0004 0.1108  -0.0453 5   DT  A C4    
242 O O4    . DT  A 5  ? 0.5055 0.2881 0.3864 0.0396  0.1031  -0.0358 5   DT  A O4    
243 C C5    . DT  A 5  ? 0.4575 0.1668 0.3559 -0.0054 0.0801  -0.0514 5   DT  A C5    
244 C C7    . DT  A 5  ? 0.4755 0.1976 0.3785 -0.0154 0.0866  -0.0403 5   DT  A C7    
245 C C6    . DT  A 5  ? 0.4454 0.1383 0.3456 0.0106  0.0514  -0.0596 5   DT  A C6    
258 P P     . DT  A 6  ? 0.6267 0.1842 0.4352 0.0162  0.0042  -0.0346 6   DT  A P     
259 O OP1   . DT  A 6  ? 0.6323 0.1589 0.5189 -0.0161 -0.0031 0.0045  6   DT  A OP1   
260 O OP2   . DT  A 6  ? 0.6438 0.1954 0.4272 0.0496  -0.0479 -0.0620 6   DT  A OP2   
261 O "O5'" . DT  A 6  ? 0.5948 0.2051 0.4160 0.0580  0.0169  -0.0636 6   DT  A "O5'" 
262 C "C5'" . DT  A 6  ? 0.5769 0.2022 0.4695 0.0678  0.0409  -0.0225 6   DT  A "C5'" 
263 C "C4'" . DT  A 6  ? 0.5243 0.2004 0.4599 0.0456  0.0389  -0.0629 6   DT  A "C4'" 
264 O "O4'" . DT  A 6  ? 0.4844 0.1557 0.4745 0.0389  0.0146  -0.0453 6   DT  A "O4'" 
265 C "C3'" . DT  A 6  ? 0.4903 0.1632 0.4547 -0.0026 0.0293  -0.0786 6   DT  A "C3'" 
266 O "O3'" . DT  A 6  ? 0.4737 0.2101 0.4569 -0.0068 0.0059  -0.0675 6   DT  A "O3'" 
267 C "C2'" . DT  A 6  ? 0.4731 0.1701 0.4475 -0.0490 0.0227  -0.0904 6   DT  A "C2'" 
268 C "C1'" . DT  A 6  ? 0.4686 0.1648 0.4493 -0.0068 0.0071  -0.0762 6   DT  A "C1'" 
269 N N1    . DT  A 6  ? 0.4648 0.1574 0.4475 -0.0228 0.0132  -0.0891 6   DT  A N1    
270 C C2    . DT  A 6  ? 0.4685 0.1778 0.4875 -0.0344 0.0285  -0.0751 6   DT  A C2    
271 O O2    . DT  A 6  ? 0.4772 0.1707 0.4922 -0.0316 0.0281  -0.0525 6   DT  A O2    
272 N N3    . DT  A 6  ? 0.4725 0.1712 0.4810 -0.0465 0.0267  -0.1057 6   DT  A N3    
273 C C4    . DT  A 6  ? 0.4781 0.1862 0.4898 -0.0684 0.0222  -0.1128 6   DT  A C4    
274 O O4    . DT  A 6  ? 0.5153 0.2573 0.5311 -0.0628 0.0550  -0.0945 6   DT  A O4    
275 C C5    . DT  A 6  ? 0.4793 0.2082 0.4518 -0.0531 0.0230  -0.1286 6   DT  A C5    
276 C C7    . DT  A 6  ? 0.4951 0.2238 0.4661 -0.0335 0.0533  -0.1376 6   DT  A C7    
277 C C6    . DT  A 6  ? 0.4794 0.1840 0.4442 -0.0465 0.0367  -0.1183 6   DT  A C6    
290 P P     . DA  A 7  ? 0.4848 0.2245 0.4443 -0.0284 -0.0023 -0.0688 7   DA  A P     
291 O OP1   . DA  A 7  ? 0.4828 0.3091 0.4886 -0.0762 -0.0399 -0.0522 7   DA  A OP1   
292 O OP2   . DA  A 7  ? 0.5263 0.2035 0.4411 -0.0211 0.0408  -0.0637 7   DA  A OP2   
293 O "O5'" . DA  A 7  ? 0.4803 0.2329 0.4081 -0.0268 0.0328  -0.0741 7   DA  A "O5'" 
294 C "C5'" . DA  A 7  ? 0.4479 0.2123 0.3979 -0.0177 0.0432  -0.0655 7   DA  A "C5'" 
295 C "C4'" . DA  A 7  ? 0.4077 0.1599 0.3603 -0.0563 0.0199  -0.0996 7   DA  A "C4'" 
296 O "O4'" . DA  A 7  ? 0.4117 0.1912 0.3462 -0.0380 0.0366  -0.1000 7   DA  A "O4'" 
297 C "C3'" . DA  A 7  ? 0.4107 0.1672 0.3903 -0.0436 0.0406  -0.1067 7   DA  A "C3'" 
298 O "O3'" . DA  A 7  ? 0.3790 0.1825 0.4244 -0.0354 0.0182  -0.0885 7   DA  A "O3'" 
299 C "C2'" . DA  A 7  ? 0.3957 0.1621 0.3459 -0.0108 0.0107  -0.0719 7   DA  A "C2'" 
300 C "C1'" . DA  A 7  ? 0.4048 0.1380 0.3235 -0.0032 0.0233  -0.0781 7   DA  A "C1'" 
301 N N9    . DA  A 7  ? 0.4121 0.1651 0.3056 -0.0075 0.0138  -0.0878 7   DA  A N9    
302 C C8    . DA  A 7  ? 0.4194 0.1525 0.3750 -0.0317 0.0652  -0.0524 7   DA  A C8    
303 N N7    . DA  A 7  ? 0.4047 0.1659 0.3704 -0.0057 0.0520  -0.0709 7   DA  A N7    
304 C C5    . DA  A 7  ? 0.4043 0.1831 0.3563 0.0321  0.0684  -0.0913 7   DA  A C5    
305 C C6    . DA  A 7  ? 0.3919 0.2041 0.3699 0.0171  0.0421  -0.0743 7   DA  A C6    
306 N N6    . DA  A 7  ? 0.4156 0.2212 0.4162 -0.0171 0.0404  -0.0800 7   DA  A N6    
307 N N1    . DA  A 7  ? 0.3950 0.2439 0.3939 0.0409  0.0521  -0.0408 7   DA  A N1    
308 C C2    . DA  A 7  ? 0.3969 0.2110 0.3945 0.0475  0.0389  -0.0505 7   DA  A C2    
309 N N3    . DA  A 7  ? 0.4037 0.1689 0.3388 0.0390  0.0057  -0.0632 7   DA  A N3    
310 C C4    . DA  A 7  ? 0.3983 0.1397 0.3387 0.0424  0.0351  -0.0554 7   DA  A C4    
322 P P     . DG  A 8  ? 0.3898 0.2061 0.4283 -0.0130 0.0420  -0.0932 8   DG  A P     
323 O OP1   . DG  A 8  ? 0.4001 0.2544 0.4660 -0.0591 0.0802  -0.1009 8   DG  A OP1   
324 O OP2   . DG  A 8  ? 0.3928 0.1834 0.5568 0.0482  0.0521  -0.0523 8   DG  A OP2   
325 O "O5'" . DG  A 8  ? 0.3781 0.1834 0.3444 -0.0013 -0.0099 -0.0961 8   DG  A "O5'" 
326 C "C5'" . DG  A 8  ? 0.3402 0.1295 0.3401 0.0044  -0.0048 -0.0684 8   DG  A "C5'" 
327 C "C4'" . DG  A 8  ? 0.2898 0.1326 0.3223 0.0431  0.0125  -0.0689 8   DG  A "C4'" 
328 O "O4'" . DG  A 8  ? 0.2763 0.1283 0.3191 0.0429  0.0565  -0.0637 8   DG  A "O4'" 
329 C "C3'" . DG  A 8  ? 0.2925 0.1564 0.3288 0.0663  -0.0208 -0.0429 8   DG  A "C3'" 
330 O "O3'" . DG  A 8  ? 0.2839 0.2258 0.4153 0.0648  -0.0707 -0.0623 8   DG  A "O3'" 
331 C "C2'" . DG  A 8  ? 0.2952 0.1559 0.2730 0.0627  0.0327  -0.0692 8   DG  A "C2'" 
332 C "C1'" . DG  A 8  ? 0.2194 0.1172 0.2838 0.0350  0.0307  -0.0665 8   DG  A "C1'" 
333 N N9    . DG  A 8  ? 0.1770 0.1257 0.2314 0.0124  0.0242  -0.0631 8   DG  A N9    
334 C C8    . DG  A 8  ? 0.1705 0.1181 0.2186 -0.0014 0.0097  -0.0426 8   DG  A C8    
335 N N7    . DG  A 8  ? 0.1570 0.1136 0.1918 0.0033  0.0212  -0.0448 8   DG  A N7    
336 C C5    . DG  A 8  ? 0.1727 0.0949 0.1666 0.0108  0.0273  -0.0044 8   DG  A C5    
337 C C6    . DG  A 8  ? 0.1346 0.1105 0.1487 -0.0096 0.0217  -0.0125 8   DG  A C6    
338 O O6    . DG  A 8  ? 0.1253 0.1242 0.1713 -0.0077 0.0174  -0.0297 8   DG  A O6    
339 N N1    . DG  A 8  ? 0.1385 0.0980 0.1688 0.0028  0.0326  -0.0160 8   DG  A N1    
340 C C2    . DG  A 8  ? 0.1622 0.1044 0.1497 0.0126  0.0314  -0.0453 8   DG  A C2    
341 N N2    . DG  A 8  ? 0.1682 0.1313 0.2040 -0.0144 0.0429  -0.0415 8   DG  A N2    
342 N N3    . DG  A 8  ? 0.1569 0.1211 0.1954 0.0182  0.0166  -0.0319 8   DG  A N3    
343 C C4    . DG  A 8  ? 0.1686 0.1448 0.1891 0.0222  0.0220  -0.0300 8   DG  A C4    
355 P P     . DG  A 9  ? 0.3286 0.2585 0.4361 0.0749  -0.0788 -0.1060 9   DG  A P     
356 O OP1   . DG  A 9  ? 0.3611 0.3358 0.4858 0.1389  -0.0511 -0.0881 9   DG  A OP1   
357 O OP2   . DG  A 9  ? 0.3535 0.2648 0.4684 -0.0111 -0.0648 -0.0122 9   DG  A OP2   
358 O "O5'" . DG  A 9  ? 0.3369 0.2745 0.4511 0.0376  -0.0373 -0.1582 9   DG  A "O5'" 
359 C "C5'" . DG  A 9  ? 0.3021 0.3064 0.4333 0.0533  -0.0187 -0.1419 9   DG  A "C5'" 
360 C "C4'" . DG  A 9  ? 0.2347 0.2874 0.3735 0.0652  -0.0378 -0.1276 9   DG  A "C4'" 
361 O "O4'" . DG  A 9  ? 0.1894 0.2849 0.3085 0.0357  0.0018  -0.0657 9   DG  A "O4'" 
362 C "C3'" . DG  A 9  ? 0.2290 0.2445 0.3945 0.0601  -0.0453 -0.1236 9   DG  A "C3'" 
363 O "O3'" . DG  A 9  ? 0.2777 0.2966 0.4124 0.0485  -0.0684 -0.1302 9   DG  A "O3'" 
364 C "C2'" . DG  A 9  ? 0.2205 0.2247 0.3709 0.0440  -0.0107 -0.0766 9   DG  A "C2'" 
365 C "C1'" . DG  A 9  ? 0.2091 0.2190 0.3079 0.0296  0.0089  -0.0468 9   DG  A "C1'" 
366 N N9    . DG  A 9  ? 0.1971 0.1484 0.2189 0.0039  0.0090  -0.0604 9   DG  A N9    
367 C C8    . DG  A 9  ? 0.2016 0.1592 0.2069 0.0156  0.0149  -0.0329 9   DG  A C8    
368 N N7    . DG  A 9  ? 0.1649 0.1244 0.2003 0.0139  0.0160  -0.0347 9   DG  A N7    
369 C C5    . DG  A 9  ? 0.1555 0.1205 0.1686 -0.0022 0.0090  -0.0297 9   DG  A C5    
370 C C6    . DG  A 9  ? 0.1635 0.0862 0.1820 0.0192  0.0411  -0.0213 9   DG  A C6    
371 O O6    . DG  A 9  ? 0.1525 0.1264 0.1887 -0.0041 0.0092  -0.0098 9   DG  A O6    
372 N N1    . DG  A 9  ? 0.1469 0.0949 0.1931 -0.0110 0.0077  -0.0185 9   DG  A N1    
373 C C2    . DG  A 9  ? 0.1527 0.1198 0.1970 -0.0147 0.0189  -0.0084 9   DG  A C2    
374 N N2    . DG  A 9  ? 0.1587 0.1519 0.2181 -0.0185 0.0130  -0.0176 9   DG  A N2    
375 N N3    . DG  A 9  ? 0.1927 0.1217 0.2075 -0.0147 0.0165  -0.0298 9   DG  A N3    
376 C C4    . DG  A 9  ? 0.1584 0.1391 0.2119 0.0212  0.0137  -0.0416 9   DG  A C4    
388 P P     . DG  A 10 ? 0.2790 0.3523 0.4347 0.1086  -0.0835 -0.1279 10  DG  A P     
389 O OP1   . DG  A 10 ? 0.2968 0.4361 0.4842 0.1294  -0.0752 -0.1124 10  DG  A OP1   
390 O OP2   . DG  A 10 ? 0.2998 0.3971 0.4187 0.0589  -0.0683 -0.0839 10  DG  A OP2   
391 O "O5'" . DG  A 10 ? 0.2471 0.3145 0.4341 0.0728  -0.0817 -0.1450 10  DG  A "O5'" 
392 C "C5'" . DG  A 10 ? 0.2384 0.3454 0.4314 0.0221  -0.0466 -0.1666 10  DG  A "C5'" 
393 C "C4'" . DG  A 10 ? 0.2176 0.3176 0.4390 0.0316  -0.0525 -0.1536 10  DG  A "C4'" 
394 O "O4'" . DG  A 10 ? 0.1796 0.2609 0.4368 0.0259  -0.0296 -0.0769 10  DG  A "O4'" 
395 C "C3'" . DG  A 10 ? 0.2348 0.3720 0.4159 0.0541  -0.0889 -0.1611 10  DG  A "C3'" 
396 O "O3'" . DG  A 10 ? 0.2710 0.4895 0.4600 0.0522  -0.1223 -0.2292 10  DG  A "O3'" 
397 C "C2'" . DG  A 10 ? 0.2120 0.3364 0.4014 0.0774  -0.0579 -0.0940 10  DG  A "C2'" 
398 C "C1'" . DG  A 10 ? 0.1829 0.2464 0.3642 0.0313  -0.0418 -0.0927 10  DG  A "C1'" 
399 N N9    . DG  A 10 ? 0.1909 0.2026 0.2640 -0.0173 -0.0420 -0.0524 10  DG  A N9    
400 C C8    . DG  A 10 ? 0.2185 0.2027 0.2672 -0.0296 -0.0145 -0.0538 10  DG  A C8    
401 N N7    . DG  A 10 ? 0.2125 0.1880 0.2060 -0.0072 -0.0113 -0.0415 10  DG  A N7    
402 C C5    . DG  A 10 ? 0.2014 0.1596 0.1831 0.0006  -0.0029 -0.0227 10  DG  A C5    
403 C C6    . DG  A 10 ? 0.1887 0.1354 0.1762 -0.0268 0.0086  -0.0193 10  DG  A C6    
404 O O6    . DG  A 10 ? 0.1995 0.1158 0.1910 -0.0098 0.0041  -0.0198 10  DG  A O6    
405 N N1    . DG  A 10 ? 0.1909 0.1365 0.1608 -0.0252 -0.0011 -0.0302 10  DG  A N1    
406 C C2    . DG  A 10 ? 0.1894 0.1390 0.1813 -0.0366 0.0043  -0.0386 10  DG  A C2    
407 N N2    . DG  A 10 ? 0.1901 0.1555 0.2435 -0.0304 -0.0275 -0.0542 10  DG  A N2    
408 N N3    . DG  A 10 ? 0.1733 0.2075 0.2210 -0.0023 -0.0053 -0.0384 10  DG  A N3    
409 C C4    . DG  A 10 ? 0.1676 0.1802 0.1992 0.0133  -0.0140 -0.0296 10  DG  A C4    
421 P P     . DT  A 11 ? 0.2864 0.6704 0.4660 0.0674  -0.1040 -0.2707 11  DT  A P     
422 O OP1   . DT  A 11 ? 0.2685 0.6992 0.5070 0.0791  -0.0962 -0.2292 11  DT  A OP1   
423 O OP2   . DT  A 11 ? 0.3323 0.7522 0.4731 0.0685  -0.0726 -0.3199 11  DT  A OP2   
424 O "O5'" . DT  A 11 ? 0.2668 0.6297 0.4802 0.1185  -0.0819 -0.1825 11  DT  A "O5'" 
425 C "C5'" . DT  A 11 ? 0.2603 0.5858 0.4188 0.1325  -0.0741 -0.1490 11  DT  A "C5'" 
426 C "C4'" . DT  A 11 ? 0.2420 0.5484 0.3937 0.0970  -0.1198 -0.1332 11  DT  A "C4'" 
427 O "O4'" . DT  A 11 ? 0.2442 0.5889 0.4391 0.0948  -0.0898 -0.1418 11  DT  A "O4'" 
428 C "C3'" . DT  A 11 ? 0.2508 0.5386 0.4477 0.0846  -0.1453 -0.0567 11  DT  A "C3'" 
429 O "O3'" . DT  A 11 ? 0.2861 0.3903 0.5177 0.0426  -0.1947 -0.0218 11  DT  A "O3'" 
430 C "C2'" . DT  A 11 ? 0.2287 0.5795 0.4721 0.1045  -0.0933 -0.0728 11  DT  A "C2'" 
431 C "C1'" . DT  A 11 ? 0.2526 0.6008 0.4486 0.1069  -0.0474 -0.1088 11  DT  A "C1'" 
432 N N1    . DT  A 11 ? 0.3114 0.5707 0.3827 0.1241  -0.0137 -0.0953 11  DT  A N1    
433 C C2    . DT  A 11 ? 0.3655 0.5357 0.4428 0.1382  0.0025  -0.0268 11  DT  A C2    
434 O O2    . DT  A 11 ? 0.4163 0.4984 0.5131 0.1320  0.0182  -0.0477 11  DT  A O2    
435 N N3    . DT  A 11 ? 0.3418 0.4556 0.3668 0.1610  -0.0231 0.0413  11  DT  A N3    
436 C C4    . DT  A 11 ? 0.3188 0.5054 0.3732 0.1187  0.0203  -0.0241 11  DT  A C4    
437 O O4    . DT  A 11 ? 0.3317 0.5603 0.3572 0.0560  0.0756  -0.0540 11  DT  A O4    
438 C C5    . DT  A 11 ? 0.2774 0.5690 0.3526 0.1314  0.0113  -0.0290 11  DT  A C5    
439 C C7    . DT  A 11 ? 0.2162 0.6268 0.3764 0.1204  -0.0462 -0.0161 11  DT  A C7    
440 C C6    . DT  A 11 ? 0.2812 0.6038 0.3669 0.1361  0.0054  -0.0368 11  DT  A C6    
453 P P     . DT  A 12 ? 0.3650 0.4212 0.4970 0.0055  -0.1950 -0.0215 12  DT  A P     
454 O OP1   . DT  A 12 ? 0.3568 0.5178 0.5532 0.0055  -0.2298 0.0192  12  DT  A OP1   
455 O OP2   . DT  A 12 ? 0.4177 0.5441 0.4681 -0.0433 -0.1394 -0.0367 12  DT  A OP2   
456 O "O5'" . DT  A 12 ? 0.3958 0.4067 0.4740 -0.0360 -0.1511 -0.0612 12  DT  A "O5'" 
457 C "C5'" . DT  A 12 ? 0.4170 0.3730 0.4049 -0.0510 -0.1190 -0.1523 12  DT  A "C5'" 
458 C "C4'" . DT  A 12 ? 0.3742 0.3700 0.4036 -0.0166 -0.1080 -0.1052 12  DT  A "C4'" 
459 O "O4'" . DT  A 12 ? 0.3250 0.3476 0.4374 -0.0294 -0.1336 -0.0671 12  DT  A "O4'" 
460 C "C3'" . DT  A 12 ? 0.3536 0.3811 0.3583 0.0516  -0.1240 -0.0698 12  DT  A "C3'" 
461 O "O3'" . DT  A 12 ? 0.4237 0.3730 0.3773 0.1384  -0.0015 -0.0730 12  DT  A "O3'" 
462 C "C2'" . DT  A 12 ? 0.3233 0.3878 0.4017 -0.0122 -0.1173 -0.0914 12  DT  A "C2'" 
463 C "C1'" . DT  A 12 ? 0.2829 0.3517 0.4438 -0.0618 -0.1101 -0.1203 12  DT  A "C1'" 
464 N N1    . DT  A 12 ? 0.2121 0.3418 0.5070 -0.0481 -0.0749 -0.1051 12  DT  A N1    
465 C C2    . DT  A 12 ? 0.1743 0.3129 0.5201 -0.0252 -0.0344 -0.0973 12  DT  A C2    
466 O O2    . DT  A 12 ? 0.2529 0.2691 0.5387 -0.0451 0.0467  -0.0928 12  DT  A O2    
467 N N3    . DT  A 12 ? 0.1641 0.2904 0.5785 0.0118  0.0306  -0.0877 12  DT  A N3    
468 C C4    . DT  A 12 ? 0.1839 0.3276 0.5900 0.0464  0.0461  -0.0566 12  DT  A C4    
469 O O4    . DT  A 12 ? 0.2057 0.3050 0.6373 0.0357  0.0957  -0.0691 12  DT  A O4    
470 C C5    . DT  A 12 ? 0.2011 0.3639 0.5421 0.0053  -0.0134 -0.0912 12  DT  A C5    
471 C C7    . DT  A 12 ? 0.2369 0.3835 0.5627 0.0518  0.0354  -0.0491 12  DT  A C7    
472 C C6    . DT  A 12 ? 0.1996 0.3358 0.5256 -0.0225 -0.0645 -0.1167 12  DT  A C6    
485 P P     A DA  A 13 ? 0.3998 0.4257 0.3399 0.1759  0.0137  -0.0656 13  DA  A P     
486 P P     B DA  A 13 ? 0.4461 0.4609 0.4006 0.1280  0.0235  -0.0698 13  DA  A P     
487 O OP1   A DA  A 13 ? 0.4438 0.4481 0.3636 0.1990  0.0641  -0.0628 13  DA  A OP1   
488 O OP1   B DA  A 13 ? 0.4620 0.4830 0.4130 0.1424  0.0450  -0.0724 13  DA  A OP1   
489 O OP2   A DA  A 13 ? 0.3372 0.4472 0.3278 0.1775  -0.0592 -0.0898 13  DA  A OP2   
490 O OP2   B DA  A 13 ? 0.4260 0.4750 0.3877 0.1108  -0.0038 -0.0635 13  DA  A OP2   
491 O "O5'" A DA  A 13 ? 0.3490 0.4782 0.2992 0.1294  0.0269  -0.0384 13  DA  A "O5'" 
492 O "O5'" B DA  A 13 ? 0.4336 0.5118 0.3967 0.1160  0.0164  -0.0611 13  DA  A "O5'" 
493 C "C5'" A DA  A 13 ? 0.2901 0.4540 0.2917 0.0237  0.0255  -0.0199 13  DA  A "C5'" 
494 C "C5'" B DA  A 13 ? 0.4134 0.5407 0.4103 0.0753  0.0141  -0.0464 13  DA  A "C5'" 
495 C "C4'" A DA  A 13 ? 0.2291 0.3812 0.3012 -0.0404 0.0401  0.0180  13  DA  A "C4'" 
496 C "C4'" B DA  A 13 ? 0.3743 0.5313 0.4086 0.0402  0.0064  -0.0317 13  DA  A "C4'" 
497 O "O4'" A DA  A 13 ? 0.1869 0.3864 0.3609 -0.0327 0.0391  0.0537  13  DA  A "O4'" 
498 O "O4'" B DA  A 13 ? 0.3734 0.5365 0.4239 0.0246  0.0080  -0.0289 13  DA  A "O4'" 
499 C "C3'" A DA  A 13 ? 0.2362 0.2988 0.3261 -0.0759 0.0482  0.0343  13  DA  A "C3'" 
500 C "C3'" B DA  A 13 ? 0.3314 0.5188 0.4013 0.0140  -0.0001 -0.0271 13  DA  A "C3'" 
501 O "O3'" A DA  A 13 ? 0.2253 0.3162 0.3540 -0.0793 -0.0034 0.0739  13  DA  A "O3'" 
502 O "O3'" B DA  A 13 ? 0.2602 0.4808 0.3481 -0.0169 -0.0639 -0.0468 13  DA  A "O3'" 
503 C "C2'" A DA  A 13 ? 0.2264 0.1565 0.3788 0.0188  0.0891  0.0528  13  DA  A "C2'" 
504 C "C2'" B DA  A 13 ? 0.3496 0.5272 0.3968 0.0169  0.0205  -0.0331 13  DA  A "C2'" 
505 C "C1'" A DA  A 13 ? 0.1516 0.3229 0.3690 -0.0447 0.0334  0.0255  13  DA  A "C1'" 
506 C "C1'" B DA  A 13 ? 0.3629 0.5267 0.4154 0.0144  0.0206  -0.0340 13  DA  A "C1'" 
507 N N9    A DA  A 13 ? 0.1494 0.4074 0.3675 -0.0366 0.0565  0.0048  13  DA  A N9    
508 N N9    B DA  A 13 ? 0.3568 0.5018 0.3900 -0.0037 0.0148  -0.0639 13  DA  A N9    
509 C C8    A DA  A 13 ? 0.1571 0.4715 0.3781 -0.0587 0.0339  -0.0350 13  DA  A C8    
510 C C8    B DA  A 13 ? 0.3555 0.5017 0.3910 0.0026  0.0120  -0.0560 13  DA  A C8    
511 N N7    A DA  A 13 ? 0.1374 0.3714 0.4099 -0.0569 0.0375  -0.0511 13  DA  A N7    
512 N N7    B DA  A 13 ? 0.3555 0.4613 0.4119 -0.0033 0.0324  -0.0488 13  DA  A N7    
513 C C5    A DA  A 13 ? 0.1390 0.3606 0.3881 -0.0098 0.0052  -0.0042 13  DA  A C5    
514 C C5    B DA  A 13 ? 0.3560 0.4478 0.4156 -0.0209 0.0383  -0.0311 13  DA  A C5    
515 C C6    A DA  A 13 ? 0.2346 0.3852 0.4577 0.0067  0.0488  0.0464  13  DA  A C6    
516 C C6    B DA  A 13 ? 0.3622 0.4228 0.4088 -0.0321 0.0764  -0.0364 13  DA  A C6    
517 N N6    A DA  A 13 ? 0.2741 0.3350 0.4742 0.1029  0.0208  0.1316  13  DA  A N6    
518 N N6    B DA  A 13 ? 0.3641 0.4194 0.4206 -0.0327 0.1038  -0.0346 13  DA  A N6    
519 N N1    A DA  A 13 ? 0.1912 0.4017 0.4180 0.0039  0.0166  0.0210  13  DA  A N1    
520 N N1    B DA  A 13 ? 0.3516 0.4378 0.4287 -0.0080 0.0422  -0.0098 13  DA  A N1    
521 C C2    A DA  A 13 ? 0.1912 0.3278 0.4115 -0.0792 0.0543  -0.0371 13  DA  A C2    
522 C C2    B DA  A 13 ? 0.3536 0.4385 0.4294 -0.0362 0.0261  -0.0327 13  DA  A C2    
523 N N3    A DA  A 13 ? 0.1687 0.3206 0.4028 -0.0490 0.0976  -0.0131 13  DA  A N3    
524 N N3    B DA  A 13 ? 0.3491 0.4816 0.4057 -0.0476 0.0029  -0.0611 13  DA  A N3    
525 C C4    A DA  A 13 ? 0.1461 0.3850 0.3534 -0.0814 0.0326  -0.0304 13  DA  A C4    
526 C C4    B DA  A 13 ? 0.3559 0.4850 0.4086 -0.0327 0.0219  -0.0547 13  DA  A C4    
537 P P     A DG  A 14 ? 0.2207 0.3262 0.4470 -0.0291 -0.0273 0.1122  14  DG  A P     
538 P P     B DG  A 14 ? 0.2566 0.2852 0.3224 0.0165  -0.0323 -0.0320 14  DG  A P     
539 O OP1   A DG  A 14 ? 0.2760 0.4157 0.4711 -0.0158 0.0150  0.1277  14  DG  A OP1   
540 O OP1   B DG  A 14 ? 0.3111 0.3490 0.3711 0.0138  0.0465  -0.0437 14  DG  A OP1   
541 O OP2   A DG  A 14 ? 0.2739 0.2946 0.5221 -0.0456 -0.0027 0.0944  14  DG  A OP2   
542 O OP2   B DG  A 14 ? 0.2491 0.2682 0.2354 0.0988  -0.0713 -0.0192 14  DG  A OP2   
543 O "O5'" A DG  A 14 ? 0.1987 0.2761 0.3826 -0.0234 -0.0199 0.0751  14  DG  A "O5'" 
544 O "O5'" B DG  A 14 ? 0.2439 0.1986 0.3879 -0.0097 -0.0045 -0.0009 14  DG  A "O5'" 
545 C "C5'" A DG  A 14 ? 0.1856 0.2418 0.3383 -0.0443 0.0201  0.0112  14  DG  A "C5'" 
546 C "C5'" B DG  A 14 ? 0.2351 0.2578 0.3938 -0.0644 0.0019  -0.0004 14  DG  A "C5'" 
547 C "C4'" A DG  A 14 ? 0.1547 0.1447 0.3479 -0.0383 0.0249  -0.0079 14  DG  A "C4'" 
548 C "C4'" B DG  A 14 ? 0.2203 0.2887 0.3743 -0.1021 -0.0158 -0.0280 14  DG  A "C4'" 
549 O "O4'" A DG  A 14 ? 0.1166 0.1220 0.3217 -0.0357 0.0029  0.0292  14  DG  A "O4'" 
550 O "O4'" B DG  A 14 ? 0.1989 0.3031 0.3209 -0.1234 -0.0365 -0.0345 14  DG  A "O4'" 
551 C "C3'" A DG  A 14 ? 0.1759 0.1551 0.3508 -0.0512 0.0392  -0.0725 14  DG  A "C3'" 
552 C "C3'" B DG  A 14 ? 0.2260 0.3064 0.3732 -0.0976 -0.0188 -0.0621 14  DG  A "C3'" 
553 O "O3'" A DG  A 14 ? 0.2556 0.2095 0.3752 -0.0634 0.0384  -0.1218 14  DG  A "O3'" 
554 O "O3'" B DG  A 14 ? 0.2634 0.3242 0.4049 -0.0801 -0.0007 -0.0958 14  DG  A "O3'" 
555 C "C2'" A DG  A 14 ? 0.1457 0.1271 0.2740 -0.0443 0.0148  -0.0581 14  DG  A "C2'" 
556 C "C2'" B DG  A 14 ? 0.2040 0.2938 0.3173 -0.0892 -0.0319 -0.0605 14  DG  A "C2'" 
557 C "C1'" A DG  A 14 ? 0.1156 0.1318 0.2669 -0.0366 -0.0090 0.0001  14  DG  A "C1'" 
558 C "C1'" B DG  A 14 ? 0.1892 0.2680 0.2938 -0.0912 -0.0280 -0.0447 14  DG  A "C1'" 
559 N N9    A DG  A 14 ? 0.1457 0.1263 0.2065 -0.0261 0.0200  -0.0112 14  DG  A N9    
560 N N9    B DG  A 14 ? 0.1681 0.1719 0.2487 -0.0452 -0.0084 -0.0317 14  DG  A N9    
561 C C8    A DG  A 14 ? 0.1715 0.1305 0.1836 -0.0246 0.0339  0.0132  14  DG  A C8    
562 C C8    B DG  A 14 ? 0.1676 0.1456 0.2334 -0.0395 0.0019  -0.0213 14  DG  A C8    
563 N N7    A DG  A 14 ? 0.1782 0.1153 0.1469 -0.0298 0.0355  0.0114  14  DG  A N7    
564 N N7    B DG  A 14 ? 0.1473 0.1598 0.2038 -0.0090 -0.0143 -0.0297 14  DG  A N7    
565 C C5    A DG  A 14 ? 0.1535 0.1196 0.1270 -0.0256 0.0120  0.0074  14  DG  A C5    
566 C C5    B DG  A 14 ? 0.1314 0.1634 0.1913 -0.0001 -0.0118 -0.0479 14  DG  A C5    
567 C C6    A DG  A 14 ? 0.1860 0.1203 0.1297 -0.0114 0.0231  -0.0060 14  DG  A C6    
568 C C6    B DG  A 14 ? 0.1203 0.1158 0.1876 0.0016  0.0073  -0.0607 14  DG  A C6    
569 O O6    A DG  A 14 ? 0.2126 0.1667 0.1220 -0.0336 0.0290  0.0296  14  DG  A O6    
570 O O6    B DG  A 14 ? 0.1000 0.0607 0.1434 0.0152  0.0067  -0.0400 14  DG  A O6    
571 N N1    A DG  A 14 ? 0.1665 0.0685 0.1708 -0.0249 0.0185  -0.0361 14  DG  A N1    
572 N N1    B DG  A 14 ? 0.1316 0.1096 0.2178 -0.0232 -0.0018 -0.0466 14  DG  A N1    
573 C C2    A DG  A 14 ? 0.1520 0.1321 0.1780 0.0224  -0.0214 0.0050  14  DG  A C2    
574 C C2    B DG  A 14 ? 0.1505 0.1246 0.2049 -0.0034 -0.0053 -0.0226 14  DG  A C2    
575 N N2    A DG  A 14 ? 0.1864 0.1827 0.2200 0.0326  0.0089  0.0483  14  DG  A N2    
576 N N2    B DG  A 14 ? 0.1737 0.0664 0.1784 -0.0175 -0.0004 -0.0442 14  DG  A N2    
577 N N3    A DG  A 14 ? 0.1334 0.1081 0.1921 -0.0061 -0.0091 -0.0383 14  DG  A N3    
578 N N3    B DG  A 14 ? 0.1455 0.1442 0.2219 -0.0048 -0.0024 -0.0218 14  DG  A N3    
579 C C4    A DG  A 14 ? 0.1311 0.1306 0.1626 -0.0117 0.0109  -0.0123 14  DG  A C4    
580 C C4    B DG  A 14 ? 0.1398 0.1591 0.2146 -0.0223 -0.0107 -0.0281 14  DG  A C4    
591 P P     . DG  A 15 ? 0.2790 0.3252 0.3979 -0.0465 -0.0183 -0.1486 15  DG  A P     
592 O OP1   . DG  A 15 ? 0.3094 0.3635 0.4826 -0.1121 -0.0013 -0.1525 15  DG  A OP1   
593 O OP2   . DG  A 15 ? 0.3140 0.4238 0.3686 -0.0026 -0.0340 -0.0889 15  DG  A OP2   
594 O "O5'" . DG  A 15 ? 0.2788 0.2564 0.4163 0.0078  -0.0032 -0.0856 15  DG  A "O5'" 
595 C "C5'" . DG  A 15 ? 0.2608 0.2077 0.3770 -0.0376 -0.0444 -0.0865 15  DG  A "C5'" 
596 C "C4'" . DG  A 15 ? 0.2673 0.2321 0.3292 -0.0470 -0.0494 -0.0529 15  DG  A "C4'" 
597 O "O4'" . DG  A 15 ? 0.3086 0.1967 0.2941 -0.0691 0.0058  -0.0483 15  DG  A "O4'" 
598 C "C3'" . DG  A 15 ? 0.2624 0.1940 0.3087 -0.0449 -0.0650 -0.0587 15  DG  A "C3'" 
599 O "O3'" . DG  A 15 ? 0.3095 0.2092 0.3055 -0.0057 -0.0207 -0.0901 15  DG  A "O3'" 
600 C "C2'" . DG  A 15 ? 0.2463 0.1826 0.2634 -0.0262 -0.0535 -0.0582 15  DG  A "C2'" 
601 C "C1'" . DG  A 15 ? 0.2479 0.1835 0.2564 -0.0537 -0.0251 -0.0530 15  DG  A "C1'" 
602 N N9    . DG  A 15 ? 0.1904 0.1247 0.2153 -0.0449 -0.0100 -0.0399 15  DG  A N9    
603 C C8    . DG  A 15 ? 0.1664 0.1892 0.1998 -0.0345 -0.0073 -0.0209 15  DG  A C8    
604 N N7    . DG  A 15 ? 0.1360 0.1613 0.2009 -0.0477 -0.0038 -0.0068 15  DG  A N7    
605 C C5    . DG  A 15 ? 0.1462 0.1430 0.1681 -0.0337 0.0006  -0.0254 15  DG  A C5    
606 C C6    . DG  A 15 ? 0.1409 0.1665 0.1807 0.0021  -0.0034 -0.0099 15  DG  A C6    
607 O O6    . DG  A 15 ? 0.1668 0.1537 0.1745 -0.0078 0.0030  -0.0226 15  DG  A O6    
608 N N1    . DG  A 15 ? 0.1649 0.1247 0.1656 -0.0040 -0.0039 -0.0466 15  DG  A N1    
609 C C2    . DG  A 15 ? 0.1437 0.1604 0.1748 -0.0076 -0.0215 -0.0196 15  DG  A C2    
610 N N2    . DG  A 15 ? 0.1670 0.1580 0.2070 0.0112  -0.0137 -0.0415 15  DG  A N2    
611 N N3    . DG  A 15 ? 0.1500 0.1931 0.2024 -0.0257 -0.0161 -0.0456 15  DG  A N3    
612 C C4    . DG  A 15 ? 0.1629 0.1300 0.1988 -0.0472 0.0095  -0.0481 15  DG  A C4    
624 P P     . DG  A 16 ? 0.3481 0.1986 0.3329 -0.0112 -0.0190 -0.1015 16  DG  A P     
625 O OP1   . DG  A 16 ? 0.4147 0.2706 0.3435 -0.0207 -0.0072 -0.1207 16  DG  A OP1   
626 O OP2   . DG  A 16 ? 0.3766 0.1975 0.3385 0.0487  -0.0195 -0.0588 16  DG  A OP2   
627 O "O5'" . DG  A 16 ? 0.3016 0.1684 0.3713 -0.0086 -0.0140 -0.0601 16  DG  A "O5'" 
628 C "C5'" . DG  A 16 ? 0.3189 0.1663 0.3763 -0.0101 -0.0091 -0.0595 16  DG  A "C5'" 
629 C "C4'" . DG  A 16 ? 0.3195 0.1924 0.3051 -0.0194 -0.0114 -0.1086 16  DG  A "C4'" 
630 O "O4'" . DG  A 16 ? 0.3211 0.1678 0.2860 0.0114  0.0299  -0.0871 16  DG  A "O4'" 
631 C "C3'" . DG  A 16 ? 0.3562 0.2231 0.2777 -0.0256 0.0272  -0.1235 16  DG  A "C3'" 
632 O "O3'" . DG  A 16 ? 0.4331 0.2706 0.3461 -0.0089 0.0995  -0.1490 16  DG  A "O3'" 
633 C "C2'" . DG  A 16 ? 0.3366 0.2241 0.2232 -0.0174 0.0230  -0.0902 16  DG  A "C2'" 
634 C "C1'" . DG  A 16 ? 0.2912 0.1640 0.2449 0.0169  0.0098  -0.0607 16  DG  A "C1'" 
635 N N9    . DG  A 16 ? 0.2717 0.1364 0.2388 0.0027  0.0172  -0.0732 16  DG  A N9    
636 C C8    . DG  A 16 ? 0.2499 0.1387 0.2496 -0.0323 0.0088  -0.0638 16  DG  A C8    
637 N N7    . DG  A 16 ? 0.2274 0.1553 0.2113 -0.0310 -0.0007 -0.0394 16  DG  A N7    
638 C C5    . DG  A 16 ? 0.2082 0.1360 0.2105 -0.0109 -0.0057 -0.0298 16  DG  A C5    
639 C C6    . DG  A 16 ? 0.1851 0.1492 0.1868 -0.0169 0.0171  -0.0486 16  DG  A C6    
640 O O6    . DG  A 16 ? 0.1983 0.1408 0.1966 -0.0043 0.0073  -0.0647 16  DG  A O6    
641 N N1    . DG  A 16 ? 0.2013 0.1315 0.1927 -0.0145 0.0200  -0.0558 16  DG  A N1    
642 C C2    . DG  A 16 ? 0.2039 0.1519 0.2202 -0.0194 0.0357  -0.0687 16  DG  A C2    
643 N N2    . DG  A 16 ? 0.2098 0.1430 0.2667 -0.0259 0.0638  -0.0801 16  DG  A N2    
644 N N3    . DG  A 16 ? 0.2436 0.1595 0.2238 -0.0186 0.0422  -0.0501 16  DG  A N3    
645 C C4    . DG  A 16 ? 0.2427 0.1405 0.2240 0.0034  0.0145  -0.0511 16  DG  A C4    
657 P P     . DT  A 17 ? 0.5422 0.2868 0.4190 -0.0051 0.1608  -0.1118 17  DT  A P     
658 O OP1   . DT  A 17 ? 0.5943 0.3247 0.4055 -0.0088 0.1541  -0.1330 17  DT  A OP1   
659 O OP2   . DT  A 17 ? 0.5268 0.3949 0.4881 0.0309  0.1778  -0.0480 17  DT  A OP2   
660 O "O5'" . DT  A 17 ? 0.5905 0.2480 0.3952 -0.0243 0.1165  -0.1326 17  DT  A "O5'" 
661 C "C5'" . DT  A 17 ? 0.5968 0.2857 0.3986 -0.0053 0.0818  -0.1357 17  DT  A "C5'" 
662 C "C4'" . DT  A 17 ? 0.6008 0.2886 0.3992 0.0401  0.0728  -0.1607 17  DT  A "C4'" 
663 O "O4'" . DT  A 17 ? 0.5821 0.2640 0.3840 0.0309  0.0359  -0.1348 17  DT  A "O4'" 
664 C "C3'" . DT  A 17 ? 0.6260 0.3097 0.4124 0.0321  0.0552  -0.1598 17  DT  A "C3'" 
665 O "O3'" . DT  A 17 ? 0.6744 0.3416 0.4100 0.0572  0.0515  -0.1853 17  DT  A "O3'" 
666 C "C2'" . DT  A 17 ? 0.5999 0.2689 0.3949 0.0058  0.0393  -0.1591 17  DT  A "C2'" 
667 C "C1'" . DT  A 17 ? 0.5770 0.2276 0.4095 -0.0073 0.0180  -0.1301 17  DT  A "C1'" 
668 N N1    . DT  A 17 ? 0.5302 0.1731 0.4039 0.0078  -0.0309 -0.0938 17  DT  A N1    
669 C C2    . DT  A 17 ? 0.5419 0.2352 0.3779 -0.0242 -0.0444 -0.1069 17  DT  A C2    
670 O O2    . DT  A 17 ? 0.5692 0.3537 0.3851 -0.0732 -0.0313 -0.1211 17  DT  A O2    
671 N N3    . DT  A 17 ? 0.5293 0.2233 0.3779 0.0008  -0.0647 -0.0765 17  DT  A N3    
672 C C4    . DT  A 17 ? 0.5310 0.1849 0.3804 0.0199  -0.0613 -0.0580 17  DT  A C4    
673 O O4    . DT  A 17 ? 0.5383 0.2491 0.3951 0.0588  -0.0261 -0.0422 17  DT  A O4    
674 C C5    . DT  A 17 ? 0.5016 0.1684 0.3546 0.0001  -0.0700 -0.0857 17  DT  A C5    
675 C C7    . DT  A 17 ? 0.5106 0.1484 0.3953 -0.0097 -0.0391 -0.0664 17  DT  A C7    
676 C C6    . DT  A 17 ? 0.5034 0.1626 0.3636 0.0018  -0.0546 -0.0842 17  DT  A C6    
689 P P     . DT  A 18 ? 0.7171 0.3429 0.4587 0.0477  0.0796  -0.1846 18  DT  A P     
690 O OP1   . DT  A 18 ? 0.7281 0.3657 0.4394 0.0366  0.0504  -0.2085 18  DT  A OP1   
691 O OP2   . DT  A 18 ? 0.7230 0.3840 0.4820 0.0388  0.1112  -0.1807 18  DT  A OP2   
692 O "O5'" . DT  A 18 ? 0.7008 0.3270 0.4640 0.0595  0.0690  -0.1742 18  DT  A "O5'" 
693 C "C5'" . DT  A 18 ? 0.6628 0.3284 0.5002 0.0838  0.0651  -0.1543 18  DT  A "C5'" 
694 C "C4'" . DT  A 18 ? 0.6181 0.2797 0.4905 0.0681  0.0343  -0.1584 18  DT  A "C4'" 
695 O "O4'" . DT  A 18 ? 0.6118 0.2879 0.4849 0.0389  0.0139  -0.1644 18  DT  A "O4'" 
696 C "C3'" . DT  A 18 ? 0.5981 0.2759 0.4839 0.0418  0.0084  -0.1670 18  DT  A "C3'" 
697 O "O3'" . DT  A 18 ? 0.5798 0.2758 0.5018 0.0437  -0.0048 -0.1638 18  DT  A "O3'" 
698 C "C2'" . DT  A 18 ? 0.5930 0.2673 0.4826 -0.0120 -0.0236 -0.1672 18  DT  A "C2'" 
699 C "C1'" . DT  A 18 ? 0.5921 0.2570 0.5035 -0.0052 -0.0287 -0.1457 18  DT  A "C1'" 
700 N N1    . DT  A 18 ? 0.5561 0.2353 0.4762 -0.0007 -0.0871 -0.1517 18  DT  A N1    
701 C C2    . DT  A 18 ? 0.5467 0.2485 0.4851 -0.0007 -0.1014 -0.1596 18  DT  A C2    
702 O O2    . DT  A 18 ? 0.5631 0.3092 0.4804 0.0177  -0.0726 -0.1963 18  DT  A O2    
703 N N3    . DT  A 18 ? 0.5309 0.2419 0.4851 -0.0340 -0.0902 -0.1534 18  DT  A N3    
704 C C4    . DT  A 18 ? 0.5354 0.2609 0.4770 -0.0309 -0.1149 -0.1565 18  DT  A C4    
705 O O4    . DT  A 18 ? 0.5674 0.2639 0.5398 -0.0527 -0.0733 -0.1610 18  DT  A O4    
706 C C5    . DT  A 18 ? 0.5468 0.2612 0.4803 -0.0356 -0.1248 -0.1352 18  DT  A C5    
707 C C7    . DT  A 18 ? 0.5630 0.3063 0.5075 -0.0314 -0.1124 -0.0973 18  DT  A C7    
708 C C6    . DT  A 18 ? 0.5393 0.2291 0.4709 -0.0122 -0.1121 -0.1356 18  DT  A C6    
721 P P     . DA  A 19 ? 0.5630 0.3113 0.4943 -0.0141 -0.0004 -0.1741 19  DA  A P     
722 O OP1   . DA  A 19 ? 0.5522 0.4108 0.4937 -0.0537 -0.0396 -0.1726 19  DA  A OP1   
723 O OP2   . DA  A 19 ? 0.5633 0.3414 0.5051 -0.0137 0.0007  -0.1526 19  DA  A OP2   
724 O "O5'" . DA  A 19 ? 0.5330 0.2629 0.4781 0.0227  -0.0238 -0.0941 19  DA  A "O5'" 
725 C "C5'" . DA  A 19 ? 0.5077 0.2221 0.4583 0.0090  -0.0328 -0.0993 19  DA  A "C5'" 
726 C "C4'" . DA  A 19 ? 0.4694 0.1699 0.4323 -0.0009 -0.0526 -0.1045 19  DA  A "C4'" 
727 O "O4'" . DA  A 19 ? 0.4591 0.1678 0.4107 0.0056  -0.0707 -0.0711 19  DA  A "O4'" 
728 C "C3'" . DA  A 19 ? 0.4519 0.1865 0.4334 -0.0418 -0.0312 -0.1056 19  DA  A "C3'" 
729 O "O3'" . DA  A 19 ? 0.4120 0.2295 0.4309 -0.0407 -0.0629 -0.1116 19  DA  A "O3'" 
730 C "C2'" . DA  A 19 ? 0.4496 0.1995 0.3922 -0.0397 -0.0311 -0.1122 19  DA  A "C2'" 
731 C "C1'" . DA  A 19 ? 0.4464 0.1658 0.3928 0.0216  -0.0565 -0.0906 19  DA  A "C1'" 
732 N N9    . DA  A 19 ? 0.4497 0.1557 0.3671 0.0488  -0.0550 -0.0832 19  DA  A N9    
733 C C8    . DA  A 19 ? 0.4713 0.1914 0.3419 0.0337  -0.0502 -0.1177 19  DA  A C8    
734 N N7    . DA  A 19 ? 0.4689 0.2009 0.3596 0.0568  -0.0447 -0.1087 19  DA  A N7    
735 C C5    . DA  A 19 ? 0.4677 0.1459 0.3903 0.0488  -0.0753 -0.0529 19  DA  A C5    
736 C C6    . DA  A 19 ? 0.4817 0.2020 0.4074 0.0358  -0.0686 -0.0700 19  DA  A C6    
737 N N6    . DA  A 19 ? 0.4980 0.2001 0.4423 0.0260  -0.0684 -0.0730 19  DA  A N6    
738 N N1    . DA  A 19 ? 0.4824 0.1987 0.3816 0.0255  -0.0671 -0.0903 19  DA  A N1    
739 C C2    . DA  A 19 ? 0.4745 0.2432 0.3815 0.0357  -0.0645 -0.0791 19  DA  A C2    
740 N N3    . DA  A 19 ? 0.4678 0.2110 0.4008 0.0005  -0.0569 -0.0675 19  DA  A N3    
741 C C4    . DA  A 19 ? 0.4670 0.1667 0.3841 0.0447  -0.0505 -0.0704 19  DA  A C4    
753 P P     . DG  A 20 ? 0.4128 0.2112 0.4544 0.0392  0.0061  -0.0970 20  DG  A P     
754 O OP1   . DG  A 20 ? 0.4821 0.2408 0.4559 0.0362  0.0481  -0.0945 20  DG  A OP1   
755 O OP2   . DG  A 20 ? 0.4229 0.2307 0.5569 0.0948  0.0853  -0.0928 20  DG  A OP2   
756 O "O5'" . DG  A 20 ? 0.3687 0.1897 0.4492 0.0161  0.0301  -0.1088 20  DG  A "O5'" 
757 C "C5'" . DG  A 20 ? 0.2963 0.1612 0.3859 -0.0030 0.0413  -0.1157 20  DG  A "C5'" 
758 C "C4'" . DG  A 20 ? 0.2264 0.1555 0.3267 0.0158  0.0262  -0.0764 20  DG  A "C4'" 
759 O "O4'" . DG  A 20 ? 0.2249 0.1111 0.2763 0.0323  0.0166  -0.0565 20  DG  A "O4'" 
760 C "C3'" . DG  A 20 ? 0.2485 0.1903 0.3757 0.0547  0.0784  -0.0427 20  DG  A "C3'" 
761 O "O3'" . DG  A 20 ? 0.2255 0.1790 0.4891 0.0456  0.0594  -0.0092 20  DG  A "O3'" 
762 C "C2'" . DG  A 20 ? 0.2771 0.1530 0.3189 0.0361  0.1078  -0.0251 20  DG  A "C2'" 
763 C "C1'" . DG  A 20 ? 0.2155 0.1229 0.2349 0.0353  0.0123  -0.0596 20  DG  A "C1'" 
764 N N9    . DG  A 20 ? 0.1614 0.1351 0.1939 0.0279  -0.0138 -0.0341 20  DG  A N9    
765 C C8    . DG  A 20 ? 0.1683 0.1469 0.2109 -0.0176 0.0072  -0.0543 20  DG  A C8    
766 N N7    . DG  A 20 ? 0.1847 0.1060 0.2037 0.0185  0.0272  -0.0557 20  DG  A N7    
767 C C5    . DG  A 20 ? 0.1720 0.1225 0.1758 0.0107  0.0461  -0.0612 20  DG  A C5    
768 C C6    . DG  A 20 ? 0.1483 0.1269 0.1651 -0.0030 0.0069  -0.0449 20  DG  A C6    
769 O O6    . DG  A 20 ? 0.1656 0.0986 0.1848 -0.0009 0.0073  -0.0186 20  DG  A O6    
770 N N1    . DG  A 20 ? 0.1235 0.1244 0.1858 -0.0121 0.0113  -0.0363 20  DG  A N1    
771 C C2    . DG  A 20 ? 0.1356 0.1014 0.1875 -0.0104 0.0308  -0.0196 20  DG  A C2    
772 N N2    . DG  A 20 ? 0.1374 0.1316 0.1941 -0.0263 0.0212  -0.0226 20  DG  A N2    
773 N N3    . DG  A 20 ? 0.1561 0.1166 0.2234 0.0121  0.0189  -0.0289 20  DG  A N3    
774 C C4    . DG  A 20 ? 0.1508 0.1101 0.1930 0.0196  0.0418  -0.0286 20  DG  A C4    
786 P P     . DG  A 21 ? 0.3215 0.2682 0.4828 0.0138  0.1181  -0.0672 21  DG  A P     
787 O OP1   . DG  A 21 ? 0.2814 0.2888 0.4972 0.0684  0.0559  -0.0582 21  DG  A OP1   
788 O OP2   . DG  A 21 ? 0.3822 0.3670 0.4899 0.0398  0.1368  -0.1115 21  DG  A OP2   
789 O "O5'" . DG  A 21 ? 0.3058 0.2258 0.4917 0.0156  0.1521  -0.0215 21  DG  A "O5'" 
790 C "C5'" . DG  A 21 ? 0.2457 0.1788 0.4069 0.0012  0.0770  0.0071  21  DG  A "C5'" 
791 C "C4'" . DG  A 21 ? 0.2042 0.2234 0.3392 0.0197  0.0512  0.0055  21  DG  A "C4'" 
792 O "O4'" . DG  A 21 ? 0.1612 0.2511 0.2806 0.0161  0.0311  0.0457  21  DG  A "O4'" 
793 C "C3'" . DG  A 21 ? 0.2191 0.2345 0.3599 0.0464  0.0652  -0.0004 21  DG  A "C3'" 
794 O "O3'" . DG  A 21 ? 0.2139 0.2888 0.3852 0.0269  0.0986  0.0151  21  DG  A "O3'" 
795 C "C2'" . DG  A 21 ? 0.2148 0.2291 0.2826 0.0304  0.0722  -0.0109 21  DG  A "C2'" 
796 C "C1'" . DG  A 21 ? 0.1685 0.2020 0.2667 0.0354  0.0456  0.0014  21  DG  A "C1'" 
797 N N9    . DG  A 21 ? 0.1636 0.1620 0.1872 0.0220  0.0432  -0.0089 21  DG  A N9    
798 C C8    . DG  A 21 ? 0.1766 0.1576 0.2021 0.0048  0.0433  -0.0390 21  DG  A C8    
799 N N7    . DG  A 21 ? 0.1734 0.1359 0.1962 0.0225  0.0363  -0.0276 21  DG  A N7    
800 C C5    . DG  A 21 ? 0.1525 0.1535 0.1611 0.0040  0.0413  -0.0066 21  DG  A C5    
801 C C6    . DG  A 21 ? 0.1552 0.1465 0.1439 -0.0116 0.0328  -0.0329 21  DG  A C6    
802 O O6    . DG  A 21 ? 0.1490 0.1375 0.1760 -0.0178 0.0219  -0.0334 21  DG  A O6    
803 N N1    . DG  A 21 ? 0.1333 0.1727 0.1598 -0.0311 0.0183  -0.0510 21  DG  A N1    
804 C C2    . DG  A 21 ? 0.1506 0.1654 0.1592 -0.0099 0.0407  -0.0344 21  DG  A C2    
805 N N2    . DG  A 21 ? 0.1691 0.1595 0.2118 -0.0407 0.0463  -0.0448 21  DG  A N2    
806 N N3    . DG  A 21 ? 0.1507 0.1934 0.1793 0.0039  0.0369  -0.0323 21  DG  A N3    
807 C C4    . DG  A 21 ? 0.1394 0.1749 0.1570 0.0223  0.0229  -0.0098 21  DG  A C4    
819 P P     . DG  A 22 ? 0.3468 0.4438 0.3819 -0.0232 0.0907  0.0131  22  DG  A P     
820 O OP1   . DG  A 22 ? 0.3878 0.6236 0.4613 -0.0199 0.1591  -0.0412 22  DG  A OP1   
821 O OP2   . DG  A 22 ? 0.4548 0.4288 0.3047 -0.1343 0.1447  -0.0527 22  DG  A OP2   
822 O "O5'" . DG  A 22 ? 0.4355 0.4517 0.4073 -0.0762 0.1340  -0.0497 22  DG  A "O5'" 
823 C "C5'" . DG  A 22 ? 0.3969 0.4571 0.4094 -0.0434 0.1623  -0.0104 22  DG  A "C5'" 
824 C "C4'" . DG  A 22 ? 0.2748 0.4511 0.3064 -0.0807 0.0548  -0.0023 22  DG  A "C4'" 
825 O "O4'" . DG  A 22 ? 0.2308 0.4246 0.2190 -0.1173 0.0160  -0.0067 22  DG  A "O4'" 
826 C "C3'" . DG  A 22 ? 0.2149 0.4134 0.3039 -0.0639 0.0517  0.0115  22  DG  A "C3'" 
827 O "O3'" . DG  A 22 ? 0.2383 0.3840 0.3637 -0.1092 0.0454  0.0665  22  DG  A "O3'" 
828 C "C2'" . DG  A 22 ? 0.2502 0.3359 0.2617 -0.0200 0.0970  -0.0087 22  DG  A "C2'" 
829 C "C1'" . DG  A 22 ? 0.2094 0.2175 0.3053 0.0034  0.0782  -0.0317 22  DG  A "C1'" 
830 N N9    . DG  A 22 ? 0.1822 0.1920 0.3161 -0.0362 0.0731  -0.0592 22  DG  A N9    
831 C C8    . DG  A 22 ? 0.2015 0.1814 0.2629 -0.0568 0.0750  -0.0788 22  DG  A C8    
832 N N7    . DG  A 22 ? 0.1713 0.1576 0.2060 -0.0490 0.0548  -0.0560 22  DG  A N7    
833 C C5    . DG  A 22 ? 0.1775 0.1490 0.2069 -0.0502 0.0565  -0.0630 22  DG  A C5    
834 C C6    . DG  A 22 ? 0.1810 0.1361 0.2041 -0.0537 0.0504  -0.0464 22  DG  A C6    
835 O O6    . DG  A 22 ? 0.1894 0.1319 0.1825 -0.0365 0.0248  -0.0371 22  DG  A O6    
836 N N1    . DG  A 22 ? 0.1713 0.1490 0.2197 -0.0501 0.0228  -0.0354 22  DG  A N1    
837 C C2    . DG  A 22 ? 0.1774 0.1724 0.2266 -0.0309 0.0435  -0.0552 22  DG  A C2    
838 N N2    . DG  A 22 ? 0.2237 0.1702 0.2403 -0.0331 0.0801  -0.0586 22  DG  A N2    
839 N N3    . DG  A 22 ? 0.1713 0.1954 0.2830 -0.0353 0.0509  -0.0409 22  DG  A N3    
840 C C4    . DG  A 22 ? 0.1671 0.1922 0.2845 -0.0314 0.0636  -0.0539 22  DG  A C4    
853 K K     . K   B .  ? 0.1653 0.1276 0.1701 -0.0103 0.0184  -0.0337 101 K   A K     
854 K K     . K   C .  ? 0.1497 0.1073 0.1621 -0.0064 0.0149  -0.0283 102 K   A K     
855 K K     . K   D .  ? 0.1877 0.1025 0.1872 -0.0232 -0.0002 -0.0028 103 K   A K     
856 O O     . HOH E .  ? 0.3044 0.3733 1.0575 -0.0587 0.0308  0.0670  201 HOH A O     
858 O O     . HOH E .  ? 0.3537 0.7194 0.8880 -0.0135 -0.0917 0.1416  203 HOH A O     
859 O O     . HOH E .  ? 0.8432 0.3897 0.5769 -0.0188 0.0476  -0.1124 204 HOH A O     
860 O O     . HOH E .  ? 0.8313 0.4467 0.5690 0.2955  -0.1662 -0.1566 205 HOH A O     
861 O O     . HOH E .  ? 0.4188 0.4625 0.9359 0.0052  -0.0565 0.0453  206 HOH A O     
862 O O     . HOH E .  ? 0.7685 0.3586 0.7150 0.1094  -0.0597 -0.1736 207 HOH A O     
863 O O     . HOH E .  ? 0.4645 0.4729 1.0325 -0.0254 0.2710  0.1717  208 HOH A O     
864 O O     . HOH E .  ? 0.3427 0.3161 0.3400 -0.0002 -0.0001 -0.0085 209 HOH A O     
865 O O     . HOH E .  ? 0.8055 0.5164 0.3402 -0.2107 0.0422  -0.1551 210 HOH A O     
866 O O     . HOH E .  ? 0.5186 0.2310 0.5929 0.0885  -0.0321 0.0327  211 HOH A O     
867 O O     . HOH E .  ? 0.7814 0.3406 0.5673 0.1143  0.1277  0.0965  212 HOH A O     
868 O O     . HOH E .  ? 0.6818 0.5851 0.4989 0.0325  -0.0009 -0.0739 213 HOH A O     
870 O O     . HOH E .  ? 0.4730 0.3853 0.6766 -0.0099 -0.1406 0.0008  215 HOH A O     
871 O O     . HOH E .  ? 0.1881 0.2209 0.3565 -0.0404 0.0468  -0.0965 216 HOH A O     
873 O O     . HOH E .  ? 0.6152 0.6498 0.3963 0.1496  0.0238  -0.0080 218 HOH A O     
874 O O     . HOH E .  ? 0.4273 0.3890 0.6513 0.0218  0.0516  -0.0404 219 HOH A O     
875 O O     . HOH E .  ? 0.4238 0.5944 0.4111 0.0480  -0.1664 -0.0469 220 HOH A O     
877 O O     . HOH E .  ? 0.7885 0.5112 0.6127 -0.0660 0.1303  -0.3102 222 HOH A O     
878 O O     . HOH E .  ? 0.5291 0.2138 0.4441 0.0608  0.0002  -0.1421 223 HOH A O     
879 O O     . HOH E .  ? 0.6899 0.4129 0.5506 -0.1995 -0.0327 0.0097  224 HOH A O     
880 O O     . HOH E .  ? 0.3711 0.2581 0.4613 -0.0108 -0.1410 -0.1127 225 HOH A O     
881 O O     . HOH E .  ? 0.8663 0.2778 0.5777 -0.0090 -0.1675 -0.1084 226 HOH A O     
882 O O     . HOH E .  ? 0.4128 0.3156 0.6889 -0.0713 -0.0083 -0.0005 227 HOH A O     
883 O O     . HOH E .  ? 0.6503 0.3662 0.4467 0.1120  -0.0141 -0.1224 228 HOH A O     
884 O O     . HOH E .  ? 0.7413 0.2827 0.7372 0.0335  -0.0694 0.1012  229 HOH A O     
885 O O     . HOH E .  ? 0.4345 0.3996 0.4053 -0.1955 0.0080  -0.0904 230 HOH A O     
886 O O     . HOH E .  ? 0.8617 0.3854 0.6807 -0.0569 0.0861  -0.1468 231 HOH A O     
887 O O     . HOH E .  ? 0.3761 0.6690 0.6354 -0.0499 0.0764  -0.2145 232 HOH A O     
888 O O     . HOH E .  ? 0.4608 0.7114 0.5843 0.0880  0.0712  -0.2005 233 HOH A O     
889 O O     . HOH E .  ? 0.3612 0.6068 0.4128 0.1026  -0.0805 -0.0974 234 HOH A O     
890 O O     . HOH E .  ? 0.5912 0.7429 0.6341 0.0742  -0.1089 0.0818  235 HOH A O     
891 O O     . HOH E .  ? 0.3067 0.8498 0.4434 0.1933  0.0773  0.1077  236 HOH A O     
892 O O     . HOH E .  ? 0.5616 0.2347 0.3988 0.0486  0.0706  -0.0049 237 HOH A O     
893 O O     . HOH E .  ? 0.6814 0.4965 0.6211 0.0148  -0.1786 -0.2003 238 HOH A O     
894 O O     . HOH E .  ? 0.5813 0.4527 0.8434 0.0605  0.0790  -0.1191 239 HOH A O     
895 O O     . HOH E .  ? 0.7319 0.4784 0.7617 0.0310  -0.3025 -0.1852 240 HOH A O     
896 O O     . HOH E .  ? 0.7967 0.5399 0.7090 -0.0109 -0.0090 0.0222  241 HOH A O     
897 O O     . HOH E .  ? 0.2577 0.4307 0.7763 0.0556  -0.0938 0.1415  242 HOH A O     
898 O O     . HOH E .  ? 0.6399 0.4364 0.5525 0.2177  -0.0230 -0.0295 243 HOH A O     
899 O O     . HOH E .  ? 0.4275 0.7707 0.6607 0.1596  0.0846  -0.1263 244 HOH A O     
900 O O     . HOH E .  ? 0.8249 0.2105 0.3009 -0.0276 0.0192  0.0146  245 HOH A O     
901 O O     . HOH E .  ? 0.3527 0.1385 0.4079 0.0059  0.0659  -0.0326 246 HOH A O     
902 O O     . HOH E .  ? 0.5157 0.2107 0.3586 0.0090  0.0019  -0.0639 247 HOH A O     
903 O O     . HOH E .  ? 0.6597 0.6240 0.6922 -0.0516 0.1892  0.1293  248 HOH A O     
904 O O     . HOH E .  ? 0.4847 0.2610 0.3423 0.1266  0.0263  -0.1023 249 HOH A O     
905 O O     . HOH E .  ? 0.5142 0.3080 0.4437 -0.1100 -0.1590 -0.1050 250 HOH A O     
906 O O     . HOH E .  ? 0.2215 0.4427 0.8551 0.0209  0.0109  0.0995  251 HOH A O     
907 O O     . HOH E .  ? 0.3056 0.3848 0.3138 0.0007  0.0002  0.0255  252 HOH A O     
909 O O     . HOH E .  ? 0.9783 0.4162 0.4766 0.0897  -0.0323 0.0805  254 HOH A O     
910 O O     . HOH E .  ? 0.8524 0.3005 0.3816 -0.1795 0.0265  -0.0653 255 HOH A O     
911 O O     . HOH E .  ? 0.8434 0.3432 0.3989 -0.2265 0.0561  -0.0812 256 HOH A O     
913 O O     . HOH E .  ? 0.7800 0.2754 0.4121 0.0971  -0.0596 -0.1159 258 HOH A O     
914 O O     . HOH E .  ? 0.5253 0.3886 0.4904 -0.1829 0.0704  -0.1035 259 HOH A O     
915 O O     . HOH E .  ? 0.4996 0.3997 0.5329 -0.0082 0.0820  -0.0319 260 HOH A O     
917 O O     . HOH E .  ? 0.3543 0.5978 0.2893 -0.0232 0.0333  0.0362  262 HOH A O     
919 O O     . HOH E .  ? 0.2513 0.4933 0.4341 0.0106  -0.1185 -0.0787 264 HOH A O     
921 O O     . HOH E .  ? 0.4320 0.2989 0.3947 0.1409  0.0443  0.0389  266 HOH A O     
922 O O     . HOH E .  ? 0.4312 0.4858 1.0436 -0.0606 0.3099  -0.1184 267 HOH A O     
923 O O     . HOH E .  ? 0.3389 0.1299 0.3734 -0.0075 0.0171  -0.0875 268 HOH A O     
924 O O     . HOH E .  ? 0.2683 0.5744 0.6214 0.0957  0.0440  0.0790  269 HOH A O     
925 O O     . HOH E .  ? 0.4826 0.8226 0.3991 0.2855  0.0566  -0.1078 270 HOH A O     
926 O O     . HOH E .  ? 0.3636 1.0100 0.4487 0.2448  0.0164  0.1175  271 HOH A O     
928 O O     . HOH E .  ? 0.7122 0.8287 0.4545 0.1600  0.0146  -0.0021 273 HOH A O     
930 O O     . HOH E .  ? 0.6768 0.2466 0.7676 -0.0995 0.1368  -0.0698 275 HOH A O     
931 O O     . HOH E .  ? 0.8276 0.3125 0.4331 -0.1314 0.0062  -0.1236 276 HOH A O     
932 O O     . HOH E .  ? 0.4840 0.3692 0.8185 0.1364  -0.3328 -0.2204 277 HOH A O     
933 O O     . HOH E .  ? 0.5106 0.2916 0.3759 -0.1291 0.0683  -0.0982 278 HOH A O     
934 O O     . HOH E .  ? 0.6857 0.4850 0.3858 0.1720  -0.0527 -0.0998 279 HOH A O     
# 
loop_
_pdbx_poly_seq_scheme.asym_id 
_pdbx_poly_seq_scheme.entity_id 
_pdbx_poly_seq_scheme.seq_id 
_pdbx_poly_seq_scheme.mon_id 
_pdbx_poly_seq_scheme.ndb_seq_num 
_pdbx_poly_seq_scheme.pdb_seq_num 
_pdbx_poly_seq_scheme.auth_seq_num 
_pdbx_poly_seq_scheme.pdb_mon_id 
_pdbx_poly_seq_scheme.auth_mon_id 
_pdbx_poly_seq_scheme.pdb_strand_id 
_pdbx_poly_seq_scheme.pdb_ins_code 
_pdbx_poly_seq_scheme.hetero 
A 1 1  DA 1  1  1  DA DA A . n 
A 1 2  DG 2  2  2  DG DG A . n 
A 1 3  DG 3  3  3  DG DG A . n 
A 1 4  DG 4  4  4  DG DG A . n 
A 1 5  DT 5  5  5  DT DT A . n 
A 1 6  DT 6  6  6  DT DT A . n 
A 1 7  DA 7  7  7  DA DA A . n 
A 1 8  DG 8  8  8  DG DG A . n 
A 1 9  DG 9  9  9  DG DG A . n 
A 1 10 DG 10 10 10 DG DG A . n 
A 1 11 DT 11 11 11 DT DT A . n 
A 1 12 DT 12 12 12 DT DT A . n 
A 1 13 DA 13 13 13 DA DA A . n 
A 1 14 DG 14 14 14 DG DG A . n 
A 1 15 DG 15 15 15 DG DG A . n 
A 1 16 DG 16 16 16 DG DG A . n 
A 1 17 DT 17 17 17 DT DT A . n 
A 1 18 DT 18 18 18 DT DT A . n 
A 1 19 DA 19 19 19 DA DA A . n 
A 1 20 DG 20 20 20 DG DG A . n 
A 1 21 DG 21 21 21 DG DG A . n 
A 1 22 DG 22 22 22 DG DG A . n 
# 
loop_
_pdbx_nonpoly_scheme.asym_id 
_pdbx_nonpoly_scheme.entity_id 
_pdbx_nonpoly_scheme.mon_id 
_pdbx_nonpoly_scheme.ndb_seq_num 
_pdbx_nonpoly_scheme.pdb_seq_num 
_pdbx_nonpoly_scheme.auth_seq_num 
_pdbx_nonpoly_scheme.pdb_mon_id 
_pdbx_nonpoly_scheme.auth_mon_id 
_pdbx_nonpoly_scheme.pdb_strand_id 
_pdbx_nonpoly_scheme.pdb_ins_code 
B 2 K   1  101 24 K   K   A . 
C 2 K   1  102 25 K   K   A . 
D 2 K   1  103 26 K   K   A . 
E 3 HOH 1  201 24 HOH HOH A . 
E 3 HOH 2  202 72 HOH HOH A . 
E 3 HOH 3  203 28 HOH HOH A . 
E 3 HOH 4  204 38 HOH HOH A . 
E 3 HOH 5  205 46 HOH HOH A . 
E 3 HOH 6  206 50 HOH HOH A . 
E 3 HOH 7  207 47 HOH HOH A . 
E 3 HOH 8  208 51 HOH HOH A . 
E 3 HOH 9  209 58 HOH HOH A . 
E 3 HOH 10 210 30 HOH HOH A . 
E 3 HOH 11 211 29 HOH HOH A . 
E 3 HOH 12 212 27 HOH HOH A . 
E 3 HOH 13 213 65 HOH HOH A . 
E 3 HOH 14 214 77 HOH HOH A . 
E 3 HOH 15 215 33 HOH HOH A . 
E 3 HOH 16 216 3  HOH HOH A . 
E 3 HOH 17 217 78 HOH HOH A . 
E 3 HOH 18 218 62 HOH HOH A . 
E 3 HOH 19 219 31 HOH HOH A . 
E 3 HOH 20 220 37 HOH HOH A . 
E 3 HOH 21 221 71 HOH HOH A . 
E 3 HOH 22 222 41 HOH HOH A . 
E 3 HOH 23 223 9  HOH HOH A . 
E 3 HOH 24 224 35 HOH HOH A . 
E 3 HOH 25 225 11 HOH HOH A . 
E 3 HOH 26 226 45 HOH HOH A . 
E 3 HOH 27 227 43 HOH HOH A . 
E 3 HOH 28 228 14 HOH HOH A . 
E 3 HOH 29 229 48 HOH HOH A . 
E 3 HOH 30 230 59 HOH HOH A . 
E 3 HOH 31 231 57 HOH HOH A . 
E 3 HOH 32 232 39 HOH HOH A . 
E 3 HOH 33 233 61 HOH HOH A . 
E 3 HOH 34 234 10 HOH HOH A . 
E 3 HOH 35 235 66 HOH HOH A . 
E 3 HOH 36 236 25 HOH HOH A . 
E 3 HOH 37 237 15 HOH HOH A . 
E 3 HOH 38 238 34 HOH HOH A . 
E 3 HOH 39 239 63 HOH HOH A . 
E 3 HOH 40 240 49 HOH HOH A . 
E 3 HOH 41 241 68 HOH HOH A . 
E 3 HOH 42 242 20 HOH HOH A . 
E 3 HOH 43 243 60 HOH HOH A . 
E 3 HOH 44 244 36 HOH HOH A . 
E 3 HOH 45 245 12 HOH HOH A . 
E 3 HOH 46 246 4  HOH HOH A . 
E 3 HOH 47 247 19 HOH HOH A . 
E 3 HOH 48 248 67 HOH HOH A . 
E 3 HOH 49 249 16 HOH HOH A . 
E 3 HOH 50 250 6  HOH HOH A . 
E 3 HOH 51 251 32 HOH HOH A . 
E 3 HOH 52 252 2  HOH HOH A . 
E 3 HOH 53 253 74 HOH HOH A . 
E 3 HOH 54 254 55 HOH HOH A . 
E 3 HOH 55 255 23 HOH HOH A . 
E 3 HOH 56 256 5  HOH HOH A . 
E 3 HOH 57 257 79 HOH HOH A . 
E 3 HOH 58 258 13 HOH HOH A . 
E 3 HOH 59 259 18 HOH HOH A . 
E 3 HOH 60 260 64 HOH HOH A . 
E 3 HOH 61 261 70 HOH HOH A . 
E 3 HOH 62 262 17 HOH HOH A . 
E 3 HOH 63 263 73 HOH HOH A . 
E 3 HOH 64 264 8  HOH HOH A . 
E 3 HOH 65 265 69 HOH HOH A . 
E 3 HOH 66 266 7  HOH HOH A . 
E 3 HOH 67 267 26 HOH HOH A . 
E 3 HOH 68 268 1  HOH HOH A . 
E 3 HOH 69 269 52 HOH HOH A . 
E 3 HOH 70 270 21 HOH HOH A . 
E 3 HOH 71 271 40 HOH HOH A . 
E 3 HOH 72 272 76 HOH HOH A . 
E 3 HOH 73 273 56 HOH HOH A . 
E 3 HOH 74 274 75 HOH HOH A . 
E 3 HOH 75 275 53 HOH HOH A . 
E 3 HOH 76 276 42 HOH HOH A . 
E 3 HOH 77 277 44 HOH HOH A . 
E 3 HOH 78 278 22 HOH HOH A . 
E 3 HOH 79 279 54 HOH HOH A . 
# 
_pdbx_struct_assembly.id                   1 
_pdbx_struct_assembly.details              author_and_software_defined_assembly 
_pdbx_struct_assembly.method_details       PISA 
_pdbx_struct_assembly.oligomeric_details   monomeric 
_pdbx_struct_assembly.oligomeric_count     1 
# 
_pdbx_struct_assembly_gen.assembly_id       1 
_pdbx_struct_assembly_gen.oper_expression   1 
_pdbx_struct_assembly_gen.asym_id_list      A,B,C,D,E 
# 
loop_
_pdbx_struct_assembly_prop.biol_id 
_pdbx_struct_assembly_prop.type 
_pdbx_struct_assembly_prop.value 
_pdbx_struct_assembly_prop.details 
1 'ABSA (A^2)' 50   ? 
1 MORE         -0   ? 
1 'SSA (A^2)'  4570 ? 
# 
_pdbx_struct_oper_list.id                   1 
_pdbx_struct_oper_list.type                 'identity operation' 
_pdbx_struct_oper_list.name                 1_555 
_pdbx_struct_oper_list.symmetry_operation   x,y,z 
_pdbx_struct_oper_list.matrix[1][1]         1.0000000000 
_pdbx_struct_oper_list.matrix[1][2]         0.0000000000 
_pdbx_struct_oper_list.matrix[1][3]         0.0000000000 
_pdbx_struct_oper_list.vector[1]            0.0000000000 
_pdbx_struct_oper_list.matrix[2][1]         0.0000000000 
_pdbx_struct_oper_list.matrix[2][2]         1.0000000000 
_pdbx_struct_oper_list.matrix[2][3]         0.0000000000 
_pdbx_struct_oper_list.vector[2]            0.0000000000 
_pdbx_struct_oper_list.matrix[3][1]         0.0000000000 
_pdbx_struct_oper_list.matrix[3][2]         0.0000000000 
_pdbx_struct_oper_list.matrix[3][3]         1.0000000000 
_pdbx_struct_oper_list.vector[3]            0.0000000000 
# 
loop_
_pdbx_struct_special_symmetry.id 
_pdbx_struct_special_symmetry.PDB_model_num 
_pdbx_struct_special_symmetry.auth_asym_id 
_pdbx_struct_special_symmetry.auth_comp_id 
_pdbx_struct_special_symmetry.auth_seq_id 
_pdbx_struct_special_symmetry.PDB_ins_code 
_pdbx_struct_special_symmetry.label_asym_id 
_pdbx_struct_special_symmetry.label_comp_id 
_pdbx_struct_special_symmetry.label_seq_id 
1 1 A K   103 ? D K   . 
2 1 A HOH 209 ? E HOH . 
3 1 A HOH 252 ? E HOH . 
4 1 A HOH 268 ? E HOH . 
# 
loop_
_pdbx_struct_conn_angle.id 
_pdbx_struct_conn_angle.ptnr1_label_atom_id 
_pdbx_struct_conn_angle.ptnr1_label_alt_id 
_pdbx_struct_conn_angle.ptnr1_label_asym_id 
_pdbx_struct_conn_angle.ptnr1_label_comp_id 
_pdbx_struct_conn_angle.ptnr1_label_seq_id 
_pdbx_struct_conn_angle.ptnr1_auth_atom_id 
_pdbx_struct_conn_angle.ptnr1_auth_asym_id 
_pdbx_struct_conn_angle.ptnr1_auth_comp_id 
_pdbx_struct_conn_angle.ptnr1_auth_seq_id 
_pdbx_struct_conn_angle.ptnr1_PDB_ins_code 
_pdbx_struct_conn_angle.ptnr1_symmetry 
_pdbx_struct_conn_angle.ptnr2_label_atom_id 
_pdbx_struct_conn_angle.ptnr2_label_alt_id 
_pdbx_struct_conn_angle.ptnr2_label_asym_id 
_pdbx_struct_conn_angle.ptnr2_label_comp_id 
_pdbx_struct_conn_angle.ptnr2_label_seq_id 
_pdbx_struct_conn_angle.ptnr2_auth_atom_id 
_pdbx_struct_conn_angle.ptnr2_auth_asym_id 
_pdbx_struct_conn_angle.ptnr2_auth_comp_id 
_pdbx_struct_conn_angle.ptnr2_auth_seq_id 
_pdbx_struct_conn_angle.ptnr2_PDB_ins_code 
_pdbx_struct_conn_angle.ptnr2_symmetry 
_pdbx_struct_conn_angle.ptnr3_label_atom_id 
_pdbx_struct_conn_angle.ptnr3_label_alt_id 
_pdbx_struct_conn_angle.ptnr3_label_asym_id 
_pdbx_struct_conn_angle.ptnr3_label_comp_id 
_pdbx_struct_conn_angle.ptnr3_label_seq_id 
_pdbx_struct_conn_angle.ptnr3_auth_atom_id 
_pdbx_struct_conn_angle.ptnr3_auth_asym_id 
_pdbx_struct_conn_angle.ptnr3_auth_comp_id 
_pdbx_struct_conn_angle.ptnr3_auth_seq_id 
_pdbx_struct_conn_angle.ptnr3_PDB_ins_code 
_pdbx_struct_conn_angle.ptnr3_symmetry 
_pdbx_struct_conn_angle.value 
_pdbx_struct_conn_angle.value_esd 
1   O6 A A DG 2  ? A DG 2  ? 1_555 K ? C K . ? A K 102 ? 1_555 O6 B A DG 2  ? A DG 2  ? 1_555 7.2   ? 
2   O6 A A DG 2  ? A DG 2  ? 1_555 K ? C K . ? A K 102 ? 1_555 O6 A A DG 3  ? A DG 3  ? 1_555 67.1  ? 
3   O6 B A DG 2  ? A DG 2  ? 1_555 K ? C K . ? A K 102 ? 1_555 O6 A A DG 3  ? A DG 3  ? 1_555 72.4  ? 
4   O6 A A DG 2  ? A DG 2  ? 1_555 K ? C K . ? A K 102 ? 1_555 O6 B A DG 3  ? A DG 3  ? 1_555 74.0  ? 
5   O6 B A DG 2  ? A DG 2  ? 1_555 K ? C K . ? A K 102 ? 1_555 O6 B A DG 3  ? A DG 3  ? 1_555 79.5  ? 
6   O6 A A DG 3  ? A DG 3  ? 1_555 K ? C K . ? A K 102 ? 1_555 O6 B A DG 3  ? A DG 3  ? 1_555 7.4   ? 
7   O6 A A DG 2  ? A DG 2  ? 1_555 K ? C K . ? A K 102 ? 1_555 O6 ? A DG 8  ? A DG 8  ? 1_555 72.5  ? 
8   O6 B A DG 2  ? A DG 2  ? 1_555 K ? C K . ? A K 102 ? 1_555 O6 ? A DG 8  ? A DG 8  ? 1_555 67.3  ? 
9   O6 A A DG 3  ? A DG 3  ? 1_555 K ? C K . ? A K 102 ? 1_555 O6 ? A DG 8  ? A DG 8  ? 1_555 86.4  ? 
10  O6 B A DG 3  ? A DG 3  ? 1_555 K ? C K . ? A K 102 ? 1_555 O6 ? A DG 8  ? A DG 8  ? 1_555 91.0  ? 
11  O6 A A DG 2  ? A DG 2  ? 1_555 K ? C K . ? A K 102 ? 1_555 O6 ? A DG 9  ? A DG 9  ? 1_555 131.1 ? 
12  O6 B A DG 2  ? A DG 2  ? 1_555 K ? C K . ? A K 102 ? 1_555 O6 ? A DG 9  ? A DG 9  ? 1_555 131.5 ? 
13  O6 A A DG 3  ? A DG 3  ? 1_555 K ? C K . ? A K 102 ? 1_555 O6 ? A DG 9  ? A DG 9  ? 1_555 74.1  ? 
14  O6 B A DG 3  ? A DG 3  ? 1_555 K ? C K . ? A K 102 ? 1_555 O6 ? A DG 9  ? A DG 9  ? 1_555 69.7  ? 
15  O6 ? A DG 8  ? A DG 8  ? 1_555 K ? C K . ? A K 102 ? 1_555 O6 ? A DG 9  ? A DG 9  ? 1_555 76.6  ? 
16  O6 A A DG 2  ? A DG 2  ? 1_555 K ? C K . ? A K 102 ? 1_555 O6 A A DG 14 ? A DG 14 ? 1_555 113.8 ? 
17  O6 B A DG 2  ? A DG 2  ? 1_555 K ? C K . ? A K 102 ? 1_555 O6 A A DG 14 ? A DG 14 ? 1_555 106.8 ? 
18  O6 A A DG 3  ? A DG 3  ? 1_555 K ? C K . ? A K 102 ? 1_555 O6 A A DG 14 ? A DG 14 ? 1_555 154.8 ? 
19  O6 B A DG 3  ? A DG 3  ? 1_555 K ? C K . ? A K 102 ? 1_555 O6 A A DG 14 ? A DG 14 ? 1_555 155.5 ? 
20  O6 ? A DG 8  ? A DG 8  ? 1_555 K ? C K . ? A K 102 ? 1_555 O6 A A DG 14 ? A DG 14 ? 1_555 70.8  ? 
21  O6 ? A DG 9  ? A DG 9  ? 1_555 K ? C K . ? A K 102 ? 1_555 O6 A A DG 14 ? A DG 14 ? 1_555 89.7  ? 
22  O6 A A DG 2  ? A DG 2  ? 1_555 K ? C K . ? A K 102 ? 1_555 O6 B A DG 14 ? A DG 14 ? 1_555 107.6 ? 
23  O6 B A DG 2  ? A DG 2  ? 1_555 K ? C K . ? A K 102 ? 1_555 O6 B A DG 14 ? A DG 14 ? 1_555 100.7 ? 
24  O6 A A DG 3  ? A DG 3  ? 1_555 K ? C K . ? A K 102 ? 1_555 O6 B A DG 14 ? A DG 14 ? 1_555 152.9 ? 
25  O6 B A DG 3  ? A DG 3  ? 1_555 K ? C K . ? A K 102 ? 1_555 O6 B A DG 14 ? A DG 14 ? 1_555 155.4 ? 
26  O6 ? A DG 8  ? A DG 8  ? 1_555 K ? C K . ? A K 102 ? 1_555 O6 B A DG 14 ? A DG 14 ? 1_555 67.1  ? 
27  O6 ? A DG 9  ? A DG 9  ? 1_555 K ? C K . ? A K 102 ? 1_555 O6 B A DG 14 ? A DG 14 ? 1_555 93.5  ? 
28  O6 A A DG 14 ? A DG 14 ? 1_555 K ? C K . ? A K 102 ? 1_555 O6 B A DG 14 ? A DG 14 ? 1_555 6.2   ? 
29  O6 A A DG 2  ? A DG 2  ? 1_555 K ? C K . ? A K 102 ? 1_555 O6 ? A DG 15 ? A DG 15 ? 1_555 155.4 ? 
30  O6 B A DG 2  ? A DG 2  ? 1_555 K ? C K . ? A K 102 ? 1_555 O6 ? A DG 15 ? A DG 15 ? 1_555 157.9 ? 
31  O6 A A DG 3  ? A DG 3  ? 1_555 K ? C K . ? A K 102 ? 1_555 O6 ? A DG 15 ? A DG 15 ? 1_555 117.2 ? 
32  O6 B A DG 3  ? A DG 3  ? 1_555 K ? C K . ? A K 102 ? 1_555 O6 ? A DG 15 ? A DG 15 ? 1_555 109.9 ? 
33  O6 ? A DG 8  ? A DG 8  ? 1_555 K ? C K . ? A K 102 ? 1_555 O6 ? A DG 15 ? A DG 15 ? 1_555 130.4 ? 
34  O6 ? A DG 9  ? A DG 9  ? 1_555 K ? C K . ? A K 102 ? 1_555 O6 ? A DG 15 ? A DG 15 ? 1_555 70.2  ? 
35  O6 A A DG 14 ? A DG 14 ? 1_555 K ? C K . ? A K 102 ? 1_555 O6 ? A DG 15 ? A DG 15 ? 1_555 73.3  ? 
36  O6 B A DG 14 ? A DG 14 ? 1_555 K ? C K . ? A K 102 ? 1_555 O6 ? A DG 15 ? A DG 15 ? 1_555 79.2  ? 
37  O6 A A DG 2  ? A DG 2  ? 1_555 K ? C K . ? A K 102 ? 1_555 O6 ? A DG 20 ? A DG 20 ? 1_555 70.7  ? 
38  O6 B A DG 2  ? A DG 2  ? 1_555 K ? C K . ? A K 102 ? 1_555 O6 ? A DG 20 ? A DG 20 ? 1_555 68.8  ? 
39  O6 A A DG 3  ? A DG 3  ? 1_555 K ? C K . ? A K 102 ? 1_555 O6 ? A DG 20 ? A DG 20 ? 1_555 128.9 ? 
40  O6 B A DG 3  ? A DG 3  ? 1_555 K ? C K . ? A K 102 ? 1_555 O6 ? A DG 20 ? A DG 20 ? 1_555 132.5 ? 
41  O6 ? A DG 8  ? A DG 8  ? 1_555 K ? C K . ? A K 102 ? 1_555 O6 ? A DG 20 ? A DG 20 ? 1_555 107.3 ? 
42  O6 ? A DG 9  ? A DG 9  ? 1_555 K ? C K . ? A K 102 ? 1_555 O6 ? A DG 20 ? A DG 20 ? 1_555 156.3 ? 
43  O6 A A DG 14 ? A DG 14 ? 1_555 K ? C K . ? A K 102 ? 1_555 O6 ? A DG 20 ? A DG 20 ? 1_555 70.4  ? 
44  O6 B A DG 14 ? A DG 14 ? 1_555 K ? C K . ? A K 102 ? 1_555 O6 ? A DG 20 ? A DG 20 ? 1_555 67.9  ? 
45  O6 ? A DG 15 ? A DG 15 ? 1_555 K ? C K . ? A K 102 ? 1_555 O6 ? A DG 20 ? A DG 20 ? 1_555 91.2  ? 
46  O6 A A DG 2  ? A DG 2  ? 1_555 K ? C K . ? A K 102 ? 1_555 O6 ? A DG 21 ? A DG 21 ? 1_555 87.5  ? 
47  O6 B A DG 2  ? A DG 2  ? 1_555 K ? C K . ? A K 102 ? 1_555 O6 ? A DG 21 ? A DG 21 ? 1_555 93.8  ? 
48  O6 A A DG 3  ? A DG 3  ? 1_555 K ? C K . ? A K 102 ? 1_555 O6 ? A DG 21 ? A DG 21 ? 1_555 74.1  ? 
49  O6 B A DG 3  ? A DG 3  ? 1_555 K ? C K . ? A K 102 ? 1_555 O6 ? A DG 21 ? A DG 21 ? 1_555 71.1  ? 
50  O6 ? A DG 8  ? A DG 8  ? 1_555 K ? C K . ? A K 102 ? 1_555 O6 ? A DG 21 ? A DG 21 ? 1_555 156.4 ? 
51  O6 ? A DG 9  ? A DG 9  ? 1_555 K ? C K . ? A K 102 ? 1_555 O6 ? A DG 21 ? A DG 21 ? 1_555 109.7 ? 
52  O6 A A DG 14 ? A DG 14 ? 1_555 K ? C K . ? A K 102 ? 1_555 O6 ? A DG 21 ? A DG 21 ? 1_555 130.4 ? 
53  O6 B A DG 14 ? A DG 14 ? 1_555 K ? C K . ? A K 102 ? 1_555 O6 ? A DG 21 ? A DG 21 ? 1_555 132.9 ? 
54  O6 ? A DG 15 ? A DG 15 ? 1_555 K ? C K . ? A K 102 ? 1_555 O6 ? A DG 21 ? A DG 21 ? 1_555 71.7  ? 
55  O6 ? A DG 20 ? A DG 20 ? 1_555 K ? C K . ? A K 102 ? 1_555 O6 ? A DG 21 ? A DG 21 ? 1_555 76.5  ? 
56  O6 A A DG 2  ? A DG 2  ? 1_555 K ? D K . ? A K 103 ? 1_555 O6 B A DG 2  ? A DG 2  ? 1_555 5.7   ? 
57  O6 A A DG 2  ? A DG 2  ? 1_555 K ? D K . ? A K 103 ? 1_555 O6 A A DG 2  ? A DG 2  ? 1_555 0.0   ? 
58  O6 B A DG 2  ? A DG 2  ? 1_555 K ? D K . ? A K 103 ? 1_555 O6 A A DG 2  ? A DG 2  ? 1_555 5.7   ? 
59  O6 A A DG 2  ? A DG 2  ? 1_555 K ? D K . ? A K 103 ? 1_555 O6 B A DG 2  ? A DG 2  ? 1_555 5.7   ? 
60  O6 B A DG 2  ? A DG 2  ? 1_555 K ? D K . ? A K 103 ? 1_555 O6 B A DG 2  ? A DG 2  ? 1_555 0.0   ? 
61  O6 A A DG 2  ? A DG 2  ? 1_555 K ? D K . ? A K 103 ? 1_555 O6 B A DG 2  ? A DG 2  ? 1_555 5.7   ? 
62  O6 A A DG 2  ? A DG 2  ? 1_555 K ? D K . ? A K 103 ? 1_555 O6 ? A DG 8  ? A DG 8  ? 1_555 70.3  ? 
63  O6 B A DG 2  ? A DG 2  ? 1_555 K ? D K . ? A K 103 ? 1_555 O6 ? A DG 8  ? A DG 8  ? 1_555 71.3  ? 
64  O6 A A DG 2  ? A DG 2  ? 1_555 K ? D K . ? A K 103 ? 1_555 O6 ? A DG 8  ? A DG 8  ? 1_555 70.3  ? 
65  O6 B A DG 2  ? A DG 2  ? 1_555 K ? D K . ? A K 103 ? 1_555 O6 ? A DG 8  ? A DG 8  ? 1_555 71.3  ? 
66  O6 A A DG 2  ? A DG 2  ? 1_555 K ? D K . ? A K 103 ? 1_555 O6 ? A DG 8  ? A DG 8  ? 1_555 70.3  ? 
67  O6 B A DG 2  ? A DG 2  ? 1_555 K ? D K . ? A K 103 ? 1_555 O6 ? A DG 8  ? A DG 8  ? 1_555 71.3  ? 
68  O6 A A DG 2  ? A DG 2  ? 1_555 K ? D K . ? A K 103 ? 1_555 O6 ? A DG 8  ? A DG 8  ? 1_555 70.3  ? 
69  O6 B A DG 2  ? A DG 2  ? 1_555 K ? D K . ? A K 103 ? 1_555 O6 ? A DG 8  ? A DG 8  ? 1_555 71.3  ? 
70  O6 ? A DG 8  ? A DG 8  ? 1_555 K ? D K . ? A K 103 ? 1_555 O6 ? A DG 8  ? A DG 8  ? 1_555 0.0   ? 
71  O6 A A DG 2  ? A DG 2  ? 1_555 K ? D K . ? A K 103 ? 1_555 O6 A A DG 14 ? A DG 14 ? 1_555 102.6 ? 
72  O6 B A DG 2  ? A DG 2  ? 1_555 K ? D K . ? A K 103 ? 1_555 O6 A A DG 14 ? A DG 14 ? 1_555 107.9 ? 
73  O6 A A DG 2  ? A DG 2  ? 1_555 K ? D K . ? A K 103 ? 1_555 O6 A A DG 14 ? A DG 14 ? 1_555 102.6 ? 
74  O6 B A DG 2  ? A DG 2  ? 1_555 K ? D K . ? A K 103 ? 1_555 O6 A A DG 14 ? A DG 14 ? 1_555 107.9 ? 
75  O6 ? A DG 8  ? A DG 8  ? 1_555 K ? D K . ? A K 103 ? 1_555 O6 A A DG 14 ? A DG 14 ? 1_555 68.3  ? 
76  O6 ? A DG 8  ? A DG 8  ? 1_555 K ? D K . ? A K 103 ? 1_555 O6 A A DG 14 ? A DG 14 ? 1_555 68.3  ? 
77  O6 A A DG 2  ? A DG 2  ? 1_555 K ? D K . ? A K 103 ? 1_555 O6 B A DG 14 ? A DG 14 ? 1_555 110.4 ? 
78  O6 B A DG 2  ? A DG 2  ? 1_555 K ? D K . ? A K 103 ? 1_555 O6 B A DG 14 ? A DG 14 ? 1_555 115.8 ? 
79  O6 A A DG 2  ? A DG 2  ? 1_555 K ? D K . ? A K 103 ? 1_555 O6 B A DG 14 ? A DG 14 ? 1_555 110.4 ? 
80  O6 B A DG 2  ? A DG 2  ? 1_555 K ? D K . ? A K 103 ? 1_555 O6 B A DG 14 ? A DG 14 ? 1_555 115.8 ? 
81  O6 ? A DG 8  ? A DG 8  ? 1_555 K ? D K . ? A K 103 ? 1_555 O6 B A DG 14 ? A DG 14 ? 1_555 71.5  ? 
82  O6 ? A DG 8  ? A DG 8  ? 1_555 K ? D K . ? A K 103 ? 1_555 O6 B A DG 14 ? A DG 14 ? 1_555 71.5  ? 
83  O6 A A DG 14 ? A DG 14 ? 1_555 K ? D K . ? A K 103 ? 1_555 O6 B A DG 14 ? A DG 14 ? 1_555 7.9   ? 
84  O6 A A DG 2  ? A DG 2  ? 1_555 K ? D K . ? A K 103 ? 1_555 O6 A A DG 14 ? A DG 14 ? 1_555 102.6 ? 
85  O6 B A DG 2  ? A DG 2  ? 1_555 K ? D K . ? A K 103 ? 1_555 O6 A A DG 14 ? A DG 14 ? 1_555 107.9 ? 
86  O6 A A DG 2  ? A DG 2  ? 1_555 K ? D K . ? A K 103 ? 1_555 O6 A A DG 14 ? A DG 14 ? 1_555 102.6 ? 
87  O6 B A DG 2  ? A DG 2  ? 1_555 K ? D K . ? A K 103 ? 1_555 O6 A A DG 14 ? A DG 14 ? 1_555 107.9 ? 
88  O6 ? A DG 8  ? A DG 8  ? 1_555 K ? D K . ? A K 103 ? 1_555 O6 A A DG 14 ? A DG 14 ? 1_555 68.3  ? 
89  O6 ? A DG 8  ? A DG 8  ? 1_555 K ? D K . ? A K 103 ? 1_555 O6 A A DG 14 ? A DG 14 ? 1_555 68.3  ? 
90  O6 A A DG 14 ? A DG 14 ? 1_555 K ? D K . ? A K 103 ? 1_555 O6 A A DG 14 ? A DG 14 ? 1_555 0.0   ? 
91  O6 B A DG 14 ? A DG 14 ? 1_555 K ? D K . ? A K 103 ? 1_555 O6 A A DG 14 ? A DG 14 ? 1_555 7.9   ? 
92  O6 A A DG 2  ? A DG 2  ? 1_555 K ? D K . ? A K 103 ? 1_555 O6 B A DG 14 ? A DG 14 ? 1_555 110.4 ? 
93  O6 B A DG 2  ? A DG 2  ? 1_555 K ? D K . ? A K 103 ? 1_555 O6 B A DG 14 ? A DG 14 ? 1_555 115.8 ? 
94  O6 A A DG 2  ? A DG 2  ? 1_555 K ? D K . ? A K 103 ? 1_555 O6 B A DG 14 ? A DG 14 ? 1_555 110.4 ? 
95  O6 B A DG 2  ? A DG 2  ? 1_555 K ? D K . ? A K 103 ? 1_555 O6 B A DG 14 ? A DG 14 ? 1_555 115.8 ? 
96  O6 ? A DG 8  ? A DG 8  ? 1_555 K ? D K . ? A K 103 ? 1_555 O6 B A DG 14 ? A DG 14 ? 1_555 71.5  ? 
97  O6 ? A DG 8  ? A DG 8  ? 1_555 K ? D K . ? A K 103 ? 1_555 O6 B A DG 14 ? A DG 14 ? 1_555 71.5  ? 
98  O6 A A DG 14 ? A DG 14 ? 1_555 K ? D K . ? A K 103 ? 1_555 O6 B A DG 14 ? A DG 14 ? 1_555 7.9   ? 
99  O6 B A DG 14 ? A DG 14 ? 1_555 K ? D K . ? A K 103 ? 1_555 O6 B A DG 14 ? A DG 14 ? 1_555 0.0   ? 
100 O6 A A DG 14 ? A DG 14 ? 1_555 K ? D K . ? A K 103 ? 1_555 O6 B A DG 14 ? A DG 14 ? 1_555 7.9   ? 
101 O6 A A DG 2  ? A DG 2  ? 1_555 K ? D K . ? A K 103 ? 1_555 O6 ? A DG 20 ? A DG 20 ? 1_555 68.8  ? 
102 O6 B A DG 2  ? A DG 2  ? 1_555 K ? D K . ? A K 103 ? 1_555 O6 ? A DG 20 ? A DG 20 ? 1_555 73.2  ? 
103 O6 A A DG 2  ? A DG 2  ? 1_555 K ? D K . ? A K 103 ? 1_555 O6 ? A DG 20 ? A DG 20 ? 1_555 68.8  ? 
104 O6 B A DG 2  ? A DG 2  ? 1_555 K ? D K . ? A K 103 ? 1_555 O6 ? A DG 20 ? A DG 20 ? 1_555 73.2  ? 
105 O6 ? A DG 8  ? A DG 8  ? 1_555 K ? D K . ? A K 103 ? 1_555 O6 ? A DG 20 ? A DG 20 ? 1_555 109.5 ? 
106 O6 ? A DG 8  ? A DG 8  ? 1_555 K ? D K . ? A K 103 ? 1_555 O6 ? A DG 20 ? A DG 20 ? 1_555 109.5 ? 
107 O6 A A DG 14 ? A DG 14 ? 1_555 K ? D K . ? A K 103 ? 1_555 O6 ? A DG 20 ? A DG 20 ? 1_555 68.0  ? 
108 O6 B A DG 14 ? A DG 14 ? 1_555 K ? D K . ? A K 103 ? 1_555 O6 ? A DG 20 ? A DG 20 ? 1_555 72.6  ? 
109 O6 A A DG 14 ? A DG 14 ? 1_555 K ? D K . ? A K 103 ? 1_555 O6 ? A DG 20 ? A DG 20 ? 1_555 68.0  ? 
110 O6 B A DG 14 ? A DG 14 ? 1_555 K ? D K . ? A K 103 ? 1_555 O6 ? A DG 20 ? A DG 20 ? 1_555 72.6  ? 
111 O6 A A DG 2  ? A DG 2  ? 1_555 K ? D K . ? A K 103 ? 1_555 O6 ? A DG 20 ? A DG 20 ? 1_555 68.8  ? 
112 O6 B A DG 2  ? A DG 2  ? 1_555 K ? D K . ? A K 103 ? 1_555 O6 ? A DG 20 ? A DG 20 ? 1_555 73.2  ? 
113 O6 A A DG 2  ? A DG 2  ? 1_555 K ? D K . ? A K 103 ? 1_555 O6 ? A DG 20 ? A DG 20 ? 1_555 68.8  ? 
114 O6 B A DG 2  ? A DG 2  ? 1_555 K ? D K . ? A K 103 ? 1_555 O6 ? A DG 20 ? A DG 20 ? 1_555 73.2  ? 
115 O6 ? A DG 8  ? A DG 8  ? 1_555 K ? D K . ? A K 103 ? 1_555 O6 ? A DG 20 ? A DG 20 ? 1_555 109.5 ? 
116 O6 ? A DG 8  ? A DG 8  ? 1_555 K ? D K . ? A K 103 ? 1_555 O6 ? A DG 20 ? A DG 20 ? 1_555 109.5 ? 
117 O6 A A DG 14 ? A DG 14 ? 1_555 K ? D K . ? A K 103 ? 1_555 O6 ? A DG 20 ? A DG 20 ? 1_555 68.0  ? 
118 O6 B A DG 14 ? A DG 14 ? 1_555 K ? D K . ? A K 103 ? 1_555 O6 ? A DG 20 ? A DG 20 ? 1_555 72.6  ? 
119 O6 A A DG 14 ? A DG 14 ? 1_555 K ? D K . ? A K 103 ? 1_555 O6 ? A DG 20 ? A DG 20 ? 1_555 68.0  ? 
120 O6 B A DG 14 ? A DG 14 ? 1_555 K ? D K . ? A K 103 ? 1_555 O6 ? A DG 20 ? A DG 20 ? 1_555 72.6  ? 
121 O6 ? A DG 20 ? A DG 20 ? 1_555 K ? D K . ? A K 103 ? 1_555 O6 ? A DG 20 ? A DG 20 ? 1_555 0.0   ? 
122 O6 A A DG 3  ? A DG 3  ? 1_555 K ? B K . ? A K 101 ? 1_555 O6 B A DG 3  ? A DG 3  ? 1_555 3.2   ? 
123 O6 A A DG 3  ? A DG 3  ? 1_555 K ? B K . ? A K 101 ? 1_555 O6 ? A DG 4  ? A DG 4  ? 1_555 74.3  ? 
124 O6 B A DG 3  ? A DG 3  ? 1_555 K ? B K . ? A K 101 ? 1_555 O6 ? A DG 4  ? A DG 4  ? 1_555 71.1  ? 
125 O6 A A DG 3  ? A DG 3  ? 1_555 K ? B K . ? A K 101 ? 1_555 O6 ? A DG 9  ? A DG 9  ? 1_555 64.8  ? 
126 O6 B A DG 3  ? A DG 3  ? 1_555 K ? B K . ? A K 101 ? 1_555 O6 ? A DG 9  ? A DG 9  ? 1_555 65.7  ? 
127 O6 ? A DG 4  ? A DG 4  ? 1_555 K ? B K . ? A K 101 ? 1_555 O6 ? A DG 9  ? A DG 9  ? 1_555 89.8  ? 
128 O6 A A DG 3  ? A DG 3  ? 1_555 K ? B K . ? A K 101 ? 1_555 O6 ? A DG 10 ? A DG 10 ? 1_555 128.9 ? 
129 O6 B A DG 3  ? A DG 3  ? 1_555 K ? B K . ? A K 101 ? 1_555 O6 ? A DG 10 ? A DG 10 ? 1_555 127.7 ? 
130 O6 ? A DG 4  ? A DG 4  ? 1_555 K ? B K . ? A K 101 ? 1_555 O6 ? A DG 10 ? A DG 10 ? 1_555 77.7  ? 
131 O6 ? A DG 9  ? A DG 9  ? 1_555 K ? B K . ? A K 101 ? 1_555 O6 ? A DG 10 ? A DG 10 ? 1_555 73.4  ? 
132 O6 A A DG 3  ? A DG 3  ? 1_555 K ? B K . ? A K 101 ? 1_555 O6 ? A DG 15 ? A DG 15 ? 1_555 97.5  ? 
133 O6 B A DG 3  ? A DG 3  ? 1_555 K ? B K . ? A K 101 ? 1_555 O6 ? A DG 15 ? A DG 15 ? 1_555 100.5 ? 
134 O6 ? A DG 4  ? A DG 4  ? 1_555 K ? B K . ? A K 101 ? 1_555 O6 ? A DG 15 ? A DG 15 ? 1_555 154.2 ? 
135 O6 ? A DG 9  ? A DG 9  ? 1_555 K ? B K . ? A K 101 ? 1_555 O6 ? A DG 15 ? A DG 15 ? 1_555 64.9  ? 
136 O6 ? A DG 10 ? A DG 10 ? 1_555 K ? B K . ? A K 101 ? 1_555 O6 ? A DG 15 ? A DG 15 ? 1_555 89.8  ? 
137 O6 A A DG 3  ? A DG 3  ? 1_555 K ? B K . ? A K 101 ? 1_555 O6 ? A DG 16 ? A DG 16 ? 1_555 153.1 ? 
138 O6 B A DG 3  ? A DG 3  ? 1_555 K ? B K . ? A K 101 ? 1_555 O6 ? A DG 16 ? A DG 16 ? 1_555 155.2 ? 
139 O6 ? A DG 4  ? A DG 4  ? 1_555 K ? B K . ? A K 101 ? 1_555 O6 ? A DG 16 ? A DG 16 ? 1_555 125.6 ? 
140 O6 ? A DG 9  ? A DG 9  ? 1_555 K ? B K . ? A K 101 ? 1_555 O6 ? A DG 16 ? A DG 16 ? 1_555 126.3 ? 
141 O6 ? A DG 10 ? A DG 10 ? 1_555 K ? B K . ? A K 101 ? 1_555 O6 ? A DG 16 ? A DG 16 ? 1_555 76.7  ? 
142 O6 ? A DG 15 ? A DG 15 ? 1_555 K ? B K . ? A K 101 ? 1_555 O6 ? A DG 16 ? A DG 16 ? 1_555 71.6  ? 
143 O6 A A DG 3  ? A DG 3  ? 1_555 K ? B K . ? A K 101 ? 1_555 O6 ? A DG 21 ? A DG 21 ? 1_555 65.0  ? 
144 O6 B A DG 3  ? A DG 3  ? 1_555 K ? B K . ? A K 101 ? 1_555 O6 ? A DG 21 ? A DG 21 ? 1_555 67.3  ? 
145 O6 ? A DG 4  ? A DG 4  ? 1_555 K ? B K . ? A K 101 ? 1_555 O6 ? A DG 21 ? A DG 21 ? 1_555 127.1 ? 
146 O6 ? A DG 9  ? A DG 9  ? 1_555 K ? B K . ? A K 101 ? 1_555 O6 ? A DG 21 ? A DG 21 ? 1_555 101.3 ? 
147 O6 ? A DG 10 ? A DG 10 ? 1_555 K ? B K . ? A K 101 ? 1_555 O6 ? A DG 21 ? A DG 21 ? 1_555 155.0 ? 
148 O6 ? A DG 15 ? A DG 15 ? 1_555 K ? B K . ? A K 101 ? 1_555 O6 ? A DG 21 ? A DG 21 ? 1_555 66.4  ? 
149 O6 ? A DG 16 ? A DG 16 ? 1_555 K ? B K . ? A K 101 ? 1_555 O6 ? A DG 21 ? A DG 21 ? 1_555 88.2  ? 
150 O6 A A DG 3  ? A DG 3  ? 1_555 K ? B K . ? A K 101 ? 1_555 O6 ? A DG 22 ? A DG 22 ? 1_555 90.4  ? 
151 O6 B A DG 3  ? A DG 3  ? 1_555 K ? B K . ? A K 101 ? 1_555 O6 ? A DG 22 ? A DG 22 ? 1_555 89.2  ? 
152 O6 ? A DG 4  ? A DG 4  ? 1_555 K ? B K . ? A K 101 ? 1_555 O6 ? A DG 22 ? A DG 22 ? 1_555 77.4  ? 
153 O6 ? A DG 9  ? A DG 9  ? 1_555 K ? B K . ? A K 101 ? 1_555 O6 ? A DG 22 ? A DG 22 ? 1_555 154.6 ? 
154 O6 ? A DG 10 ? A DG 10 ? 1_555 K ? B K . ? A K 101 ? 1_555 O6 ? A DG 22 ? A DG 22 ? 1_555 123.8 ? 
155 O6 ? A DG 15 ? A DG 15 ? 1_555 K ? B K . ? A K 101 ? 1_555 O6 ? A DG 22 ? A DG 22 ? 1_555 127.7 ? 
156 O6 ? A DG 16 ? A DG 16 ? 1_555 K ? B K . ? A K 101 ? 1_555 O6 ? A DG 22 ? A DG 22 ? 1_555 78.4  ? 
157 O6 ? A DG 21 ? A DG 21 ? 1_555 K ? B K . ? A K 101 ? 1_555 O6 ? A DG 22 ? A DG 22 ? 1_555 70.8  ? 
# 
loop_
_pdbx_audit_revision_history.ordinal 
_pdbx_audit_revision_history.data_content_type 
_pdbx_audit_revision_history.major_revision 
_pdbx_audit_revision_history.minor_revision 
_pdbx_audit_revision_history.revision_date 
1 'Structure model' 1 0 2019-05-15 
2 'Structure model' 1 1 2019-06-05 
3 'Structure model' 1 2 2019-07-24 
4 'Structure model' 1 3 2023-11-22 
# 
_pdbx_audit_revision_details.ordinal             1 
_pdbx_audit_revision_details.revision_ordinal    1 
_pdbx_audit_revision_details.data_content_type   'Structure model' 
_pdbx_audit_revision_details.provider            repository 
_pdbx_audit_revision_details.type                'Initial release' 
_pdbx_audit_revision_details.description         ? 
_pdbx_audit_revision_details.details             ? 
# 
loop_
_pdbx_audit_revision_group.ordinal 
_pdbx_audit_revision_group.revision_ordinal 
_pdbx_audit_revision_group.data_content_type 
_pdbx_audit_revision_group.group 
1 2 'Structure model' 'Data collection'        
2 2 'Structure model' 'Database references'    
3 3 'Structure model' 'Data collection'        
4 3 'Structure model' 'Database references'    
5 4 'Structure model' 'Data collection'        
6 4 'Structure model' 'Database references'    
7 4 'Structure model' 'Derived calculations'   
8 4 'Structure model' 'Refinement description' 
# 
loop_
_pdbx_audit_revision_category.ordinal 
_pdbx_audit_revision_category.revision_ordinal 
_pdbx_audit_revision_category.data_content_type 
_pdbx_audit_revision_category.category 
1  2 'Structure model' citation                      
2  2 'Structure model' citation_author               
3  3 'Structure model' citation                      
4  3 'Structure model' citation_author               
5  4 'Structure model' chem_comp_atom                
6  4 'Structure model' chem_comp_bond                
7  4 'Structure model' database_2                    
8  4 'Structure model' pdbx_initial_refinement_model 
9  4 'Structure model' pdbx_struct_conn_angle        
10 4 'Structure model' struct_conn                   
# 
loop_
_pdbx_audit_revision_item.ordinal 
_pdbx_audit_revision_item.revision_ordinal 
_pdbx_audit_revision_item.data_content_type 
_pdbx_audit_revision_item.item 
1  2 'Structure model' '_citation.pdbx_database_id_DOI'             
2  2 'Structure model' '_citation.pdbx_database_id_PubMed'          
3  3 'Structure model' '_citation.journal_volume'                   
4  3 'Structure model' '_citation.page_first'                       
5  3 'Structure model' '_citation.page_last'                        
6  3 'Structure model' '_citation_author.name'                      
7  4 'Structure model' '_database_2.pdbx_DOI'                       
8  4 'Structure model' '_database_2.pdbx_database_accession'        
9  4 'Structure model' '_pdbx_struct_conn_angle.ptnr1_auth_seq_id'  
10 4 'Structure model' '_pdbx_struct_conn_angle.ptnr1_label_alt_id' 
11 4 'Structure model' '_pdbx_struct_conn_angle.ptnr1_label_seq_id' 
12 4 'Structure model' '_pdbx_struct_conn_angle.ptnr3_auth_seq_id'  
13 4 'Structure model' '_pdbx_struct_conn_angle.ptnr3_label_alt_id' 
14 4 'Structure model' '_pdbx_struct_conn_angle.ptnr3_label_seq_id' 
15 4 'Structure model' '_pdbx_struct_conn_angle.value'              
16 4 'Structure model' '_struct_conn.pdbx_dist_value'               
17 4 'Structure model' '_struct_conn.pdbx_ptnr1_label_alt_id'       
18 4 'Structure model' '_struct_conn.ptnr1_auth_seq_id'             
19 4 'Structure model' '_struct_conn.ptnr1_label_seq_id'            
20 4 'Structure model' '_struct_conn.ptnr2_auth_seq_id'             
21 4 'Structure model' '_struct_conn.ptnr2_label_asym_id'           
22 4 'Structure model' '_struct_conn.ptnr2_symmetry'                
# 
loop_
_software.citation_id 
_software.classification 
_software.compiler_name 
_software.compiler_version 
_software.contact_author 
_software.contact_author_email 
_software.date 
_software.description 
_software.dependencies 
_software.hardware 
_software.language 
_software.location 
_software.mods 
_software.name 
_software.os 
_software.os_version 
_software.type 
_software.version 
_software.pdbx_ordinal 
? refinement       ? ? ? ? ? ? ? ? ? ? ? PHENIX  ? ? ? '(1.10.1_2155: ???)' 1 
? 'data reduction' ? ? ? ? ? ? ? ? ? ? ? MOSFLM  ? ? ? .                    2 
? 'data scaling'   ? ? ? ? ? ? ? ? ? ? ? Aimless ? ? ? .                    3 
? phasing          ? ? ? ? ? ? ? ? ? ? ? MOLREP  ? ? ? .                    4 
# 
loop_
_pdbx_validate_rmsd_angle.id 
_pdbx_validate_rmsd_angle.PDB_model_num 
_pdbx_validate_rmsd_angle.auth_atom_id_1 
_pdbx_validate_rmsd_angle.auth_asym_id_1 
_pdbx_validate_rmsd_angle.auth_comp_id_1 
_pdbx_validate_rmsd_angle.auth_seq_id_1 
_pdbx_validate_rmsd_angle.PDB_ins_code_1 
_pdbx_validate_rmsd_angle.label_alt_id_1 
_pdbx_validate_rmsd_angle.auth_atom_id_2 
_pdbx_validate_rmsd_angle.auth_asym_id_2 
_pdbx_validate_rmsd_angle.auth_comp_id_2 
_pdbx_validate_rmsd_angle.auth_seq_id_2 
_pdbx_validate_rmsd_angle.PDB_ins_code_2 
_pdbx_validate_rmsd_angle.label_alt_id_2 
_pdbx_validate_rmsd_angle.auth_atom_id_3 
_pdbx_validate_rmsd_angle.auth_asym_id_3 
_pdbx_validate_rmsd_angle.auth_comp_id_3 
_pdbx_validate_rmsd_angle.auth_seq_id_3 
_pdbx_validate_rmsd_angle.PDB_ins_code_3 
_pdbx_validate_rmsd_angle.label_alt_id_3 
_pdbx_validate_rmsd_angle.angle_value 
_pdbx_validate_rmsd_angle.angle_target_value 
_pdbx_validate_rmsd_angle.angle_deviation 
_pdbx_validate_rmsd_angle.angle_standard_deviation 
_pdbx_validate_rmsd_angle.linker_flag 
1 1 "C3'" A DA 13 ? B "C2'" A DA 13 ? B "C1'" A DA 13 ? B 96.59  102.40 -5.81 0.80 N 
2 1 "O4'" A DA 13 ? B "C1'" A DA 13 ? B N9    A DA 13 ? B 110.66 108.30 2.36  0.30 N 
# 
loop_
_chem_comp_atom.comp_id 
_chem_comp_atom.atom_id 
_chem_comp_atom.type_symbol 
_chem_comp_atom.pdbx_aromatic_flag 
_chem_comp_atom.pdbx_stereo_config 
_chem_comp_atom.pdbx_ordinal 
DA  OP3    O N N 1   
DA  P      P N N 2   
DA  OP1    O N N 3   
DA  OP2    O N N 4   
DA  "O5'"  O N N 5   
DA  "C5'"  C N N 6   
DA  "C4'"  C N R 7   
DA  "O4'"  O N N 8   
DA  "C3'"  C N S 9   
DA  "O3'"  O N N 10  
DA  "C2'"  C N N 11  
DA  "C1'"  C N R 12  
DA  N9     N Y N 13  
DA  C8     C Y N 14  
DA  N7     N Y N 15  
DA  C5     C Y N 16  
DA  C6     C Y N 17  
DA  N6     N N N 18  
DA  N1     N Y N 19  
DA  C2     C Y N 20  
DA  N3     N Y N 21  
DA  C4     C Y N 22  
DA  HOP3   H N N 23  
DA  HOP2   H N N 24  
DA  "H5'"  H N N 25  
DA  "H5''" H N N 26  
DA  "H4'"  H N N 27  
DA  "H3'"  H N N 28  
DA  "HO3'" H N N 29  
DA  "H2'"  H N N 30  
DA  "H2''" H N N 31  
DA  "H1'"  H N N 32  
DA  H8     H N N 33  
DA  H61    H N N 34  
DA  H62    H N N 35  
DA  H2     H N N 36  
DG  OP3    O N N 37  
DG  P      P N N 38  
DG  OP1    O N N 39  
DG  OP2    O N N 40  
DG  "O5'"  O N N 41  
DG  "C5'"  C N N 42  
DG  "C4'"  C N R 43  
DG  "O4'"  O N N 44  
DG  "C3'"  C N S 45  
DG  "O3'"  O N N 46  
DG  "C2'"  C N N 47  
DG  "C1'"  C N R 48  
DG  N9     N Y N 49  
DG  C8     C Y N 50  
DG  N7     N Y N 51  
DG  C5     C Y N 52  
DG  C6     C N N 53  
DG  O6     O N N 54  
DG  N1     N N N 55  
DG  C2     C N N 56  
DG  N2     N N N 57  
DG  N3     N N N 58  
DG  C4     C Y N 59  
DG  HOP3   H N N 60  
DG  HOP2   H N N 61  
DG  "H5'"  H N N 62  
DG  "H5''" H N N 63  
DG  "H4'"  H N N 64  
DG  "H3'"  H N N 65  
DG  "HO3'" H N N 66  
DG  "H2'"  H N N 67  
DG  "H2''" H N N 68  
DG  "H1'"  H N N 69  
DG  H8     H N N 70  
DG  H1     H N N 71  
DG  H21    H N N 72  
DG  H22    H N N 73  
DT  OP3    O N N 74  
DT  P      P N N 75  
DT  OP1    O N N 76  
DT  OP2    O N N 77  
DT  "O5'"  O N N 78  
DT  "C5'"  C N N 79  
DT  "C4'"  C N R 80  
DT  "O4'"  O N N 81  
DT  "C3'"  C N S 82  
DT  "O3'"  O N N 83  
DT  "C2'"  C N N 84  
DT  "C1'"  C N R 85  
DT  N1     N N N 86  
DT  C2     C N N 87  
DT  O2     O N N 88  
DT  N3     N N N 89  
DT  C4     C N N 90  
DT  O4     O N N 91  
DT  C5     C N N 92  
DT  C7     C N N 93  
DT  C6     C N N 94  
DT  HOP3   H N N 95  
DT  HOP2   H N N 96  
DT  "H5'"  H N N 97  
DT  "H5''" H N N 98  
DT  "H4'"  H N N 99  
DT  "H3'"  H N N 100 
DT  "HO3'" H N N 101 
DT  "H2'"  H N N 102 
DT  "H2''" H N N 103 
DT  "H1'"  H N N 104 
DT  H3     H N N 105 
DT  H71    H N N 106 
DT  H72    H N N 107 
DT  H73    H N N 108 
DT  H6     H N N 109 
HOH O      O N N 110 
HOH H1     H N N 111 
HOH H2     H N N 112 
K   K      K N N 113 
# 
loop_
_chem_comp_bond.comp_id 
_chem_comp_bond.atom_id_1 
_chem_comp_bond.atom_id_2 
_chem_comp_bond.value_order 
_chem_comp_bond.pdbx_aromatic_flag 
_chem_comp_bond.pdbx_stereo_config 
_chem_comp_bond.pdbx_ordinal 
DA  OP3   P      sing N N 1   
DA  OP3   HOP3   sing N N 2   
DA  P     OP1    doub N N 3   
DA  P     OP2    sing N N 4   
DA  P     "O5'"  sing N N 5   
DA  OP2   HOP2   sing N N 6   
DA  "O5'" "C5'"  sing N N 7   
DA  "C5'" "C4'"  sing N N 8   
DA  "C5'" "H5'"  sing N N 9   
DA  "C5'" "H5''" sing N N 10  
DA  "C4'" "O4'"  sing N N 11  
DA  "C4'" "C3'"  sing N N 12  
DA  "C4'" "H4'"  sing N N 13  
DA  "O4'" "C1'"  sing N N 14  
DA  "C3'" "O3'"  sing N N 15  
DA  "C3'" "C2'"  sing N N 16  
DA  "C3'" "H3'"  sing N N 17  
DA  "O3'" "HO3'" sing N N 18  
DA  "C2'" "C1'"  sing N N 19  
DA  "C2'" "H2'"  sing N N 20  
DA  "C2'" "H2''" sing N N 21  
DA  "C1'" N9     sing N N 22  
DA  "C1'" "H1'"  sing N N 23  
DA  N9    C8     sing Y N 24  
DA  N9    C4     sing Y N 25  
DA  C8    N7     doub Y N 26  
DA  C8    H8     sing N N 27  
DA  N7    C5     sing Y N 28  
DA  C5    C6     sing Y N 29  
DA  C5    C4     doub Y N 30  
DA  C6    N6     sing N N 31  
DA  C6    N1     doub Y N 32  
DA  N6    H61    sing N N 33  
DA  N6    H62    sing N N 34  
DA  N1    C2     sing Y N 35  
DA  C2    N3     doub Y N 36  
DA  C2    H2     sing N N 37  
DA  N3    C4     sing Y N 38  
DG  OP3   P      sing N N 39  
DG  OP3   HOP3   sing N N 40  
DG  P     OP1    doub N N 41  
DG  P     OP2    sing N N 42  
DG  P     "O5'"  sing N N 43  
DG  OP2   HOP2   sing N N 44  
DG  "O5'" "C5'"  sing N N 45  
DG  "C5'" "C4'"  sing N N 46  
DG  "C5'" "H5'"  sing N N 47  
DG  "C5'" "H5''" sing N N 48  
DG  "C4'" "O4'"  sing N N 49  
DG  "C4'" "C3'"  sing N N 50  
DG  "C4'" "H4'"  sing N N 51  
DG  "O4'" "C1'"  sing N N 52  
DG  "C3'" "O3'"  sing N N 53  
DG  "C3'" "C2'"  sing N N 54  
DG  "C3'" "H3'"  sing N N 55  
DG  "O3'" "HO3'" sing N N 56  
DG  "C2'" "C1'"  sing N N 57  
DG  "C2'" "H2'"  sing N N 58  
DG  "C2'" "H2''" sing N N 59  
DG  "C1'" N9     sing N N 60  
DG  "C1'" "H1'"  sing N N 61  
DG  N9    C8     sing Y N 62  
DG  N9    C4     sing Y N 63  
DG  C8    N7     doub Y N 64  
DG  C8    H8     sing N N 65  
DG  N7    C5     sing Y N 66  
DG  C5    C6     sing N N 67  
DG  C5    C4     doub Y N 68  
DG  C6    O6     doub N N 69  
DG  C6    N1     sing N N 70  
DG  N1    C2     sing N N 71  
DG  N1    H1     sing N N 72  
DG  C2    N2     sing N N 73  
DG  C2    N3     doub N N 74  
DG  N2    H21    sing N N 75  
DG  N2    H22    sing N N 76  
DG  N3    C4     sing N N 77  
DT  OP3   P      sing N N 78  
DT  OP3   HOP3   sing N N 79  
DT  P     OP1    doub N N 80  
DT  P     OP2    sing N N 81  
DT  P     "O5'"  sing N N 82  
DT  OP2   HOP2   sing N N 83  
DT  "O5'" "C5'"  sing N N 84  
DT  "C5'" "C4'"  sing N N 85  
DT  "C5'" "H5'"  sing N N 86  
DT  "C5'" "H5''" sing N N 87  
DT  "C4'" "O4'"  sing N N 88  
DT  "C4'" "C3'"  sing N N 89  
DT  "C4'" "H4'"  sing N N 90  
DT  "O4'" "C1'"  sing N N 91  
DT  "C3'" "O3'"  sing N N 92  
DT  "C3'" "C2'"  sing N N 93  
DT  "C3'" "H3'"  sing N N 94  
DT  "O3'" "HO3'" sing N N 95  
DT  "C2'" "C1'"  sing N N 96  
DT  "C2'" "H2'"  sing N N 97  
DT  "C2'" "H2''" sing N N 98  
DT  "C1'" N1     sing N N 99  
DT  "C1'" "H1'"  sing N N 100 
DT  N1    C2     sing N N 101 
DT  N1    C6     sing N N 102 
DT  C2    O2     doub N N 103 
DT  C2    N3     sing N N 104 
DT  N3    C4     sing N N 105 
DT  N3    H3     sing N N 106 
DT  C4    O4     doub N N 107 
DT  C4    C5     sing N N 108 
DT  C5    C7     sing N N 109 
DT  C5    C6     doub N N 110 
DT  C7    H71    sing N N 111 
DT  C7    H72    sing N N 112 
DT  C7    H73    sing N N 113 
DT  C6    H6     sing N N 114 
HOH O     H1     sing N N 115 
HOH O     H2     sing N N 116 
# 
loop_
_ndb_struct_conf_na.entry_id 
_ndb_struct_conf_na.feature 
6IP3 'double helix'    
6IP3 'quadruple helix' 
# 
loop_
_ndb_struct_na_base_pair.model_number 
_ndb_struct_na_base_pair.i_label_asym_id 
_ndb_struct_na_base_pair.i_label_comp_id 
_ndb_struct_na_base_pair.i_label_seq_id 
_ndb_struct_na_base_pair.i_symmetry 
_ndb_struct_na_base_pair.j_label_asym_id 
_ndb_struct_na_base_pair.j_label_comp_id 
_ndb_struct_na_base_pair.j_label_seq_id 
_ndb_struct_na_base_pair.j_symmetry 
_ndb_struct_na_base_pair.shear 
_ndb_struct_na_base_pair.stretch 
_ndb_struct_na_base_pair.stagger 
_ndb_struct_na_base_pair.buckle 
_ndb_struct_na_base_pair.propeller 
_ndb_struct_na_base_pair.opening 
_ndb_struct_na_base_pair.pair_number 
_ndb_struct_na_base_pair.pair_name 
_ndb_struct_na_base_pair.i_auth_asym_id 
_ndb_struct_na_base_pair.i_auth_seq_id 
_ndb_struct_na_base_pair.i_PDB_ins_code 
_ndb_struct_na_base_pair.j_auth_asym_id 
_ndb_struct_na_base_pair.j_auth_seq_id 
_ndb_struct_na_base_pair.j_PDB_ins_code 
_ndb_struct_na_base_pair.hbond_type_28 
_ndb_struct_na_base_pair.hbond_type_12 
1 A DG 14 1_555 A DG 20 1_555 1.548  3.404  0.091  -1.534 -2.954  -89.964 1 A_DG14:DG20_A A 14 ? A 20 ? 6 3 
1 A DG 15 1_555 A DG 9  1_555 -1.509 -3.493 0.213  -9.884 8.405   89.464  2 A_DG15:DG9_A  A 15 ? A 9  ? 6 3 
1 A DG 21 1_555 A DG 3  1_555 1.614  3.449  0.156  7.193  -12.199 -88.554 3 A_DG21:DG3_A  A 21 ? A 3  ? 6 3 
1 A DG 16 1_555 A DG 22 1_555 1.787  3.410  -0.171 11.859 -9.944  -88.266 4 A_DG16:DG22_A A 16 ? A 22 ? 6 3 
# 
loop_
_ndb_struct_na_base_pair_step.model_number 
_ndb_struct_na_base_pair_step.i_label_asym_id_1 
_ndb_struct_na_base_pair_step.i_label_comp_id_1 
_ndb_struct_na_base_pair_step.i_label_seq_id_1 
_ndb_struct_na_base_pair_step.i_symmetry_1 
_ndb_struct_na_base_pair_step.j_label_asym_id_1 
_ndb_struct_na_base_pair_step.j_label_comp_id_1 
_ndb_struct_na_base_pair_step.j_label_seq_id_1 
_ndb_struct_na_base_pair_step.j_symmetry_1 
_ndb_struct_na_base_pair_step.i_label_asym_id_2 
_ndb_struct_na_base_pair_step.i_label_comp_id_2 
_ndb_struct_na_base_pair_step.i_label_seq_id_2 
_ndb_struct_na_base_pair_step.i_symmetry_2 
_ndb_struct_na_base_pair_step.j_label_asym_id_2 
_ndb_struct_na_base_pair_step.j_label_comp_id_2 
_ndb_struct_na_base_pair_step.j_label_seq_id_2 
_ndb_struct_na_base_pair_step.j_symmetry_2 
_ndb_struct_na_base_pair_step.shift 
_ndb_struct_na_base_pair_step.slide 
_ndb_struct_na_base_pair_step.rise 
_ndb_struct_na_base_pair_step.tilt 
_ndb_struct_na_base_pair_step.roll 
_ndb_struct_na_base_pair_step.twist 
_ndb_struct_na_base_pair_step.x_displacement 
_ndb_struct_na_base_pair_step.y_displacement 
_ndb_struct_na_base_pair_step.helical_rise 
_ndb_struct_na_base_pair_step.inclination 
_ndb_struct_na_base_pair_step.tip 
_ndb_struct_na_base_pair_step.helical_twist 
_ndb_struct_na_base_pair_step.step_number 
_ndb_struct_na_base_pair_step.step_name 
_ndb_struct_na_base_pair_step.i_auth_asym_id_1 
_ndb_struct_na_base_pair_step.i_auth_seq_id_1 
_ndb_struct_na_base_pair_step.i_PDB_ins_code_1 
_ndb_struct_na_base_pair_step.j_auth_asym_id_1 
_ndb_struct_na_base_pair_step.j_auth_seq_id_1 
_ndb_struct_na_base_pair_step.j_PDB_ins_code_1 
_ndb_struct_na_base_pair_step.i_auth_asym_id_2 
_ndb_struct_na_base_pair_step.i_auth_seq_id_2 
_ndb_struct_na_base_pair_step.i_PDB_ins_code_2 
_ndb_struct_na_base_pair_step.j_auth_asym_id_2 
_ndb_struct_na_base_pair_step.j_auth_seq_id_2 
_ndb_struct_na_base_pair_step.j_PDB_ins_code_2 
1 A DG 14 1_555 A DG 20 1_555 A DG 15 1_555 A DG 9 1_555 0.812 2.004 3.089  5.050 0.057  -61.981  -1.944 1.003 3.019  -0.056 4.895 
-62.166  1 AA_DG14DG15:DG9DG20_AA A 14 ? A 20 ? A 15 ? A 9 ? 
1 A DG 15 1_555 A DG 9  1_555 A DG 21 1_555 A DG 3 1_555 1.547 3.539 -0.018 6.016 -4.603 -179.642 -1.769 0.774 -0.018 2.302  3.008 
-179.643 2 AA_DG15DG21:DG3DG9_AA  A 15 ? A 9  ? A 21 ? A 3 ? 
# 
_pdbx_audit_support.funding_organization   'Wellcome Trust' 
_pdbx_audit_support.country                India 
_pdbx_audit_support.grant_number           IA/S/16/1/502360 
_pdbx_audit_support.ordinal                1 
# 
loop_
_pdbx_entity_nonpoly.entity_id 
_pdbx_entity_nonpoly.name 
_pdbx_entity_nonpoly.comp_id 
2 'POTASSIUM ION' K   
3 water           HOH 
# 
_pdbx_initial_refinement_model.id               1 
_pdbx_initial_refinement_model.entity_id_list   ? 
_pdbx_initial_refinement_model.type             'experimental model' 
_pdbx_initial_refinement_model.source_name      PDB 
_pdbx_initial_refinement_model.accession_code   1KF1 
_pdbx_initial_refinement_model.details          ? 
# 
_pdbx_struct_assembly_auth_evidence.id                     1 
_pdbx_struct_assembly_auth_evidence.assembly_id            1 
_pdbx_struct_assembly_auth_evidence.experimental_support   none 
_pdbx_struct_assembly_auth_evidence.details                ? 
# 
